data_6DWJ
#
_entry.id   6DWJ
#
_cell.length_a   86.862
_cell.length_b   146.724
_cell.length_c   99.594
_cell.angle_alpha   90.00
_cell.angle_beta   114.45
_cell.angle_gamma   90.00
#
_symmetry.space_group_name_H-M   'P 1 21 1'
#
loop_
_entity.id
_entity.type
_entity.pdbx_description
1 polymer 'Deoxynucleoside triphosphate triphosphohydrolase SAMHD1'
2 non-polymer 9-{5-O-[(S)-hydroxy{[(R)-hydroxy(phosphonooxy)phosphoryl]oxy}phosphoryl]-beta-D-arabinofuranosyl}-9H-purin-6-amine
3 non-polymer "GUANOSINE-5'-TRIPHOSPHATE"
4 non-polymer "2'-DEOXYADENOSINE 5'-TRIPHOSPHATE"
5 non-polymer 'MAGNESIUM ION'
6 non-polymer 'SODIUM ION'
7 non-polymer GLYCINE
8 non-polymer 'PHOSPHATE ION'
9 water water
#
_entity_poly.entity_id   1
_entity_poly.type   'polypeptide(L)'
_entity_poly.pdbx_seq_one_letter_code
;MGSSHHHHHHSSGLVPRGSHMASMTGGQQMGRDPNSDTMKVINDPIHGHIELHPLLVRIIDTPQFQRLRYIKQLGGGYYV
FPGASHNRFEHSLGVGYLAGCLVHALGEKQPELQISERDVLCVQIAGLCRNLGHGPFSHMFDGRFIPLARPEVKWTHEQG
SVMMFEHLINSNGIKPVMEQYGLIPEEDICFIKEQIVGPLESPVEDSLWPYKGRPENKSFLYEIVSNKRNGIDVDKWDYF
ARDCHHLGIQNNFDYKRFIKFARVCEVDNELRICARDKEVGNLYDMFHTRNSLHRRAYQHKVGNIIDTMITDAFLKADDY
IEITGAGGKKYRISTAIDDMEAYTKLTDNIFLEILYSTDPKLKDAREILKQIEYRNLFKYVGETQPTGQIKIKREDYESL
PKEVASAKPKVLLDVKLKAEDFIVDVINMDYGMQEKNPIDHVSFYCKTAPNRAIRITKNQVSQLLPEKFAEQLIRVYCKK
VDRKSLYAARQYFVQWCADRNFTKPQDGDVIAPLITPQKKEWNDSTSVQNPTRLREASKSRVQLFKDDPM
;
_entity_poly.pdbx_strand_id   D,C,B,A
#
# COMPACT_ATOMS: atom_id res chain seq x y z
N ASP A 37 -33.28 4.33 -11.50
CA ASP A 37 -32.92 5.28 -10.41
C ASP A 37 -31.42 5.32 -10.18
N THR A 38 -30.98 5.37 -8.92
CA THR A 38 -29.61 5.43 -8.58
C THR A 38 -29.04 4.07 -8.16
N MET A 39 -27.99 3.60 -8.78
CA MET A 39 -27.01 2.70 -8.12
C MET A 39 -26.07 3.80 -7.75
N LYS A 40 -25.98 4.14 -6.46
CA LYS A 40 -24.95 5.15 -6.11
C LYS A 40 -23.61 4.43 -6.01
N VAL A 41 -22.54 5.15 -6.38
CA VAL A 41 -21.19 4.69 -6.22
C VAL A 41 -20.53 5.41 -5.05
N ILE A 42 -19.87 4.67 -4.18
CA ILE A 42 -19.21 5.25 -3.02
C ILE A 42 -17.73 4.82 -3.08
N ASN A 43 -16.80 5.77 -2.95
CA ASN A 43 -15.41 5.40 -2.88
C ASN A 43 -14.96 5.19 -1.47
N ASP A 44 -14.55 3.96 -1.15
CA ASP A 44 -14.12 3.56 0.18
C ASP A 44 -12.60 3.26 0.14
N PRO A 45 -11.82 3.75 1.08
CA PRO A 45 -10.38 3.51 0.97
C PRO A 45 -9.99 2.06 1.12
N ILE A 46 -10.78 1.24 1.79
CA ILE A 46 -10.45 -0.17 1.87
C ILE A 46 -10.91 -0.92 0.64
N HIS A 47 -12.17 -0.71 0.21
CA HIS A 47 -12.74 -1.53 -0.83
C HIS A 47 -12.80 -0.86 -2.23
N GLY A 48 -12.43 0.39 -2.30
CA GLY A 48 -12.53 1.10 -3.53
C GLY A 48 -13.95 1.48 -3.81
N HIS A 49 -14.33 1.36 -5.04
CA HIS A 49 -15.64 1.84 -5.56
C HIS A 49 -16.72 0.79 -5.36
N ILE A 50 -17.68 1.10 -4.47
CA ILE A 50 -18.70 0.21 -4.05
C ILE A 50 -20.02 0.72 -4.67
N GLU A 51 -20.78 -0.21 -5.18
CA GLU A 51 -22.15 0.10 -5.69
C GLU A 51 -23.18 -0.12 -4.65
N LEU A 52 -24.04 0.87 -4.42
CA LEU A 52 -25.15 0.76 -3.45
C LEU A 52 -26.48 0.82 -4.17
N HIS A 53 -27.25 -0.24 -4.05
CA HIS A 53 -28.63 -0.33 -4.50
C HIS A 53 -29.48 0.81 -3.86
N PRO A 54 -30.45 1.33 -4.62
CA PRO A 54 -31.25 2.44 -4.10
C PRO A 54 -31.98 2.16 -2.77
N LEU A 55 -32.37 0.93 -2.55
CA LEU A 55 -32.95 0.59 -1.25
C LEU A 55 -31.95 0.74 -0.15
N LEU A 56 -30.70 0.37 -0.40
CA LEU A 56 -29.63 0.57 0.62
C LEU A 56 -29.43 2.03 0.89
N VAL A 57 -29.48 2.85 -0.15
CA VAL A 57 -29.34 4.30 -0.01
C VAL A 57 -30.44 4.87 0.90
N ARG A 58 -31.67 4.40 0.70
CA ARG A 58 -32.80 4.88 1.50
C ARG A 58 -32.60 4.57 2.98
N ILE A 59 -32.07 3.39 3.26
CA ILE A 59 -31.77 2.97 4.63
C ILE A 59 -30.66 3.80 5.24
N ILE A 60 -29.63 4.04 4.43
CA ILE A 60 -28.46 4.81 4.88
C ILE A 60 -28.80 6.27 5.18
N ASP A 61 -29.66 6.88 4.35
CA ASP A 61 -29.99 8.28 4.52
C ASP A 61 -31.11 8.48 5.55
N THR A 62 -30.81 8.12 6.77
CA THR A 62 -31.73 8.26 7.89
C THR A 62 -30.96 8.66 9.12
N PRO A 63 -31.58 9.37 10.07
CA PRO A 63 -30.87 9.72 11.32
C PRO A 63 -30.40 8.51 12.10
N GLN A 64 -31.07 7.39 12.02
CA GLN A 64 -30.69 6.18 12.74
C GLN A 64 -29.39 5.57 12.18
N PHE A 65 -29.18 5.67 10.86
CA PHE A 65 -27.96 5.14 10.27
C PHE A 65 -26.84 6.17 10.29
N GLN A 66 -27.14 7.43 9.99
CA GLN A 66 -26.16 8.50 9.97
C GLN A 66 -25.51 8.78 11.34
N ARG A 67 -26.24 8.41 12.37
CA ARG A 67 -25.76 8.38 13.75
C ARG A 67 -24.39 7.70 13.91
N LEU A 68 -24.17 6.65 13.11
CA LEU A 68 -22.91 5.89 13.18
C LEU A 68 -21.67 6.69 12.73
N ARG A 69 -21.90 7.83 12.10
CA ARG A 69 -20.79 8.74 11.80
C ARG A 69 -20.18 9.32 13.07
N TYR A 70 -20.92 9.29 14.17
CA TYR A 70 -20.46 9.96 15.40
C TYR A 70 -20.06 8.98 16.50
N ILE A 71 -19.78 7.76 16.10
CA ILE A 71 -19.34 6.71 17.05
C ILE A 71 -18.05 6.08 16.54
N LYS A 72 -16.96 6.28 17.27
CA LYS A 72 -15.66 5.76 16.88
C LYS A 72 -15.61 4.28 16.96
N GLN A 73 -15.09 3.64 15.90
CA GLN A 73 -14.94 2.20 15.84
C GLN A 73 -14.20 1.65 17.04
N LEU A 74 -13.07 2.28 17.36
CA LEU A 74 -12.14 1.73 18.38
C LEU A 74 -12.20 2.48 19.72
N GLY A 75 -13.18 3.37 19.90
CA GLY A 75 -13.35 4.13 21.12
C GLY A 75 -12.12 4.83 21.62
N GLY A 76 -11.69 4.46 22.82
CA GLY A 76 -10.47 5.02 23.42
C GLY A 76 -9.20 4.73 22.69
N GLY A 77 -9.21 3.74 21.81
CA GLY A 77 -8.06 3.40 20.94
C GLY A 77 -7.51 4.58 20.16
N TYR A 78 -8.38 5.51 19.76
CA TYR A 78 -7.97 6.71 19.05
C TYR A 78 -6.95 7.52 19.86
N TYR A 79 -7.10 7.47 21.19
CA TYR A 79 -6.25 8.21 22.10
C TYR A 79 -4.87 7.57 22.28
N VAL A 80 -4.66 6.39 21.66
CA VAL A 80 -3.38 5.71 21.63
C VAL A 80 -2.84 5.58 20.21
N PHE A 81 -3.71 5.31 19.25
CA PHE A 81 -3.36 5.18 17.83
C PHE A 81 -4.07 6.36 17.11
N PRO A 82 -3.35 7.40 16.76
CA PRO A 82 -3.98 8.58 16.22
C PRO A 82 -4.54 8.37 14.82
N GLY A 83 -4.15 7.31 14.12
CA GLY A 83 -4.80 7.00 12.86
C GLY A 83 -6.21 6.49 13.00
N ALA A 84 -6.58 5.96 14.16
CA ALA A 84 -7.88 5.31 14.37
C ALA A 84 -8.99 6.31 14.67
N SER A 85 -9.20 7.22 13.73
CA SER A 85 -10.27 8.20 13.75
C SER A 85 -11.58 7.64 13.10
N HIS A 86 -11.53 6.46 12.55
CA HIS A 86 -12.66 5.92 11.84
C HIS A 86 -13.88 5.57 12.69
N ASN A 87 -15.06 5.73 12.11
CA ASN A 87 -16.32 5.53 12.77
C ASN A 87 -17.09 4.31 12.29
N ARG A 88 -18.14 3.95 13.05
CA ARG A 88 -18.94 2.78 12.73
C ARG A 88 -19.63 2.88 11.38
N PHE A 89 -19.88 4.10 10.91
CA PHE A 89 -20.58 4.32 9.65
C PHE A 89 -19.85 3.65 8.45
N GLU A 90 -18.59 3.98 8.25
CA GLU A 90 -17.81 3.49 7.15
C GLU A 90 -17.55 1.96 7.29
N HIS A 91 -17.38 1.49 8.53
CA HIS A 91 -17.28 0.05 8.75
C HIS A 91 -18.58 -0.64 8.30
N SER A 92 -19.73 -0.04 8.61
CA SER A 92 -21.01 -0.62 8.23
C SER A 92 -21.15 -0.73 6.70
N LEU A 93 -20.74 0.31 5.97
CA LEU A 93 -20.79 0.23 4.52
C LEU A 93 -19.94 -0.93 4.00
N GLY A 94 -18.77 -1.12 4.60
CA GLY A 94 -17.87 -2.18 4.20
C GLY A 94 -18.44 -3.56 4.48
N VAL A 95 -19.11 -3.72 5.63
CA VAL A 95 -19.71 -5.00 5.98
C VAL A 95 -20.83 -5.34 4.98
N GLY A 96 -21.67 -4.35 4.65
CA GLY A 96 -22.73 -4.55 3.69
C GLY A 96 -22.17 -4.91 2.30
N TYR A 97 -21.10 -4.23 1.92
CA TYR A 97 -20.44 -4.55 0.66
C TYR A 97 -19.90 -5.98 0.62
N LEU A 98 -19.15 -6.39 1.65
CA LEU A 98 -18.58 -7.72 1.65
C LEU A 98 -19.65 -8.81 1.74
N ALA A 99 -20.71 -8.56 2.51
CA ALA A 99 -21.83 -9.51 2.57
C ALA A 99 -22.36 -9.76 1.14
N GLY A 100 -22.55 -8.67 0.38
CA GLY A 100 -22.96 -8.75 -1.00
C GLY A 100 -21.98 -9.52 -1.89
N CYS A 101 -20.67 -9.24 -1.73
CA CYS A 101 -19.65 -9.97 -2.47
C CYS A 101 -19.71 -11.46 -2.26
N LEU A 102 -19.83 -11.89 -1.02
CA LEU A 102 -19.78 -13.31 -0.71
C LEU A 102 -21.03 -13.98 -1.26
N VAL A 103 -22.24 -13.44 -0.99
CA VAL A 103 -23.43 -14.09 -1.47
C VAL A 103 -23.46 -14.12 -3.03
N HIS A 104 -23.09 -13.04 -3.71
CA HIS A 104 -22.93 -13.06 -5.17
C HIS A 104 -21.96 -14.16 -5.65
N ALA A 105 -20.77 -14.25 -5.06
CA ALA A 105 -19.80 -15.22 -5.50
C ALA A 105 -20.34 -16.65 -5.39
N LEU A 106 -21.00 -16.94 -4.26
CA LEU A 106 -21.58 -18.27 -4.07
C LEU A 106 -22.60 -18.57 -5.13
N GLY A 107 -23.44 -17.58 -5.43
CA GLY A 107 -24.53 -17.72 -6.43
C GLY A 107 -23.99 -17.92 -7.81
N GLU A 108 -22.92 -17.21 -8.17
CA GLU A 108 -22.32 -17.38 -9.50
C GLU A 108 -21.68 -18.74 -9.69
N LYS A 109 -20.96 -19.24 -8.68
CA LYS A 109 -20.34 -20.56 -8.73
C LYS A 109 -21.37 -21.71 -8.66
N GLN A 110 -22.45 -21.54 -7.87
CA GLN A 110 -23.41 -22.57 -7.67
C GLN A 110 -24.85 -22.07 -7.91
N PRO A 111 -25.23 -21.94 -9.21
CA PRO A 111 -26.60 -21.56 -9.55
C PRO A 111 -27.64 -22.47 -8.92
N GLU A 112 -27.25 -23.70 -8.63
CA GLU A 112 -28.18 -24.66 -8.02
C GLU A 112 -28.64 -24.27 -6.59
N LEU A 113 -27.98 -23.33 -5.98
CA LEU A 113 -28.40 -22.86 -4.68
C LEU A 113 -29.65 -22.00 -4.76
N GLN A 114 -29.96 -21.49 -5.95
CA GLN A 114 -31.11 -20.59 -6.13
C GLN A 114 -31.08 -19.32 -5.29
N ILE A 115 -29.92 -18.75 -5.07
CA ILE A 115 -29.85 -17.42 -4.44
C ILE A 115 -30.52 -16.40 -5.34
N SER A 116 -31.56 -15.69 -4.88
CA SER A 116 -32.16 -14.63 -5.63
C SER A 116 -31.59 -13.24 -5.29
N GLU A 117 -31.90 -12.28 -6.16
CA GLU A 117 -31.53 -10.89 -5.94
C GLU A 117 -32.16 -10.39 -4.61
N ARG A 118 -33.34 -10.88 -4.29
CA ARG A 118 -33.96 -10.60 -3.05
C ARG A 118 -33.12 -11.12 -1.87
N ASP A 119 -32.53 -12.32 -2.02
CA ASP A 119 -31.67 -12.83 -0.98
C ASP A 119 -30.42 -11.94 -0.85
N VAL A 120 -29.85 -11.53 -1.99
CA VAL A 120 -28.66 -10.71 -1.96
C VAL A 120 -28.95 -9.38 -1.24
N LEU A 121 -30.06 -8.74 -1.56
CA LEU A 121 -30.43 -7.50 -0.92
C LEU A 121 -30.63 -7.63 0.61
N CYS A 122 -31.27 -8.72 1.02
CA CYS A 122 -31.51 -8.96 2.42
C CYS A 122 -30.18 -9.19 3.21
N VAL A 123 -29.25 -9.91 2.60
CA VAL A 123 -27.97 -10.11 3.20
C VAL A 123 -27.18 -8.81 3.27
N GLN A 124 -27.23 -8.00 2.23
CA GLN A 124 -26.59 -6.68 2.25
C GLN A 124 -27.17 -5.79 3.33
N ILE A 125 -28.51 -5.80 3.48
CA ILE A 125 -29.14 -4.95 4.49
C ILE A 125 -28.70 -5.39 5.88
N ALA A 126 -28.67 -6.69 6.13
CA ALA A 126 -28.21 -7.20 7.41
C ALA A 126 -26.76 -6.79 7.67
N GLY A 127 -25.92 -6.93 6.66
CA GLY A 127 -24.51 -6.51 6.79
C GLY A 127 -24.39 -5.05 7.08
N LEU A 128 -25.18 -4.25 6.38
CA LEU A 128 -25.21 -2.80 6.58
C LEU A 128 -25.66 -2.41 7.97
N CYS A 129 -26.62 -3.15 8.55
CA CYS A 129 -27.30 -2.70 9.75
C CYS A 129 -26.86 -3.40 11.03
N ARG A 130 -25.90 -4.34 10.93
CA ARG A 130 -25.50 -5.06 12.14
C ARG A 130 -24.70 -4.24 13.14
N ASN A 131 -24.36 -2.99 12.80
CA ASN A 131 -23.68 -2.13 13.78
C ASN A 131 -24.58 -1.01 14.36
N LEU A 132 -25.89 -1.02 14.03
CA LEU A 132 -26.76 0.05 14.42
C LEU A 132 -26.91 0.25 15.95
N GLY A 133 -26.69 -0.83 16.70
CA GLY A 133 -26.93 -0.83 18.14
C GLY A 133 -25.78 -0.32 19.00
N HIS A 134 -24.63 -0.04 18.39
CA HIS A 134 -23.48 0.42 19.15
C HIS A 134 -23.77 1.74 19.81
N GLY A 135 -23.12 1.95 20.97
CA GLY A 135 -23.27 3.17 21.74
C GLY A 135 -21.96 3.93 21.74
N PRO A 136 -21.92 5.07 22.43
CA PRO A 136 -20.75 5.90 22.45
C PRO A 136 -19.46 5.09 22.73
N PHE A 137 -18.46 5.32 21.91
CA PHE A 137 -17.19 4.66 22.05
C PHE A 137 -17.26 3.13 21.86
N SER A 138 -18.29 2.66 21.18
CA SER A 138 -18.39 1.25 20.86
C SER A 138 -18.30 0.32 22.07
N HIS A 139 -17.28 -0.51 22.13
CA HIS A 139 -17.19 -1.56 23.12
C HIS A 139 -17.16 -1.05 24.55
N MET A 140 -16.73 0.19 24.72
CA MET A 140 -16.72 0.80 26.02
C MET A 140 -18.17 0.77 26.63
N PHE A 141 -19.15 1.08 25.77
CA PHE A 141 -20.51 1.25 26.19
C PHE A 141 -21.13 -0.09 26.66
N ASP A 142 -21.05 -1.10 25.79
CA ASP A 142 -21.61 -2.41 26.12
C ASP A 142 -20.67 -3.22 26.97
N GLY A 143 -19.37 -3.03 26.84
CA GLY A 143 -18.40 -3.82 27.61
C GLY A 143 -18.12 -3.29 29.02
N ARG A 144 -18.22 -1.98 29.24
CA ARG A 144 -17.86 -1.40 30.53
C ARG A 144 -18.98 -0.60 31.20
N PHE A 145 -19.58 0.33 30.47
CA PHE A 145 -20.51 1.27 31.08
C PHE A 145 -21.85 0.63 31.49
N ILE A 146 -22.55 0.02 30.52
CA ILE A 146 -23.85 -0.55 30.82
C ILE A 146 -23.81 -1.64 31.92
N PRO A 147 -22.83 -2.56 31.85
CA PRO A 147 -22.74 -3.54 32.95
C PRO A 147 -22.58 -2.92 34.35
N LEU A 148 -21.92 -1.77 34.46
CA LEU A 148 -21.80 -1.08 35.74
C LEU A 148 -23.00 -0.21 36.07
N ALA A 149 -23.54 0.51 35.08
CA ALA A 149 -24.68 1.38 35.32
C ALA A 149 -25.97 0.61 35.52
N ARG A 150 -26.14 -0.49 34.79
CA ARG A 150 -27.38 -1.25 34.82
C ARG A 150 -27.05 -2.75 34.92
N PRO A 151 -26.52 -3.18 36.05
CA PRO A 151 -26.11 -4.59 36.25
C PRO A 151 -27.24 -5.60 36.09
N GLU A 152 -28.46 -5.19 36.48
CA GLU A 152 -29.64 -6.07 36.33
C GLU A 152 -29.97 -6.40 34.86
N VAL A 153 -29.82 -5.45 33.95
CA VAL A 153 -30.25 -5.69 32.58
C VAL A 153 -29.17 -6.42 31.81
N LYS A 154 -29.60 -7.20 30.83
CA LYS A 154 -28.70 -7.84 29.89
C LYS A 154 -28.80 -7.10 28.56
N TRP A 155 -27.72 -6.52 28.12
CA TRP A 155 -27.77 -5.68 26.95
C TRP A 155 -26.63 -6.07 26.05
N THR A 156 -26.89 -6.15 24.74
CA THR A 156 -25.84 -6.39 23.78
C THR A 156 -26.06 -5.44 22.61
N HIS A 157 -24.96 -5.17 21.87
CA HIS A 157 -25.06 -4.36 20.68
C HIS A 157 -25.99 -5.01 19.65
N GLU A 158 -25.98 -6.33 19.63
CA GLU A 158 -26.84 -7.12 18.73
C GLU A 158 -28.31 -6.81 18.94
N GLN A 159 -28.73 -6.85 20.21
CA GLN A 159 -30.10 -6.54 20.59
C GLN A 159 -30.42 -5.11 20.20
N GLY A 160 -29.48 -4.22 20.51
CA GLY A 160 -29.62 -2.81 20.15
C GLY A 160 -29.79 -2.62 18.67
N SER A 161 -29.03 -3.38 17.88
CA SER A 161 -29.07 -3.25 16.41
C SER A 161 -30.48 -3.64 15.88
N VAL A 162 -31.05 -4.71 16.43
CA VAL A 162 -32.39 -5.14 16.04
C VAL A 162 -33.44 -4.08 16.40
N MET A 163 -33.32 -3.53 17.62
CA MET A 163 -34.27 -2.49 18.05
C MET A 163 -34.15 -1.23 17.19
N MET A 164 -32.91 -0.83 16.92
CA MET A 164 -32.68 0.37 16.11
C MET A 164 -33.14 0.15 14.67
N PHE A 165 -32.94 -1.07 14.16
CA PHE A 165 -33.37 -1.38 12.81
C PHE A 165 -34.89 -1.26 12.67
N GLU A 166 -35.59 -1.81 13.66
CA GLU A 166 -37.06 -1.71 13.72
C GLU A 166 -37.49 -0.21 13.74
N HIS A 167 -36.82 0.56 14.59
CA HIS A 167 -37.08 1.97 14.70
C HIS A 167 -36.78 2.70 13.38
N LEU A 168 -35.66 2.33 12.73
CA LEU A 168 -35.30 2.89 11.45
C LEU A 168 -36.39 2.62 10.38
N ILE A 169 -36.82 1.36 10.29
CA ILE A 169 -37.81 0.97 9.31
C ILE A 169 -39.11 1.72 9.51
N ASN A 170 -39.59 1.73 10.77
CA ASN A 170 -40.88 2.34 11.11
C ASN A 170 -40.88 3.86 11.00
N SER A 171 -39.79 4.47 11.39
CA SER A 171 -39.68 5.95 11.37
C SER A 171 -39.50 6.54 9.97
N ASN A 172 -39.06 5.75 9.03
CA ASN A 172 -38.68 6.28 7.71
C ASN A 172 -39.46 5.69 6.51
N GLY A 173 -40.55 4.98 6.79
CA GLY A 173 -41.40 4.42 5.75
C GLY A 173 -40.66 3.50 4.78
N ILE A 174 -39.79 2.68 5.32
CA ILE A 174 -38.96 1.81 4.49
C ILE A 174 -39.76 0.65 3.86
N LYS A 175 -40.77 0.13 4.57
CA LYS A 175 -41.48 -1.05 4.12
C LYS A 175 -42.06 -0.93 2.67
N PRO A 176 -42.69 0.21 2.33
CA PRO A 176 -43.13 0.31 0.93
C PRO A 176 -41.99 0.33 -0.05
N VAL A 177 -40.83 0.88 0.35
CA VAL A 177 -39.68 0.88 -0.54
C VAL A 177 -39.17 -0.56 -0.77
N MET A 178 -39.18 -1.38 0.30
CA MET A 178 -38.79 -2.77 0.19
C MET A 178 -39.67 -3.53 -0.80
N GLU A 179 -40.98 -3.29 -0.74
CA GLU A 179 -41.93 -3.95 -1.63
C GLU A 179 -41.66 -3.52 -3.09
N GLN A 180 -41.37 -2.24 -3.28
CA GLN A 180 -41.09 -1.72 -4.58
C GLN A 180 -39.91 -2.43 -5.27
N TYR A 181 -38.92 -2.85 -4.48
CA TYR A 181 -37.76 -3.56 -5.03
C TYR A 181 -37.84 -5.07 -4.88
N GLY A 182 -39.03 -5.59 -4.59
CA GLY A 182 -39.27 -7.03 -4.62
C GLY A 182 -39.11 -7.77 -3.29
N LEU A 183 -38.79 -7.05 -2.19
CA LEU A 183 -38.78 -7.68 -0.91
C LEU A 183 -40.20 -7.91 -0.37
N ILE A 184 -40.34 -8.91 0.50
CA ILE A 184 -41.57 -9.16 1.23
C ILE A 184 -41.28 -8.82 2.69
N PRO A 185 -41.72 -7.64 3.14
CA PRO A 185 -41.30 -7.09 4.46
C PRO A 185 -41.43 -8.01 5.67
N GLU A 186 -42.53 -8.70 5.79
CA GLU A 186 -42.76 -9.57 6.94
C GLU A 186 -41.69 -10.63 7.05
N GLU A 187 -41.50 -11.38 5.98
CA GLU A 187 -40.51 -12.47 5.90
C GLU A 187 -39.06 -11.88 5.97
N ASP A 188 -38.83 -10.79 5.24
CA ASP A 188 -37.48 -10.31 5.02
C ASP A 188 -36.94 -9.48 6.19
N ILE A 189 -37.81 -8.72 6.87
CA ILE A 189 -37.43 -8.04 8.08
C ILE A 189 -37.01 -9.08 9.14
N CYS A 190 -37.82 -10.12 9.24
CA CYS A 190 -37.52 -11.23 10.13
C CYS A 190 -36.15 -11.84 9.79
N PHE A 191 -35.90 -12.12 8.50
CA PHE A 191 -34.66 -12.68 8.04
C PHE A 191 -33.46 -11.78 8.42
N ILE A 192 -33.59 -10.50 8.16
CA ILE A 192 -32.54 -9.54 8.47
C ILE A 192 -32.23 -9.51 9.99
N LYS A 193 -33.27 -9.48 10.81
CA LYS A 193 -33.06 -9.45 12.24
C LYS A 193 -32.40 -10.75 12.73
N GLU A 194 -32.84 -11.87 12.15
CA GLU A 194 -32.25 -13.16 12.50
C GLU A 194 -30.77 -13.26 12.15
N GLN A 195 -30.37 -12.65 11.05
CA GLN A 195 -28.95 -12.60 10.67
C GLN A 195 -28.15 -11.86 11.69
N ILE A 196 -28.76 -10.82 12.28
CA ILE A 196 -28.08 -9.94 13.25
C ILE A 196 -27.98 -10.56 14.63
N VAL A 197 -29.08 -11.10 15.13
CA VAL A 197 -29.14 -11.52 16.54
C VAL A 197 -29.33 -13.05 16.71
N GLY A 198 -29.62 -13.77 15.62
CA GLY A 198 -29.88 -15.19 15.71
C GLY A 198 -31.36 -15.47 15.85
N PRO A 199 -31.70 -16.76 16.13
CA PRO A 199 -33.10 -17.17 16.16
C PRO A 199 -33.96 -16.24 17.04
N LEU A 200 -35.07 -15.75 16.50
CA LEU A 200 -36.00 -14.93 17.27
C LEU A 200 -36.87 -15.80 18.29
N GLU A 201 -36.66 -17.12 18.32
CA GLU A 201 -36.96 -18.05 19.46
C GLU A 201 -35.63 -18.75 19.92
N LEU A 208 -35.30 -29.88 14.59
CA LEU A 208 -36.02 -28.60 14.57
C LEU A 208 -35.11 -27.49 14.01
N TRP A 209 -35.59 -26.88 12.92
CA TRP A 209 -35.00 -25.66 12.28
C TRP A 209 -35.57 -24.37 12.91
N PRO A 210 -34.71 -23.60 13.60
CA PRO A 210 -35.15 -22.50 14.47
C PRO A 210 -35.41 -21.15 13.78
N TYR A 211 -35.09 -21.03 12.51
CA TYR A 211 -35.27 -19.73 11.84
C TYR A 211 -36.52 -19.66 11.01
N LYS A 212 -37.13 -18.50 10.94
CA LYS A 212 -38.37 -18.25 10.17
C LYS A 212 -38.17 -17.42 8.89
N GLY A 213 -37.09 -16.71 8.75
CA GLY A 213 -36.91 -15.79 7.63
C GLY A 213 -36.63 -16.49 6.32
N ARG A 214 -35.93 -17.61 6.41
CA ARG A 214 -35.57 -18.46 5.27
C ARG A 214 -35.55 -19.91 5.76
N PRO A 215 -35.77 -20.88 4.85
CA PRO A 215 -35.74 -22.30 5.21
C PRO A 215 -34.34 -22.97 5.15
N GLU A 216 -34.31 -24.24 5.51
CA GLU A 216 -33.04 -25.00 5.69
C GLU A 216 -32.18 -25.03 4.45
N ASN A 217 -32.83 -25.01 3.29
CA ASN A 217 -32.06 -25.01 2.03
C ASN A 217 -31.31 -23.68 1.76
N LYS A 218 -31.57 -22.65 2.56
CA LYS A 218 -30.81 -21.41 2.54
C LYS A 218 -30.05 -21.16 3.85
N SER A 219 -29.81 -22.21 4.60
CA SER A 219 -29.07 -22.15 5.86
C SER A 219 -27.70 -21.42 5.79
N PHE A 220 -26.97 -21.65 4.71
CA PHE A 220 -25.70 -20.99 4.47
C PHE A 220 -25.78 -19.45 4.51
N LEU A 221 -26.94 -18.90 4.23
CA LEU A 221 -27.10 -17.45 4.25
C LEU A 221 -26.95 -16.88 5.66
N TYR A 222 -27.22 -17.67 6.69
CA TYR A 222 -27.04 -17.26 8.05
C TYR A 222 -25.58 -17.30 8.50
N GLU A 223 -24.66 -17.77 7.65
CA GLU A 223 -23.24 -17.88 8.01
C GLU A 223 -22.42 -16.65 7.52
N ILE A 224 -23.09 -15.65 6.93
CA ILE A 224 -22.37 -14.60 6.27
C ILE A 224 -22.11 -13.35 7.16
N VAL A 225 -23.14 -12.85 7.80
CA VAL A 225 -23.06 -11.55 8.47
C VAL A 225 -22.58 -11.67 9.92
N SER A 226 -23.14 -12.58 10.65
CA SER A 226 -22.68 -12.92 11.99
C SER A 226 -22.75 -14.41 12.20
N ASN A 227 -21.62 -15.05 12.07
CA ASN A 227 -21.48 -16.51 12.00
C ASN A 227 -21.28 -17.03 13.42
N LYS A 228 -22.39 -17.53 13.99
CA LYS A 228 -22.38 -18.05 15.36
C LYS A 228 -21.81 -19.48 15.47
N ARG A 229 -21.78 -20.20 14.36
CA ARG A 229 -21.17 -21.53 14.28
C ARG A 229 -19.67 -21.56 14.46
N ASN A 230 -18.92 -20.69 13.75
CA ASN A 230 -17.46 -20.73 13.82
C ASN A 230 -16.77 -19.35 13.87
N GLY A 231 -17.54 -18.27 13.73
CA GLY A 231 -16.94 -16.93 13.76
C GLY A 231 -16.34 -16.40 12.46
N ILE A 232 -16.42 -17.15 11.37
CA ILE A 232 -15.93 -16.65 10.10
C ILE A 232 -17.02 -15.84 9.41
N ASP A 233 -17.02 -14.52 9.62
CA ASP A 233 -17.98 -13.66 8.96
C ASP A 233 -17.41 -12.40 8.33
N VAL A 234 -18.24 -11.71 7.56
CA VAL A 234 -17.78 -10.58 6.77
C VAL A 234 -17.48 -9.33 7.63
N ASP A 235 -18.07 -9.32 8.82
CA ASP A 235 -17.82 -8.22 9.77
C ASP A 235 -16.35 -8.20 10.17
N LYS A 236 -15.80 -9.36 10.53
CA LYS A 236 -14.37 -9.50 10.81
C LYS A 236 -13.52 -9.07 9.62
N TRP A 237 -13.92 -9.48 8.44
CA TRP A 237 -13.09 -9.17 7.27
C TRP A 237 -12.98 -7.67 7.04
N ASP A 238 -14.08 -6.94 7.20
CA ASP A 238 -13.99 -5.51 7.06
C ASP A 238 -13.12 -4.87 8.17
N TYR A 239 -13.36 -5.23 9.43
CA TYR A 239 -12.58 -4.58 10.47
C TYR A 239 -11.10 -4.94 10.47
N PHE A 240 -10.74 -6.16 10.05
CA PHE A 240 -9.32 -6.50 9.89
C PHE A 240 -8.65 -5.49 8.94
N ALA A 241 -9.26 -5.30 7.76
CA ALA A 241 -8.68 -4.47 6.76
C ALA A 241 -8.73 -2.97 7.15
N ARG A 242 -9.88 -2.54 7.68
CA ARG A 242 -10.07 -1.15 8.00
C ARG A 242 -9.27 -0.74 9.23
N ASP A 243 -9.35 -1.52 10.30
CA ASP A 243 -8.59 -1.18 11.51
C ASP A 243 -7.09 -1.16 11.17
N CYS A 244 -6.61 -2.13 10.42
CA CYS A 244 -5.19 -2.17 10.06
C CYS A 244 -4.74 -0.91 9.28
N HIS A 245 -5.56 -0.54 8.33
CA HIS A 245 -5.30 0.65 7.51
C HIS A 245 -5.17 1.92 8.34
N HIS A 246 -6.04 2.07 9.31
CA HIS A 246 -6.06 3.24 10.20
C HIS A 246 -5.07 3.15 11.37
N LEU A 247 -4.90 1.95 11.94
CA LEU A 247 -3.99 1.79 13.06
C LEU A 247 -2.51 1.92 12.65
N GLY A 248 -2.18 1.57 11.40
CA GLY A 248 -0.81 1.49 10.98
C GLY A 248 -0.12 0.16 11.29
N ILE A 249 -0.89 -0.90 11.21
CA ILE A 249 -0.46 -2.27 11.45
C ILE A 249 -0.93 -3.04 10.19
N GLN A 250 -0.13 -3.93 9.70
CA GLN A 250 -0.47 -4.50 8.35
C GLN A 250 -1.25 -5.82 8.56
N ASN A 251 -2.19 -6.10 7.64
CA ASN A 251 -3.10 -7.23 7.73
C ASN A 251 -2.58 -8.39 6.88
N ASN A 252 -2.47 -9.57 7.44
CA ASN A 252 -1.99 -10.74 6.72
C ASN A 252 -3.13 -11.69 6.29
N PHE A 253 -4.40 -11.37 6.48
CA PHE A 253 -5.47 -12.20 5.99
C PHE A 253 -6.01 -11.76 4.66
N ASP A 254 -6.15 -12.69 3.70
CA ASP A 254 -6.67 -12.36 2.37
C ASP A 254 -8.12 -12.94 2.24
N TYR A 255 -9.12 -12.09 2.37
CA TYR A 255 -10.55 -12.46 2.33
C TYR A 255 -10.92 -12.76 0.87
N LYS A 256 -10.31 -12.10 -0.09
CA LYS A 256 -10.61 -12.37 -1.47
C LYS A 256 -10.20 -13.78 -1.86
N ARG A 257 -9.10 -14.28 -1.35
CA ARG A 257 -8.73 -15.66 -1.62
C ARG A 257 -9.80 -16.57 -1.04
N PHE A 258 -10.22 -16.29 0.21
CA PHE A 258 -11.20 -17.16 0.84
C PHE A 258 -12.47 -17.23 -0.04
N ILE A 259 -12.93 -16.08 -0.54
CA ILE A 259 -14.12 -16.05 -1.35
C ILE A 259 -13.94 -16.94 -2.57
N LYS A 260 -12.80 -16.82 -3.21
CA LYS A 260 -12.53 -17.64 -4.40
C LYS A 260 -12.57 -19.14 -4.12
N PHE A 261 -12.18 -19.55 -2.92
CA PHE A 261 -12.16 -20.96 -2.56
C PHE A 261 -13.42 -21.41 -1.81
N ALA A 262 -14.40 -20.52 -1.62
CA ALA A 262 -15.56 -20.89 -0.82
C ALA A 262 -16.61 -21.63 -1.63
N ARG A 263 -17.25 -22.61 -1.02
CA ARG A 263 -18.34 -23.36 -1.63
C ARG A 263 -19.38 -23.68 -0.60
N VAL A 264 -20.59 -24.01 -1.06
CA VAL A 264 -21.63 -24.56 -0.18
C VAL A 264 -21.75 -26.04 -0.36
N CYS A 265 -21.70 -26.78 0.75
CA CYS A 265 -21.87 -28.24 0.76
C CYS A 265 -22.86 -28.63 1.81
N GLU A 266 -23.49 -29.79 1.63
CA GLU A 266 -24.30 -30.43 2.67
C GLU A 266 -23.40 -31.00 3.74
N VAL A 267 -23.56 -30.57 5.00
CA VAL A 267 -22.96 -31.15 6.16
C VAL A 267 -24.05 -31.47 7.18
N ASP A 268 -24.19 -32.75 7.56
CA ASP A 268 -25.24 -33.19 8.47
C ASP A 268 -26.63 -32.64 8.12
N ASN A 269 -27.09 -32.97 6.93
CA ASN A 269 -28.36 -32.48 6.40
C ASN A 269 -28.53 -30.95 6.33
N GLU A 270 -27.46 -30.20 6.40
CA GLU A 270 -27.56 -28.76 6.38
C GLU A 270 -26.55 -28.19 5.38
N LEU A 271 -26.95 -27.14 4.65
CA LEU A 271 -26.16 -26.48 3.70
C LEU A 271 -25.29 -25.43 4.40
N ARG A 272 -23.98 -25.62 4.29
CA ARG A 272 -23.01 -24.74 4.93
C ARG A 272 -21.95 -24.25 3.97
N ILE A 273 -21.43 -23.05 4.23
CA ILE A 273 -20.29 -22.54 3.50
C ILE A 273 -19.04 -23.32 3.94
N CYS A 274 -18.32 -23.91 2.99
CA CYS A 274 -17.15 -24.73 3.25
C CYS A 274 -15.92 -24.16 2.52
N ALA A 275 -14.77 -24.40 3.09
CA ALA A 275 -13.51 -23.87 2.59
C ALA A 275 -12.76 -25.00 1.93
N ARG A 276 -11.88 -24.64 0.96
CA ARG A 276 -11.02 -25.68 0.38
C ARG A 276 -10.05 -26.18 1.42
N ASP A 277 -9.80 -27.47 1.43
CA ASP A 277 -8.99 -28.19 2.43
C ASP A 277 -7.69 -27.51 2.70
N LYS A 278 -6.99 -27.22 1.63
CA LYS A 278 -5.66 -26.71 1.75
C LYS A 278 -5.65 -25.25 2.24
N GLU A 279 -6.78 -24.58 2.33
CA GLU A 279 -6.84 -23.31 2.90
C GLU A 279 -6.89 -23.29 4.49
N VAL A 280 -6.82 -24.48 5.09
CA VAL A 280 -6.93 -24.55 6.51
C VAL A 280 -5.93 -23.65 7.31
N GLY A 281 -4.70 -23.65 6.86
CA GLY A 281 -3.63 -22.80 7.36
C GLY A 281 -4.02 -21.33 7.35
N ASN A 282 -4.64 -20.86 6.26
CA ASN A 282 -5.08 -19.51 6.14
C ASN A 282 -6.13 -19.14 7.20
N LEU A 283 -7.01 -20.12 7.48
CA LEU A 283 -8.05 -19.94 8.49
C LEU A 283 -7.50 -19.85 9.89
N TYR A 284 -6.56 -20.72 10.23
CA TYR A 284 -5.83 -20.62 11.50
C TYR A 284 -5.21 -19.22 11.60
N ASP A 285 -4.61 -18.76 10.50
CA ASP A 285 -3.95 -17.47 10.49
C ASP A 285 -4.96 -16.30 10.68
N MET A 286 -6.15 -16.47 10.15
CA MET A 286 -7.19 -15.46 10.32
C MET A 286 -7.49 -15.21 11.83
N PHE A 287 -7.62 -16.26 12.60
CA PHE A 287 -7.85 -16.13 14.00
C PHE A 287 -6.61 -15.64 14.75
N HIS A 288 -5.43 -16.03 14.26
CA HIS A 288 -4.20 -15.47 14.80
C HIS A 288 -4.14 -13.95 14.61
N THR A 289 -4.53 -13.51 13.41
CA THR A 289 -4.64 -12.08 13.11
C THR A 289 -5.57 -11.35 14.08
N ARG A 290 -6.75 -11.95 14.31
CA ARG A 290 -7.72 -11.39 15.25
C ARG A 290 -7.12 -11.26 16.68
N ASN A 291 -6.43 -12.30 17.12
CA ASN A 291 -5.81 -12.29 18.41
C ASN A 291 -4.73 -11.23 18.53
N SER A 292 -3.94 -11.08 17.47
CA SER A 292 -2.88 -10.05 17.40
C SER A 292 -3.46 -8.66 17.44
N LEU A 293 -4.58 -8.43 16.76
CA LEU A 293 -5.24 -7.11 16.78
C LEU A 293 -5.73 -6.79 18.19
N HIS A 294 -6.30 -7.79 18.88
CA HIS A 294 -6.70 -7.59 20.25
C HIS A 294 -5.45 -7.27 21.19
N ARG A 295 -4.37 -8.02 21.09
CA ARG A 295 -3.20 -7.77 21.87
C ARG A 295 -2.57 -6.40 21.57
N ARG A 296 -2.34 -6.13 20.30
CA ARG A 296 -1.68 -4.92 20.00
C ARG A 296 -2.51 -3.67 20.16
N ALA A 297 -3.78 -3.75 19.85
CA ALA A 297 -4.63 -2.55 19.72
C ALA A 297 -5.87 -2.56 20.62
N TYR A 298 -6.74 -3.51 20.46
CA TYR A 298 -8.06 -3.37 21.14
C TYR A 298 -7.96 -3.51 22.66
N GLN A 299 -7.01 -4.29 23.14
CA GLN A 299 -6.75 -4.44 24.55
C GLN A 299 -5.45 -3.71 24.96
N HIS A 300 -5.09 -2.66 24.21
CA HIS A 300 -3.93 -1.90 24.59
C HIS A 300 -4.12 -1.35 26.01
N LYS A 301 -3.14 -1.50 26.87
CA LYS A 301 -3.32 -1.22 28.28
C LYS A 301 -3.74 0.25 28.58
N VAL A 302 -3.22 1.16 27.81
CA VAL A 302 -3.59 2.56 27.97
C VAL A 302 -4.93 2.89 27.27
N GLY A 303 -5.20 2.26 26.13
CA GLY A 303 -6.51 2.42 25.53
C GLY A 303 -7.62 1.91 26.45
N ASN A 304 -7.34 0.81 27.15
CA ASN A 304 -8.29 0.30 28.12
C ASN A 304 -8.49 1.25 29.31
N ILE A 305 -7.42 1.85 29.77
CA ILE A 305 -7.55 2.73 30.91
C ILE A 305 -8.28 4.06 30.54
N ILE A 306 -8.08 4.52 29.31
CA ILE A 306 -8.83 5.64 28.81
C ILE A 306 -10.33 5.30 28.71
N ASP A 307 -10.63 4.12 28.24
CA ASP A 307 -12.02 3.64 28.20
C ASP A 307 -12.59 3.60 29.63
N THR A 308 -11.77 3.14 30.59
CA THR A 308 -12.18 3.06 31.96
C THR A 308 -12.47 4.45 32.53
N MET A 309 -11.62 5.42 32.22
CA MET A 309 -11.81 6.77 32.74
C MET A 309 -13.03 7.43 32.12
N ILE A 310 -13.26 7.21 30.83
CA ILE A 310 -14.43 7.76 30.17
C ILE A 310 -15.69 7.17 30.80
N THR A 311 -15.66 5.88 31.06
CA THR A 311 -16.78 5.19 31.72
C THR A 311 -17.07 5.79 33.10
N ASP A 312 -16.05 6.06 33.88
CA ASP A 312 -16.18 6.70 35.16
C ASP A 312 -16.83 8.07 35.03
N ALA A 313 -16.37 8.85 34.05
CA ALA A 313 -16.96 10.14 33.78
C ALA A 313 -18.46 10.03 33.44
N PHE A 314 -18.79 9.05 32.60
CA PHE A 314 -20.20 8.83 32.24
C PHE A 314 -21.03 8.45 33.46
N LEU A 315 -20.49 7.61 34.33
CA LEU A 315 -21.17 7.22 35.56
C LEU A 315 -21.46 8.43 36.44
N LYS A 316 -20.48 9.32 36.54
CA LYS A 316 -20.65 10.53 37.37
C LYS A 316 -21.58 11.55 36.71
N ALA A 317 -21.70 11.50 35.38
CA ALA A 317 -22.61 12.39 34.65
C ALA A 317 -24.03 11.86 34.55
N ASP A 318 -24.22 10.58 34.85
CA ASP A 318 -25.45 9.88 34.48
C ASP A 318 -26.72 10.46 35.12
N ASP A 319 -26.59 10.96 36.35
CA ASP A 319 -27.75 11.56 37.04
C ASP A 319 -28.16 12.90 36.47
N TYR A 320 -27.31 13.54 35.65
CA TYR A 320 -27.54 14.92 35.24
C TYR A 320 -27.69 15.18 33.77
N ILE A 321 -27.16 14.31 32.90
CA ILE A 321 -27.39 14.47 31.45
C ILE A 321 -28.80 13.99 31.13
N GLU A 322 -29.61 14.79 30.43
CA GLU A 322 -30.92 14.35 30.04
C GLU A 322 -31.07 14.32 28.54
N ILE A 323 -31.61 13.21 27.98
CA ILE A 323 -31.76 13.06 26.57
C ILE A 323 -33.26 12.85 26.28
N THR A 324 -33.76 13.72 25.40
CA THR A 324 -35.19 13.71 25.08
C THR A 324 -35.55 12.62 24.07
N GLY A 325 -36.43 11.73 24.47
CA GLY A 325 -36.92 10.64 23.67
C GLY A 325 -38.38 10.80 23.26
N ALA A 326 -39.02 9.66 22.99
CA ALA A 326 -40.36 9.60 22.45
C ALA A 326 -41.34 10.21 23.45
N GLY A 327 -42.26 11.03 22.93
CA GLY A 327 -43.28 11.67 23.73
C GLY A 327 -42.72 12.77 24.63
N GLY A 328 -41.51 13.27 24.33
CA GLY A 328 -40.87 14.29 25.15
C GLY A 328 -40.36 13.81 26.50
N LYS A 329 -40.48 12.50 26.78
CA LYS A 329 -39.90 11.90 27.98
C LYS A 329 -38.36 12.09 28.00
N LYS A 330 -37.82 12.17 29.21
CA LYS A 330 -36.38 12.36 29.42
C LYS A 330 -35.71 11.05 29.79
N TYR A 331 -34.55 10.79 29.21
CA TYR A 331 -33.82 9.57 29.52
C TYR A 331 -32.41 9.96 29.97
N ARG A 332 -31.76 9.02 30.66
CA ARG A 332 -30.36 9.14 31.06
C ARG A 332 -29.44 8.42 30.09
N ILE A 333 -28.17 8.68 30.15
CA ILE A 333 -27.18 7.93 29.36
C ILE A 333 -27.42 6.45 29.54
N SER A 334 -27.67 6.03 30.79
CA SER A 334 -27.90 4.62 31.09
C SER A 334 -29.28 4.09 30.70
N THR A 335 -30.25 4.96 30.46
CA THR A 335 -31.60 4.52 30.11
C THR A 335 -32.00 4.82 28.66
N ALA A 336 -31.14 5.51 27.91
CA ALA A 336 -31.44 5.78 26.49
C ALA A 336 -31.63 4.47 25.72
N ILE A 337 -31.00 3.39 26.17
CA ILE A 337 -31.20 2.07 25.54
C ILE A 337 -32.66 1.57 25.60
N ASP A 338 -33.43 2.12 26.49
CA ASP A 338 -34.86 1.78 26.58
C ASP A 338 -35.74 2.50 25.53
N ASP A 339 -35.28 3.60 24.97
CA ASP A 339 -36.05 4.31 23.99
C ASP A 339 -35.22 4.67 22.79
N MET A 340 -35.58 4.11 21.63
CA MET A 340 -34.75 4.25 20.43
C MET A 340 -34.62 5.69 19.94
N GLU A 341 -35.68 6.46 20.10
CA GLU A 341 -35.66 7.88 19.73
C GLU A 341 -34.54 8.62 20.52
N ALA A 342 -34.46 8.32 21.81
CA ALA A 342 -33.44 8.87 22.67
C ALA A 342 -32.06 8.29 22.28
N TYR A 343 -31.99 6.96 22.09
CA TYR A 343 -30.74 6.32 21.79
C TYR A 343 -30.12 6.82 20.46
N THR A 344 -30.97 7.19 19.51
CA THR A 344 -30.54 7.77 18.26
C THR A 344 -29.62 9.00 18.50
N LYS A 345 -29.89 9.74 19.56
CA LYS A 345 -29.14 10.94 19.89
C LYS A 345 -28.04 10.70 20.91
N LEU A 346 -27.73 9.43 21.20
CA LEU A 346 -26.66 9.09 22.13
C LEU A 346 -25.41 8.60 21.41
N THR A 347 -24.44 9.48 21.29
CA THR A 347 -23.21 9.25 20.53
C THR A 347 -21.98 9.71 21.30
N ASP A 348 -20.82 9.73 20.64
CA ASP A 348 -19.57 10.23 21.23
C ASP A 348 -19.73 11.70 21.71
N ASN A 349 -20.67 12.41 21.15
CA ASN A 349 -20.93 13.79 21.55
C ASN A 349 -21.16 13.98 23.05
N ILE A 350 -21.63 12.93 23.72
CA ILE A 350 -21.81 12.97 25.16
C ILE A 350 -20.51 13.38 25.87
N PHE A 351 -19.42 12.81 25.38
CA PHE A 351 -18.08 13.14 25.88
C PHE A 351 -17.86 14.67 25.84
N LEU A 352 -18.17 15.29 24.72
CA LEU A 352 -17.94 16.71 24.59
C LEU A 352 -18.99 17.52 25.36
N GLU A 353 -20.22 17.04 25.44
CA GLU A 353 -21.23 17.71 26.25
C GLU A 353 -20.74 17.81 27.71
N ILE A 354 -20.20 16.72 28.23
CA ILE A 354 -19.65 16.74 29.57
C ILE A 354 -18.45 17.65 29.65
N LEU A 355 -17.49 17.48 28.73
CA LEU A 355 -16.25 18.26 28.74
C LEU A 355 -16.51 19.76 28.70
N TYR A 356 -17.49 20.18 27.91
CA TYR A 356 -17.78 21.60 27.71
C TYR A 356 -18.82 22.15 28.69
N SER A 357 -19.35 21.31 29.59
CA SER A 357 -20.39 21.72 30.51
C SER A 357 -19.94 22.78 31.50
N THR A 358 -20.92 23.56 32.00
CA THR A 358 -20.65 24.54 33.09
C THR A 358 -21.42 24.23 34.38
N ASP A 359 -22.43 23.37 34.30
CA ASP A 359 -23.21 22.94 35.44
C ASP A 359 -22.27 22.46 36.56
N PRO A 360 -22.40 23.06 37.80
CA PRO A 360 -21.63 22.54 38.93
C PRO A 360 -21.88 21.07 39.22
N LYS A 361 -23.08 20.58 38.91
CA LYS A 361 -23.44 19.17 39.14
C LYS A 361 -22.52 18.24 38.34
N LEU A 362 -22.05 18.70 37.17
CA LEU A 362 -21.20 17.93 36.29
C LEU A 362 -19.71 18.12 36.53
N LYS A 363 -19.36 18.85 37.59
CA LYS A 363 -17.96 19.10 37.93
C LYS A 363 -17.09 17.85 37.99
N ASP A 364 -17.56 16.83 38.71
CA ASP A 364 -16.78 15.60 38.93
C ASP A 364 -16.57 14.85 37.62
N ALA A 365 -17.61 14.76 36.80
CA ALA A 365 -17.53 14.10 35.50
C ALA A 365 -16.58 14.87 34.57
N ARG A 366 -16.80 16.18 34.51
CA ARG A 366 -16.00 17.09 33.72
C ARG A 366 -14.48 17.00 34.10
N GLU A 367 -14.20 16.97 35.40
CA GLU A 367 -12.84 16.91 35.85
C GLU A 367 -12.09 15.62 35.39
N ILE A 368 -12.80 14.50 35.34
CA ILE A 368 -12.19 13.27 34.89
C ILE A 368 -11.77 13.40 33.40
N LEU A 369 -12.64 13.96 32.59
CA LEU A 369 -12.32 14.17 31.18
C LEU A 369 -11.21 15.16 30.99
N LYS A 370 -11.18 16.19 31.83
CA LYS A 370 -10.05 17.15 31.82
C LYS A 370 -8.76 16.45 32.14
N GLN A 371 -8.75 15.52 33.10
CA GLN A 371 -7.54 14.75 33.42
C GLN A 371 -7.07 13.95 32.18
N ILE A 372 -8.01 13.37 31.44
CA ILE A 372 -7.66 12.68 30.22
C ILE A 372 -6.92 13.63 29.23
N GLU A 373 -7.44 14.85 29.08
CA GLU A 373 -6.80 15.83 28.22
C GLU A 373 -5.39 16.19 28.63
N TYR A 374 -5.14 16.28 29.95
CA TYR A 374 -3.80 16.56 30.46
C TYR A 374 -2.94 15.33 30.47
N ARG A 375 -3.52 14.19 30.11
CA ARG A 375 -2.83 12.90 30.11
C ARG A 375 -2.42 12.52 31.53
N ASN A 376 -3.23 12.90 32.48
CA ASN A 376 -3.11 12.41 33.83
C ASN A 376 -3.91 11.14 34.02
N LEU A 377 -3.36 10.07 33.44
CA LEU A 377 -4.06 8.82 33.42
C LEU A 377 -3.75 7.97 34.66
N PHE A 378 -4.65 7.04 34.98
CA PHE A 378 -4.33 6.02 35.93
C PHE A 378 -3.08 5.27 35.46
N LYS A 379 -2.21 4.88 36.40
CA LYS A 379 -0.95 4.29 36.03
C LYS A 379 -0.99 2.78 35.94
N TYR A 380 -0.40 2.28 34.87
CA TYR A 380 -0.26 0.84 34.62
C TYR A 380 0.76 0.32 35.64
N VAL A 381 0.38 -0.71 36.39
CA VAL A 381 1.25 -1.32 37.33
C VAL A 381 1.89 -2.58 36.77
N GLY A 382 1.11 -3.39 36.11
CA GLY A 382 1.59 -4.59 35.47
C GLY A 382 0.53 -5.57 35.06
N GLU A 383 0.99 -6.72 34.58
CA GLU A 383 0.17 -7.75 33.97
C GLU A 383 0.61 -9.11 34.49
N THR A 384 -0.35 -10.00 34.67
CA THR A 384 -0.07 -11.36 35.08
C THR A 384 -1.15 -12.27 34.53
N GLN A 385 -0.94 -13.58 34.70
CA GLN A 385 -1.91 -14.59 34.28
C GLN A 385 -2.02 -15.67 35.32
N PRO A 386 -3.18 -16.34 35.38
CA PRO A 386 -3.28 -17.57 36.19
C PRO A 386 -2.42 -18.74 35.66
N THR A 387 -2.06 -19.61 36.56
CA THR A 387 -1.32 -20.87 36.24
C THR A 387 -2.21 -22.13 36.18
N GLY A 388 -1.98 -22.96 35.15
CA GLY A 388 -2.67 -24.23 34.98
C GLY A 388 -4.14 -24.22 34.56
N GLN A 389 -4.90 -25.05 35.27
CA GLN A 389 -6.39 -25.15 35.06
C GLN A 389 -7.10 -23.92 35.64
N ILE A 390 -6.60 -23.43 36.78
CA ILE A 390 -7.20 -22.30 37.53
C ILE A 390 -7.60 -21.11 36.61
N LYS A 391 -8.82 -20.61 36.81
CA LYS A 391 -9.47 -19.61 35.96
C LYS A 391 -10.30 -18.69 36.87
N ILE A 392 -10.43 -17.41 36.56
CA ILE A 392 -11.07 -16.47 37.47
C ILE A 392 -12.47 -16.11 37.04
N LYS A 393 -13.41 -16.40 37.92
CA LYS A 393 -14.83 -16.26 37.70
C LYS A 393 -15.25 -14.81 37.78
N ARG A 394 -16.23 -14.47 36.93
CA ARG A 394 -16.72 -13.12 36.77
C ARG A 394 -17.20 -12.51 38.10
N GLU A 395 -17.88 -13.30 38.93
CA GLU A 395 -18.39 -12.80 40.20
C GLU A 395 -17.32 -12.48 41.22
N ASP A 396 -16.07 -12.85 40.94
CA ASP A 396 -14.95 -12.46 41.81
C ASP A 396 -14.22 -11.14 41.42
N TYR A 397 -14.57 -10.54 40.29
CA TYR A 397 -13.88 -9.35 39.81
C TYR A 397 -13.84 -8.19 40.82
N GLU A 398 -14.95 -7.94 41.48
CA GLU A 398 -15.04 -6.84 42.45
C GLU A 398 -14.15 -7.02 43.70
N SER A 399 -13.92 -8.28 44.09
CA SER A 399 -13.04 -8.57 45.24
C SER A 399 -11.53 -8.40 44.96
N LEU A 400 -11.15 -8.28 43.67
CA LEU A 400 -9.74 -8.27 43.30
C LEU A 400 -8.93 -7.03 43.80
N PRO A 401 -9.50 -5.80 43.65
CA PRO A 401 -8.68 -4.67 44.18
C PRO A 401 -8.44 -4.77 45.68
N LYS A 402 -9.41 -5.24 46.45
CA LYS A 402 -9.26 -5.49 47.89
C LYS A 402 -8.12 -6.48 48.17
N GLU A 403 -8.07 -7.54 47.34
CA GLU A 403 -7.04 -8.53 47.47
C GLU A 403 -5.64 -7.94 47.28
N VAL A 404 -5.48 -7.09 46.27
CA VAL A 404 -4.19 -6.45 46.01
C VAL A 404 -3.78 -5.57 47.19
N ALA A 405 -4.73 -4.78 47.68
CA ALA A 405 -4.49 -3.88 48.83
C ALA A 405 -4.19 -4.64 50.11
N SER A 406 -4.72 -5.86 50.23
CA SER A 406 -4.48 -6.71 51.40
C SER A 406 -3.11 -7.41 51.40
N ALA A 407 -2.45 -7.50 50.26
CA ALA A 407 -1.12 -8.13 50.21
C ALA A 407 -0.10 -7.39 51.09
N LYS A 408 0.81 -8.15 51.68
CA LYS A 408 1.74 -7.61 52.66
C LYS A 408 3.19 -7.75 52.21
N PRO A 409 3.62 -6.87 51.26
CA PRO A 409 4.98 -6.90 50.79
C PRO A 409 5.96 -6.47 51.85
N LYS A 410 7.00 -7.24 52.06
CA LYS A 410 8.11 -6.88 52.94
C LYS A 410 9.08 -5.86 52.24
N VAL A 411 8.59 -4.63 52.15
CA VAL A 411 9.36 -3.51 51.68
C VAL A 411 8.95 -2.31 52.50
N LEU A 412 9.87 -1.41 52.79
CA LEU A 412 9.49 -0.21 53.50
C LEU A 412 8.80 0.75 52.55
N LEU A 413 7.64 1.22 52.93
CA LEU A 413 6.72 1.99 52.09
C LEU A 413 6.29 3.18 52.87
N ASP A 414 6.41 4.38 52.29
CA ASP A 414 5.99 5.61 53.05
C ASP A 414 4.46 5.86 53.00
N VAL A 415 3.88 5.62 51.84
CA VAL A 415 2.42 5.61 51.59
C VAL A 415 1.90 4.16 51.58
N LYS A 416 0.74 3.94 52.21
CA LYS A 416 -0.01 2.71 51.98
C LYS A 416 -1.32 3.04 51.22
N LEU A 417 -1.75 2.09 50.41
CA LEU A 417 -2.84 2.32 49.48
C LEU A 417 -4.02 1.49 49.91
N LYS A 418 -5.24 1.94 49.52
CA LYS A 418 -6.47 1.22 49.77
C LYS A 418 -7.06 0.59 48.49
N ALA A 419 -8.00 -0.31 48.70
CA ALA A 419 -8.72 -1.02 47.63
C ALA A 419 -9.14 -0.09 46.49
N GLU A 420 -9.75 1.02 46.81
CA GLU A 420 -10.23 1.97 45.80
C GLU A 420 -9.14 2.62 44.98
N ASP A 421 -7.89 2.54 45.40
CA ASP A 421 -6.76 3.07 44.62
C ASP A 421 -6.33 2.14 43.51
N PHE A 422 -6.84 0.91 43.49
CA PHE A 422 -6.47 -0.07 42.49
C PHE A 422 -7.62 -0.33 41.51
N ILE A 423 -7.24 -0.57 40.25
CA ILE A 423 -8.13 -1.12 39.25
C ILE A 423 -7.52 -2.45 38.79
N VAL A 424 -8.35 -3.48 38.74
CA VAL A 424 -7.95 -4.77 38.24
C VAL A 424 -8.85 -5.10 37.08
N ASP A 425 -8.26 -5.24 35.90
CA ASP A 425 -9.00 -5.41 34.62
C ASP A 425 -8.66 -6.85 34.17
N VAL A 426 -9.66 -7.72 34.13
CA VAL A 426 -9.45 -9.11 33.75
C VAL A 426 -9.94 -9.29 32.29
N ILE A 427 -9.11 -9.80 31.45
CA ILE A 427 -9.40 -9.84 30.02
C ILE A 427 -9.37 -11.27 29.53
N ASN A 428 -10.49 -11.68 28.92
CA ASN A 428 -10.60 -13.07 28.46
C ASN A 428 -10.24 -13.05 26.97
N MET A 429 -9.09 -13.65 26.65
CA MET A 429 -8.67 -13.78 25.27
C MET A 429 -8.92 -15.18 24.78
N ASP A 430 -9.68 -15.29 23.72
CA ASP A 430 -9.90 -16.60 23.04
C ASP A 430 -9.95 -16.46 21.50
N TYR A 431 -10.08 -17.58 20.86
CA TYR A 431 -10.39 -17.66 19.41
C TYR A 431 -11.86 -17.59 19.01
N GLY A 432 -12.69 -16.92 19.81
CA GLY A 432 -14.05 -16.56 19.50
C GLY A 432 -15.08 -17.58 19.95
N MET A 433 -14.64 -18.70 20.49
CA MET A 433 -15.56 -19.79 20.90
C MET A 433 -15.19 -20.33 22.23
N GLN A 434 -14.83 -19.42 23.14
CA GLN A 434 -14.35 -19.76 24.50
C GLN A 434 -13.14 -20.73 24.37
N GLU A 435 -13.23 -21.87 24.99
CA GLU A 435 -12.16 -22.83 25.03
C GLU A 435 -12.00 -23.61 23.70
N LYS A 436 -13.00 -23.59 22.84
CA LYS A 436 -12.98 -24.42 21.64
C LYS A 436 -12.13 -23.89 20.51
N ASN A 437 -11.67 -24.83 19.67
CA ASN A 437 -10.98 -24.52 18.41
C ASN A 437 -12.05 -24.33 17.33
N PRO A 438 -12.23 -23.09 16.83
CA PRO A 438 -13.26 -22.94 15.79
C PRO A 438 -13.03 -23.72 14.48
N ILE A 439 -11.82 -24.16 14.21
CA ILE A 439 -11.56 -24.97 13.03
C ILE A 439 -12.17 -26.38 13.17
N ASP A 440 -12.39 -26.83 14.41
CA ASP A 440 -13.23 -28.03 14.64
C ASP A 440 -14.68 -27.84 14.22
N HIS A 441 -15.09 -26.60 13.98
CA HIS A 441 -16.45 -26.28 13.55
C HIS A 441 -16.48 -25.77 12.09
N VAL A 442 -15.45 -26.07 11.34
CA VAL A 442 -15.37 -25.63 9.96
C VAL A 442 -15.39 -26.85 9.02
N SER A 443 -16.09 -26.72 7.92
CA SER A 443 -16.17 -27.80 6.97
C SER A 443 -15.37 -27.47 5.73
N PHE A 444 -14.70 -28.49 5.18
CA PHE A 444 -13.83 -28.29 4.03
C PHE A 444 -14.27 -29.18 2.89
N TYR A 445 -13.72 -28.90 1.70
CA TYR A 445 -13.88 -29.76 0.54
C TYR A 445 -12.55 -30.03 -0.16
N CYS A 446 -12.43 -31.14 -0.87
N CYS A 446 -12.43 -31.15 -0.88
CA CYS A 446 -11.21 -31.41 -1.63
CA CYS A 446 -11.21 -31.41 -1.63
C CYS A 446 -11.43 -31.27 -3.13
C CYS A 446 -11.43 -31.27 -3.13
N LYS A 447 -10.32 -30.98 -3.80
CA LYS A 447 -10.30 -30.66 -5.22
C LYS A 447 -10.94 -31.78 -6.03
N THR A 448 -10.62 -33.02 -5.62
CA THR A 448 -11.18 -34.16 -6.36
C THR A 448 -12.65 -34.45 -6.15
N ALA A 449 -13.27 -33.88 -5.12
CA ALA A 449 -14.73 -34.08 -4.89
C ALA A 449 -15.37 -32.84 -4.24
N PRO A 450 -15.60 -31.78 -5.04
CA PRO A 450 -15.97 -30.49 -4.47
C PRO A 450 -17.33 -30.42 -3.81
N ASN A 451 -18.17 -31.45 -3.98
CA ASN A 451 -19.46 -31.49 -3.27
C ASN A 451 -19.44 -32.33 -2.01
N ARG A 452 -18.28 -32.86 -1.65
CA ARG A 452 -18.18 -33.71 -0.46
C ARG A 452 -17.48 -32.98 0.69
N ALA A 453 -18.24 -32.68 1.73
CA ALA A 453 -17.72 -31.99 2.89
C ALA A 453 -16.86 -32.93 3.75
N ILE A 454 -15.75 -32.42 4.22
CA ILE A 454 -14.93 -33.17 5.19
C ILE A 454 -14.56 -32.32 6.39
N ARG A 455 -14.05 -33.01 7.40
CA ARG A 455 -13.52 -32.41 8.65
C ARG A 455 -12.02 -32.60 8.68
N ILE A 456 -11.32 -31.65 9.29
CA ILE A 456 -9.88 -31.68 9.48
C ILE A 456 -9.58 -31.39 10.96
N THR A 457 -8.79 -32.27 11.59
CA THR A 457 -8.43 -32.13 13.00
C THR A 457 -7.09 -31.42 13.14
N LYS A 458 -6.75 -31.04 14.36
CA LYS A 458 -5.60 -30.16 14.61
C LYS A 458 -4.27 -30.87 14.21
N ASN A 459 -4.19 -32.14 14.56
CA ASN A 459 -2.96 -32.88 14.25
C ASN A 459 -2.81 -33.16 12.77
N GLN A 460 -3.87 -33.08 11.98
CA GLN A 460 -3.73 -33.15 10.53
C GLN A 460 -3.11 -31.89 9.96
N VAL A 461 -2.92 -30.84 10.78
CA VAL A 461 -2.41 -29.58 10.29
C VAL A 461 -0.98 -29.22 10.65
N SER A 462 -0.66 -29.04 11.93
CA SER A 462 0.65 -28.59 12.34
C SER A 462 0.81 -28.85 13.80
N GLN A 463 2.04 -29.15 14.19
CA GLN A 463 2.39 -29.24 15.63
C GLN A 463 2.65 -27.87 16.26
N LEU A 464 2.83 -26.85 15.38
CA LEU A 464 3.24 -25.49 15.73
C LEU A 464 2.05 -24.56 16.01
N LEU A 465 0.84 -25.10 16.09
CA LEU A 465 -0.35 -24.38 16.49
C LEU A 465 -0.56 -24.33 18.00
N PRO A 466 -1.34 -23.33 18.46
CA PRO A 466 -1.75 -23.27 19.88
C PRO A 466 -2.33 -24.58 20.44
N GLU A 467 -1.92 -24.96 21.63
CA GLU A 467 -2.50 -26.15 22.29
C GLU A 467 -3.78 -25.81 23.02
N LYS A 468 -3.92 -24.52 23.41
CA LYS A 468 -5.11 -24.03 24.09
C LYS A 468 -5.66 -22.84 23.33
N PHE A 469 -6.96 -22.57 23.47
CA PHE A 469 -7.58 -21.49 22.67
C PHE A 469 -8.26 -20.40 23.50
N ALA A 470 -7.98 -20.41 24.81
CA ALA A 470 -8.47 -19.38 25.70
C ALA A 470 -7.47 -19.14 26.83
N GLU A 471 -7.39 -17.89 27.26
CA GLU A 471 -6.53 -17.51 28.38
C GLU A 471 -7.06 -16.24 29.00
N GLN A 472 -6.56 -15.96 30.22
CA GLN A 472 -6.95 -14.70 30.86
C GLN A 472 -5.73 -13.85 31.17
N LEU A 473 -5.85 -12.56 30.88
CA LEU A 473 -4.86 -11.57 31.26
C LEU A 473 -5.43 -10.70 32.35
N ILE A 474 -4.60 -10.41 33.34
CA ILE A 474 -4.96 -9.56 34.47
C ILE A 474 -4.05 -8.33 34.44
N ARG A 475 -4.64 -7.16 34.23
CA ARG A 475 -3.90 -5.90 34.33
C ARG A 475 -4.26 -5.21 35.63
N VAL A 476 -3.25 -4.63 36.29
CA VAL A 476 -3.48 -3.82 37.45
C VAL A 476 -3.04 -2.40 37.18
N TYR A 477 -3.86 -1.45 37.61
CA TYR A 477 -3.54 -0.03 37.55
C TYR A 477 -3.68 0.58 38.92
N CYS A 478 -3.10 1.77 39.09
CA CYS A 478 -3.20 2.55 40.32
C CYS A 478 -3.79 3.91 40.00
N LYS A 479 -4.81 4.32 40.74
CA LYS A 479 -5.41 5.64 40.58
C LYS A 479 -4.59 6.77 41.16
N LYS A 480 -3.67 6.46 42.06
CA LYS A 480 -2.73 7.46 42.57
C LYS A 480 -1.51 7.46 41.67
N VAL A 481 -1.21 8.64 41.13
CA VAL A 481 -0.29 8.75 39.97
C VAL A 481 1.15 9.17 40.34
N ASP A 482 1.35 9.57 41.58
CA ASP A 482 2.67 9.98 42.02
C ASP A 482 3.65 8.79 42.14
N ARG A 483 4.91 9.16 42.02
CA ARG A 483 6.02 8.21 42.03
C ARG A 483 6.06 7.30 43.25
N LYS A 484 5.83 7.83 44.44
CA LYS A 484 5.84 7.05 45.65
C LYS A 484 4.70 6.01 45.64
N SER A 485 3.52 6.46 45.22
CA SER A 485 2.36 5.58 45.15
C SER A 485 2.55 4.46 44.11
N LEU A 486 3.13 4.80 42.97
CA LEU A 486 3.36 3.82 41.93
C LEU A 486 4.38 2.76 42.37
N TYR A 487 5.43 3.19 43.07
CA TYR A 487 6.41 2.27 43.62
C TYR A 487 5.74 1.30 44.60
N ALA A 488 4.90 1.85 45.48
CA ALA A 488 4.17 1.02 46.43
C ALA A 488 3.22 0.05 45.71
N ALA A 489 2.52 0.55 44.73
CA ALA A 489 1.57 -0.27 43.96
C ALA A 489 2.25 -1.46 43.30
N ARG A 490 3.47 -1.26 42.80
CA ARG A 490 4.24 -2.35 42.21
C ARG A 490 4.56 -3.43 43.21
N GLN A 491 4.87 -3.02 44.45
CA GLN A 491 5.20 -4.00 45.50
C GLN A 491 3.95 -4.82 45.87
N TYR A 492 2.84 -4.17 46.09
CA TYR A 492 1.58 -4.86 46.41
C TYR A 492 1.20 -5.83 45.26
N PHE A 493 1.34 -5.34 44.03
CA PHE A 493 0.99 -6.13 42.88
C PHE A 493 1.78 -7.43 42.76
N VAL A 494 3.10 -7.32 42.82
CA VAL A 494 3.96 -8.50 42.66
C VAL A 494 3.76 -9.45 43.85
N GLN A 495 3.56 -8.89 45.05
CA GLN A 495 3.27 -9.71 46.20
C GLN A 495 1.97 -10.51 46.00
N TRP A 496 0.95 -9.83 45.50
CA TRP A 496 -0.33 -10.45 45.21
C TRP A 496 -0.17 -11.59 44.20
N CYS A 497 0.59 -11.33 43.13
CA CYS A 497 0.88 -12.37 42.14
C CYS A 497 1.52 -13.59 42.79
N ALA A 498 2.51 -13.37 43.63
CA ALA A 498 3.18 -14.47 44.35
C ALA A 498 2.19 -15.21 45.24
N ASP A 499 1.39 -14.45 46.00
CA ASP A 499 0.42 -15.04 46.92
C ASP A 499 -0.61 -15.92 46.17
N ARG A 500 -1.09 -15.44 45.04
CA ARG A 500 -1.98 -16.24 44.19
C ARG A 500 -1.33 -17.23 43.26
N ASN A 501 0.01 -17.36 43.27
CA ASN A 501 0.69 -18.24 42.31
C ASN A 501 0.30 -17.89 40.84
N PHE A 502 0.12 -16.61 40.57
CA PHE A 502 0.02 -16.12 39.21
C PHE A 502 1.41 -16.08 38.58
N THR A 503 1.50 -15.82 37.28
CA THR A 503 2.79 -15.83 36.63
C THR A 503 3.59 -14.62 37.07
N LYS A 504 4.92 -14.77 37.01
CA LYS A 504 5.81 -13.66 37.33
C LYS A 504 5.65 -12.56 36.31
N PRO A 505 5.32 -11.34 36.74
CA PRO A 505 5.33 -10.25 35.78
C PRO A 505 6.62 -10.09 35.02
N GLN A 506 6.54 -9.76 33.76
CA GLN A 506 7.70 -9.65 32.86
C GLN A 506 8.81 -8.80 33.43
N ASP A 507 8.42 -7.67 34.04
CA ASP A 507 9.41 -6.73 34.59
C ASP A 507 9.57 -6.92 36.11
N GLY A 508 9.11 -8.05 36.65
CA GLY A 508 9.04 -8.27 38.09
C GLY A 508 10.32 -8.07 38.85
N ASP A 509 11.43 -8.56 38.29
CA ASP A 509 12.73 -8.40 38.98
C ASP A 509 13.22 -6.95 38.99
N VAL A 510 12.74 -6.14 38.08
CA VAL A 510 13.10 -4.72 38.04
C VAL A 510 12.18 -3.89 38.91
N ILE A 511 10.86 -4.06 38.79
CA ILE A 511 9.90 -3.24 39.52
C ILE A 511 9.76 -3.65 41.01
N ALA A 512 10.09 -4.90 41.34
CA ALA A 512 9.96 -5.37 42.69
C ALA A 512 11.07 -6.36 43.07
N PRO A 513 12.33 -5.88 43.04
CA PRO A 513 13.50 -6.74 43.27
C PRO A 513 13.54 -7.41 44.64
N LEU A 514 12.85 -6.83 45.63
CA LEU A 514 12.82 -7.39 46.98
C LEU A 514 11.72 -8.42 47.19
N ILE A 515 10.70 -8.39 46.34
CA ILE A 515 9.59 -9.34 46.38
C ILE A 515 9.86 -10.60 45.55
N THR A 516 10.49 -10.48 44.37
CA THR A 516 10.54 -11.68 43.52
C THR A 516 11.40 -12.85 44.05
N PRO A 517 12.44 -12.61 44.85
CA PRO A 517 13.19 -13.75 45.37
C PRO A 517 12.42 -14.71 46.26
N GLN A 518 11.39 -14.26 46.96
CA GLN A 518 10.61 -15.17 47.80
C GLN A 518 9.98 -16.35 47.06
N LYS A 519 9.61 -16.18 45.79
CA LYS A 519 8.97 -17.24 45.07
C LYS A 519 9.94 -18.23 44.43
N LYS A 520 9.89 -19.48 44.90
CA LYS A 520 10.66 -20.60 44.38
C LYS A 520 10.55 -20.79 42.86
N GLU A 521 9.29 -20.85 42.40
CA GLU A 521 8.89 -21.15 41.04
C GLU A 521 9.36 -20.09 40.04
N TRP A 522 9.75 -18.91 40.50
CA TRP A 522 10.28 -17.87 39.68
C TRP A 522 11.81 -17.79 39.56
N ASN A 523 12.52 -18.55 40.39
CA ASN A 523 13.98 -18.72 40.17
C ASN A 523 14.71 -17.43 40.55
N ASP B 37 -14.62 -28.36 -16.56
CA ASP B 37 -13.50 -27.98 -15.66
C ASP B 37 -13.96 -26.82 -14.78
N THR B 38 -13.02 -26.48 -13.88
CA THR B 38 -12.98 -25.19 -13.18
C THR B 38 -11.67 -24.37 -13.59
N MET B 39 -11.74 -23.10 -13.21
CA MET B 39 -10.75 -22.13 -13.48
C MET B 39 -9.43 -22.47 -12.77
N LYS B 40 -8.25 -22.15 -13.31
CA LYS B 40 -7.12 -22.03 -12.38
C LYS B 40 -7.18 -20.64 -11.74
N VAL B 41 -6.76 -20.55 -10.46
CA VAL B 41 -6.61 -19.30 -9.79
C VAL B 41 -5.16 -18.91 -9.66
N ILE B 42 -4.83 -17.69 -9.97
CA ILE B 42 -3.43 -17.21 -9.98
C ILE B 42 -3.38 -15.96 -9.04
N ASN B 43 -2.42 -15.91 -8.16
CA ASN B 43 -2.27 -14.75 -7.31
C ASN B 43 -1.29 -13.78 -7.90
N ASP B 44 -1.77 -12.58 -8.25
CA ASP B 44 -0.95 -11.54 -8.86
C ASP B 44 -0.82 -10.35 -7.86
N PRO B 45 0.36 -9.83 -7.66
CA PRO B 45 0.44 -8.75 -6.66
C PRO B 45 -0.26 -7.49 -7.04
N ILE B 46 -0.50 -7.22 -8.31
CA ILE B 46 -1.28 -6.03 -8.67
C ILE B 46 -2.77 -6.32 -8.57
N HIS B 47 -3.24 -7.44 -9.14
CA HIS B 47 -4.65 -7.66 -9.25
C HIS B 47 -5.24 -8.67 -8.24
N GLY B 48 -4.39 -9.27 -7.46
CA GLY B 48 -4.83 -10.25 -6.51
C GLY B 48 -5.15 -11.54 -7.22
N HIS B 49 -6.23 -12.15 -6.80
CA HIS B 49 -6.61 -13.52 -7.26
C HIS B 49 -7.38 -13.45 -8.58
N ILE B 50 -6.77 -13.99 -9.63
CA ILE B 50 -7.27 -13.93 -10.96
C ILE B 50 -7.72 -15.34 -11.36
N GLU B 51 -8.88 -15.42 -11.95
CA GLU B 51 -9.39 -16.70 -12.51
C GLU B 51 -9.02 -16.83 -13.97
N LEU B 52 -8.43 -17.97 -14.33
CA LEU B 52 -8.10 -18.26 -15.75
C LEU B 52 -8.89 -19.42 -16.26
N HIS B 53 -9.70 -19.16 -17.27
CA HIS B 53 -10.44 -20.17 -18.03
C HIS B 53 -9.43 -21.23 -18.61
N PRO B 54 -9.88 -22.49 -18.67
CA PRO B 54 -8.96 -23.55 -19.11
C PRO B 54 -8.39 -23.36 -20.52
N LEU B 55 -9.13 -22.74 -21.41
CA LEU B 55 -8.58 -22.41 -22.72
C LEU B 55 -7.41 -21.44 -22.60
N LEU B 56 -7.52 -20.46 -21.70
CA LEU B 56 -6.42 -19.52 -21.49
C LEU B 56 -5.22 -20.23 -20.91
N VAL B 57 -5.44 -21.19 -20.01
CA VAL B 57 -4.35 -21.98 -19.45
C VAL B 57 -3.60 -22.76 -20.54
N ARG B 58 -4.35 -23.35 -21.48
CA ARG B 58 -3.75 -24.08 -22.57
C ARG B 58 -2.83 -23.20 -23.41
N ILE B 59 -3.28 -21.98 -23.66
CA ILE B 59 -2.50 -20.99 -24.42
C ILE B 59 -1.23 -20.58 -23.65
N ILE B 60 -1.41 -20.37 -22.35
CA ILE B 60 -0.31 -19.93 -21.49
C ILE B 60 0.78 -20.99 -21.35
N ASP B 61 0.39 -22.26 -21.25
CA ASP B 61 1.33 -23.33 -21.04
C ASP B 61 1.93 -23.83 -22.36
N THR B 62 2.65 -22.92 -23.02
CA THR B 62 3.30 -23.20 -24.28
C THR B 62 4.64 -22.48 -24.29
N PRO B 63 5.64 -23.00 -25.04
CA PRO B 63 6.92 -22.31 -25.14
C PRO B 63 6.80 -20.88 -25.69
N GLN B 64 5.84 -20.62 -26.56
CA GLN B 64 5.68 -19.32 -27.14
C GLN B 64 5.18 -18.28 -26.13
N PHE B 65 4.36 -18.70 -25.17
CA PHE B 65 3.91 -17.79 -24.14
C PHE B 65 4.86 -17.70 -22.97
N GLN B 66 5.38 -18.84 -22.53
CA GLN B 66 6.32 -18.92 -21.42
C GLN B 66 7.64 -18.15 -21.66
N ARG B 67 7.95 -18.00 -22.93
CA ARG B 67 9.03 -17.13 -23.41
C ARG B 67 9.03 -15.74 -22.77
N LEU B 68 7.83 -15.21 -22.52
CA LEU B 68 7.69 -13.86 -21.96
C LEU B 68 8.23 -13.74 -20.51
N ARG B 69 8.45 -14.88 -19.86
CA ARG B 69 9.12 -14.87 -18.56
C ARG B 69 10.54 -14.37 -18.65
N TYR B 70 11.13 -14.44 -19.85
CA TYR B 70 12.56 -14.14 -20.01
C TYR B 70 12.81 -12.80 -20.73
N ILE B 71 11.80 -11.96 -20.76
CA ILE B 71 11.90 -10.64 -21.38
C ILE B 71 11.44 -9.54 -20.39
N LYS B 72 12.34 -8.68 -19.98
CA LYS B 72 12.05 -7.64 -19.01
C LYS B 72 11.16 -6.59 -19.58
N GLN B 73 10.10 -6.25 -18.82
CA GLN B 73 9.14 -5.20 -19.22
C GLN B 73 9.83 -3.90 -19.61
N LEU B 74 10.75 -3.45 -18.77
CA LEU B 74 11.36 -2.11 -18.91
C LEU B 74 12.79 -2.13 -19.45
N GLY B 75 13.25 -3.30 -19.92
CA GLY B 75 14.58 -3.45 -20.47
C GLY B 75 15.70 -2.91 -19.63
N GLY B 76 16.43 -1.93 -20.16
CA GLY B 76 17.54 -1.34 -19.42
C GLY B 76 17.16 -0.59 -18.18
N GLY B 77 15.88 -0.26 -18.05
CA GLY B 77 15.36 0.38 -16.80
C GLY B 77 15.72 -0.33 -15.53
N TYR B 78 15.83 -1.66 -15.58
CA TYR B 78 16.20 -2.46 -14.41
C TYR B 78 17.57 -2.02 -13.86
N TYR B 79 18.44 -1.59 -14.77
CA TYR B 79 19.80 -1.16 -14.42
C TYR B 79 19.82 0.23 -13.78
N VAL B 80 18.66 0.89 -13.71
CA VAL B 80 18.50 2.17 -13.03
C VAL B 80 17.53 2.08 -11.85
N PHE B 81 16.47 1.32 -12.01
CA PHE B 81 15.46 1.08 -10.98
C PHE B 81 15.54 -0.40 -10.62
N PRO B 82 16.13 -0.73 -9.49
CA PRO B 82 16.37 -2.14 -9.16
C PRO B 82 15.07 -2.88 -8.81
N GLY B 83 13.98 -2.20 -8.54
CA GLY B 83 12.71 -2.89 -8.42
C GLY B 83 12.14 -3.43 -9.71
N ALA B 84 12.55 -2.88 -10.85
CA ALA B 84 11.95 -3.20 -12.16
C ALA B 84 12.53 -4.47 -12.77
N SER B 85 12.40 -5.56 -12.03
CA SER B 85 12.79 -6.89 -12.43
C SER B 85 11.65 -7.62 -13.21
N HIS B 86 10.47 -7.03 -13.26
CA HIS B 86 9.31 -7.68 -13.82
C HIS B 86 9.37 -7.93 -15.34
N ASN B 87 8.77 -9.02 -15.78
CA ASN B 87 8.82 -9.47 -17.13
C ASN B 87 7.48 -9.34 -17.87
N ARG B 88 7.53 -9.52 -19.20
CA ARG B 88 6.36 -9.39 -20.02
C ARG B 88 5.27 -10.44 -19.70
N PHE B 89 5.66 -11.58 -19.12
CA PHE B 89 4.74 -12.64 -18.84
C PHE B 89 3.62 -12.20 -17.87
N GLU B 90 4.01 -11.67 -16.72
CA GLU B 90 3.07 -11.25 -15.71
C GLU B 90 2.25 -10.05 -16.20
N HIS B 91 2.85 -9.16 -16.96
CA HIS B 91 2.13 -8.04 -17.56
C HIS B 91 1.02 -8.59 -18.49
N SER B 92 1.36 -9.62 -19.27
CA SER B 92 0.39 -10.21 -20.17
C SER B 92 -0.82 -10.81 -19.45
N LEU B 93 -0.57 -11.50 -18.34
CA LEU B 93 -1.67 -12.04 -17.53
C LEU B 93 -2.57 -10.92 -17.08
N GLY B 94 -1.98 -9.81 -16.66
CA GLY B 94 -2.74 -8.66 -16.14
C GLY B 94 -3.59 -8.03 -17.22
N VAL B 95 -3.04 -7.92 -18.44
CA VAL B 95 -3.77 -7.34 -19.54
C VAL B 95 -4.99 -8.23 -19.89
N GLY B 96 -4.78 -9.55 -19.95
CA GLY B 96 -5.85 -10.47 -20.22
C GLY B 96 -6.95 -10.38 -19.12
N TYR B 97 -6.51 -10.29 -17.87
CA TYR B 97 -7.44 -10.14 -16.78
C TYR B 97 -8.29 -8.86 -16.89
N LEU B 98 -7.65 -7.71 -17.10
CA LEU B 98 -8.37 -6.47 -17.19
C LEU B 98 -9.29 -6.40 -18.41
N ALA B 99 -8.84 -6.97 -19.54
CA ALA B 99 -9.68 -7.05 -20.71
C ALA B 99 -11.00 -7.79 -20.37
N GLY B 100 -10.88 -8.91 -19.67
CA GLY B 100 -12.02 -9.64 -19.17
C GLY B 100 -12.91 -8.84 -18.21
N CYS B 101 -12.30 -8.10 -17.27
CA CYS B 101 -13.05 -7.25 -16.36
C CYS B 101 -13.90 -6.23 -17.09
N LEU B 102 -13.31 -5.56 -18.07
CA LEU B 102 -14.03 -4.49 -18.77
C LEU B 102 -15.16 -5.07 -19.57
N VAL B 103 -14.90 -6.10 -20.40
CA VAL B 103 -15.96 -6.66 -21.21
C VAL B 103 -17.09 -7.24 -20.34
N HIS B 104 -16.79 -7.95 -19.26
CA HIS B 104 -17.79 -8.41 -18.30
C HIS B 104 -18.63 -7.24 -17.76
N ALA B 105 -18.00 -6.18 -17.27
CA ALA B 105 -18.71 -5.08 -16.68
C ALA B 105 -19.70 -4.47 -17.68
N LEU B 106 -19.25 -4.26 -18.92
CA LEU B 106 -20.11 -3.70 -19.94
C LEU B 106 -21.33 -4.58 -20.18
N GLY B 107 -21.10 -5.90 -20.25
CA GLY B 107 -22.15 -6.87 -20.50
C GLY B 107 -23.18 -6.93 -19.38
N GLU B 108 -22.70 -6.84 -18.13
CA GLU B 108 -23.62 -6.85 -16.99
C GLU B 108 -24.49 -5.61 -16.91
N LYS B 109 -23.92 -4.45 -17.17
CA LYS B 109 -24.67 -3.19 -17.17
C LYS B 109 -25.61 -3.05 -18.38
N GLN B 110 -25.19 -3.55 -19.54
CA GLN B 110 -25.96 -3.40 -20.78
C GLN B 110 -26.17 -4.75 -21.48
N PRO B 111 -27.11 -5.57 -20.96
CA PRO B 111 -27.46 -6.84 -21.60
C PRO B 111 -27.80 -6.69 -23.08
N GLU B 112 -28.30 -5.50 -23.45
CA GLU B 112 -28.71 -5.29 -24.83
C GLU B 112 -27.55 -5.31 -25.84
N LEU B 113 -26.33 -5.24 -25.34
CA LEU B 113 -25.18 -5.34 -26.23
C LEU B 113 -24.96 -6.75 -26.75
N GLN B 114 -25.60 -7.75 -26.14
CA GLN B 114 -25.48 -9.14 -26.54
C GLN B 114 -24.03 -9.65 -26.46
N ILE B 115 -23.25 -9.23 -25.50
CA ILE B 115 -21.94 -9.81 -25.33
C ILE B 115 -22.02 -11.26 -24.96
N SER B 116 -21.45 -12.19 -25.75
CA SER B 116 -21.45 -13.59 -25.39
C SER B 116 -20.16 -14.02 -24.68
N GLU B 117 -20.24 -15.21 -24.08
CA GLU B 117 -19.06 -15.77 -23.40
C GLU B 117 -17.94 -15.98 -24.42
N ARG B 118 -18.30 -16.30 -25.64
CA ARG B 118 -17.37 -16.40 -26.73
C ARG B 118 -16.67 -15.06 -26.96
N ASP B 119 -17.42 -13.94 -26.91
CA ASP B 119 -16.80 -12.64 -27.06
C ASP B 119 -15.83 -12.37 -25.89
N VAL B 120 -16.27 -12.72 -24.67
CA VAL B 120 -15.42 -12.48 -23.51
C VAL B 120 -14.11 -13.24 -23.64
N LEU B 121 -14.18 -14.51 -24.02
CA LEU B 121 -12.98 -15.32 -24.19
C LEU B 121 -12.03 -14.77 -25.26
N CYS B 122 -12.58 -14.31 -26.38
CA CYS B 122 -11.78 -13.76 -27.44
C CYS B 122 -11.07 -12.45 -27.03
N VAL B 123 -11.76 -11.62 -26.26
CA VAL B 123 -11.17 -10.41 -25.76
C VAL B 123 -10.07 -10.73 -24.74
N GLN B 124 -10.30 -11.70 -23.87
CA GLN B 124 -9.29 -12.13 -22.92
C GLN B 124 -8.05 -12.68 -23.65
N ILE B 125 -8.27 -13.49 -24.70
CA ILE B 125 -7.16 -14.07 -25.43
C ILE B 125 -6.31 -12.98 -26.10
N ALA B 126 -6.98 -11.99 -26.70
CA ALA B 126 -6.29 -10.88 -27.32
C ALA B 126 -5.47 -10.13 -26.28
N GLY B 127 -6.08 -9.87 -25.12
CA GLY B 127 -5.38 -9.17 -24.04
C GLY B 127 -4.17 -9.95 -23.58
N LEU B 128 -4.35 -11.26 -23.44
CA LEU B 128 -3.28 -12.16 -23.04
C LEU B 128 -2.13 -12.18 -24.03
N CYS B 129 -2.43 -12.11 -25.34
CA CYS B 129 -1.45 -12.38 -26.35
C CYS B 129 -0.88 -11.15 -27.05
N ARG B 130 -1.33 -9.95 -26.67
CA ARG B 130 -0.85 -8.76 -27.38
C ARG B 130 0.60 -8.38 -27.07
N ASN B 131 1.24 -9.11 -26.16
CA ASN B 131 2.67 -8.87 -25.89
C ASN B 131 3.61 -9.98 -26.45
N LEU B 132 3.05 -10.94 -27.20
CA LEU B 132 3.84 -12.08 -27.64
C LEU B 132 5.01 -11.74 -28.57
N GLY B 133 4.91 -10.62 -29.26
CA GLY B 133 5.89 -10.23 -30.25
C GLY B 133 7.12 -9.48 -29.75
N HIS B 134 7.12 -9.13 -28.47
CA HIS B 134 8.24 -8.37 -27.92
C HIS B 134 9.52 -9.19 -28.00
N GLY B 135 10.63 -8.45 -28.12
CA GLY B 135 11.96 -9.07 -28.23
C GLY B 135 12.79 -8.76 -27.02
N PRO B 136 14.03 -9.21 -26.98
CA PRO B 136 14.90 -8.98 -25.85
C PRO B 136 14.89 -7.49 -25.40
N PHE B 137 14.68 -7.31 -24.10
CA PHE B 137 14.65 -5.99 -23.52
C PHE B 137 13.51 -5.11 -24.06
N SER B 138 12.46 -5.72 -24.56
CA SER B 138 11.28 -5.01 -24.97
C SER B 138 11.55 -3.88 -25.97
N HIS B 139 11.27 -2.63 -25.58
CA HIS B 139 11.30 -1.53 -26.51
C HIS B 139 12.68 -1.30 -27.14
N MET B 140 13.72 -1.74 -26.46
CA MET B 140 15.05 -1.63 -27.00
C MET B 140 15.15 -2.35 -28.36
N PHE B 141 14.52 -3.52 -28.43
CA PHE B 141 14.59 -4.36 -29.62
C PHE B 141 13.89 -3.72 -30.85
N ASP B 142 12.63 -3.34 -30.66
CA ASP B 142 11.88 -2.72 -31.74
C ASP B 142 12.18 -1.23 -31.89
N GLY B 143 12.52 -0.57 -30.79
CA GLY B 143 12.78 0.88 -30.85
C GLY B 143 14.20 1.26 -31.24
N ARG B 144 15.19 0.41 -30.97
CA ARG B 144 16.58 0.76 -31.23
C ARG B 144 17.32 -0.23 -32.12
N PHE B 145 17.27 -1.52 -31.78
CA PHE B 145 18.11 -2.52 -32.45
C PHE B 145 17.67 -2.83 -33.88
N ILE B 146 16.41 -3.23 -34.06
CA ILE B 146 15.96 -3.60 -35.38
C ILE B 146 16.07 -2.44 -36.42
N PRO B 147 15.65 -1.22 -36.04
CA PRO B 147 15.82 -0.13 -37.02
C PRO B 147 17.28 0.10 -37.44
N LEU B 148 18.25 -0.17 -36.58
CA LEU B 148 19.65 -0.06 -36.96
C LEU B 148 20.18 -1.31 -37.67
N ALA B 149 19.80 -2.50 -37.22
CA ALA B 149 20.28 -3.73 -37.84
C ALA B 149 19.61 -4.00 -39.20
N ARG B 150 18.33 -3.66 -39.31
CA ARG B 150 17.55 -3.98 -40.50
C ARG B 150 16.72 -2.76 -40.90
N PRO B 151 17.37 -1.69 -41.37
CA PRO B 151 16.69 -0.44 -41.73
C PRO B 151 15.64 -0.60 -42.82
N GLU B 152 15.89 -1.50 -43.76
CA GLU B 152 14.93 -1.76 -44.85
C GLU B 152 13.58 -2.31 -44.36
N VAL B 153 13.59 -3.19 -43.35
CA VAL B 153 12.34 -3.81 -42.92
C VAL B 153 11.56 -2.91 -41.99
N LYS B 154 10.25 -3.06 -42.02
CA LYS B 154 9.36 -2.36 -41.08
C LYS B 154 8.88 -3.44 -40.11
N TRP B 155 9.17 -3.24 -38.84
CA TRP B 155 8.84 -4.27 -37.86
C TRP B 155 8.20 -3.61 -36.68
N THR B 156 7.17 -4.22 -36.12
CA THR B 156 6.57 -3.74 -34.89
C THR B 156 6.31 -4.94 -33.98
N HIS B 157 6.22 -4.67 -32.68
CA HIS B 157 5.88 -5.72 -31.74
C HIS B 157 4.48 -6.30 -32.05
N GLU B 158 3.60 -5.43 -32.53
CA GLU B 158 2.23 -5.80 -32.90
C GLU B 158 2.23 -6.88 -33.98
N GLN B 159 3.01 -6.66 -35.03
CA GLN B 159 3.15 -7.62 -36.12
C GLN B 159 3.73 -8.90 -35.58
N GLY B 160 4.77 -8.76 -34.76
CA GLY B 160 5.40 -9.91 -34.11
C GLY B 160 4.41 -10.71 -33.30
N SER B 161 3.53 -10.01 -32.58
CA SER B 161 2.54 -10.68 -31.70
C SER B 161 1.57 -11.54 -32.55
N VAL B 162 1.12 -11.00 -33.68
CA VAL B 162 0.25 -11.75 -34.57
C VAL B 162 0.93 -12.99 -35.13
N MET B 163 2.18 -12.82 -35.56
CA MET B 163 2.95 -13.95 -36.09
C MET B 163 3.18 -15.02 -35.02
N MET B 164 3.56 -14.59 -33.81
CA MET B 164 3.81 -15.52 -32.74
C MET B 164 2.51 -16.22 -32.29
N PHE B 165 1.41 -15.49 -32.33
CA PHE B 165 0.12 -16.06 -31.96
C PHE B 165 -0.25 -17.19 -32.90
N GLU B 166 -0.08 -16.91 -34.20
CA GLU B 166 -0.35 -17.93 -35.24
C GLU B 166 0.54 -19.17 -35.00
N HIS B 167 1.82 -18.92 -34.73
CA HIS B 167 2.76 -19.98 -34.46
C HIS B 167 2.36 -20.77 -33.22
N LEU B 168 1.94 -20.05 -32.17
CA LEU B 168 1.48 -20.68 -30.94
C LEU B 168 0.27 -21.59 -31.18
N ILE B 169 -0.73 -21.08 -31.90
CA ILE B 169 -1.94 -21.83 -32.18
C ILE B 169 -1.61 -23.10 -32.96
N ASN B 170 -0.83 -22.94 -34.04
CA ASN B 170 -0.52 -24.06 -34.92
C ASN B 170 0.39 -25.09 -34.30
N SER B 171 1.37 -24.64 -33.54
CA SER B 171 2.35 -25.56 -32.91
C SER B 171 1.77 -26.35 -31.73
N ASN B 172 0.68 -25.90 -31.13
CA ASN B 172 0.19 -26.50 -29.91
C ASN B 172 -1.22 -27.09 -29.97
N GLY B 173 -1.77 -27.22 -31.19
CA GLY B 173 -3.09 -27.80 -31.40
C GLY B 173 -4.18 -27.08 -30.60
N ILE B 174 -4.13 -25.75 -30.60
CA ILE B 174 -5.10 -24.97 -29.85
C ILE B 174 -6.49 -24.94 -30.52
N LYS B 175 -6.55 -25.00 -31.84
CA LYS B 175 -7.83 -24.84 -32.54
C LYS B 175 -8.92 -25.82 -32.06
N PRO B 176 -8.59 -27.12 -31.90
CA PRO B 176 -9.63 -28.00 -31.36
C PRO B 176 -10.04 -27.63 -29.95
N VAL B 177 -9.12 -27.10 -29.14
CA VAL B 177 -9.48 -26.67 -27.79
C VAL B 177 -10.44 -25.46 -27.84
N MET B 178 -10.21 -24.55 -28.78
CA MET B 178 -11.11 -23.42 -28.98
C MET B 178 -12.53 -23.85 -29.32
N GLU B 179 -12.64 -24.85 -30.21
CA GLU B 179 -13.95 -25.39 -30.60
C GLU B 179 -14.65 -26.03 -29.40
N GLN B 180 -13.87 -26.74 -28.60
CA GLN B 180 -14.39 -27.39 -27.41
C GLN B 180 -15.07 -26.40 -26.47
N TYR B 181 -14.54 -25.18 -26.38
CA TYR B 181 -15.11 -24.15 -25.51
C TYR B 181 -16.03 -23.16 -26.24
N GLY B 182 -16.43 -23.51 -27.45
CA GLY B 182 -17.45 -22.74 -28.17
C GLY B 182 -16.94 -21.66 -29.13
N LEU B 183 -15.64 -21.53 -29.28
CA LEU B 183 -15.09 -20.62 -30.27
C LEU B 183 -15.18 -21.20 -31.68
N ILE B 184 -15.27 -20.30 -32.66
CA ILE B 184 -15.29 -20.68 -34.08
C ILE B 184 -13.95 -20.14 -34.65
N PRO B 185 -12.96 -21.04 -34.80
CA PRO B 185 -11.58 -20.63 -35.02
C PRO B 185 -11.32 -19.64 -36.14
N GLU B 186 -11.94 -19.86 -37.30
CA GLU B 186 -11.70 -18.98 -38.45
C GLU B 186 -12.06 -17.53 -38.13
N GLU B 187 -13.28 -17.32 -37.66
CA GLU B 187 -13.78 -15.99 -37.31
C GLU B 187 -13.03 -15.42 -36.09
N ASP B 188 -12.81 -16.26 -35.09
CA ASP B 188 -12.33 -15.79 -33.80
C ASP B 188 -10.82 -15.54 -33.78
N ILE B 189 -10.04 -16.35 -34.52
CA ILE B 189 -8.63 -16.10 -34.72
C ILE B 189 -8.45 -14.73 -35.40
N CYS B 190 -9.24 -14.51 -36.42
CA CYS B 190 -9.26 -13.25 -37.13
C CYS B 190 -9.56 -12.08 -36.16
N PHE B 191 -10.60 -12.25 -35.34
CA PHE B 191 -11.02 -11.24 -34.37
C PHE B 191 -9.87 -10.92 -33.39
N ILE B 192 -9.25 -11.98 -32.86
CA ILE B 192 -8.14 -11.80 -31.93
C ILE B 192 -6.96 -11.05 -32.56
N LYS B 193 -6.60 -11.42 -33.77
CA LYS B 193 -5.51 -10.74 -34.46
C LYS B 193 -5.84 -9.27 -34.73
N GLU B 194 -7.09 -9.01 -35.11
CA GLU B 194 -7.53 -7.65 -35.37
C GLU B 194 -7.48 -6.77 -34.11
N GLN B 195 -7.79 -7.35 -32.96
CA GLN B 195 -7.68 -6.61 -31.70
C GLN B 195 -6.24 -6.20 -31.43
N ILE B 196 -5.29 -7.07 -31.84
CA ILE B 196 -3.87 -6.85 -31.57
C ILE B 196 -3.25 -5.85 -32.55
N VAL B 197 -3.51 -6.00 -33.83
CA VAL B 197 -2.82 -5.21 -34.85
C VAL B 197 -3.73 -4.24 -35.64
N GLY B 198 -5.03 -4.37 -35.47
CA GLY B 198 -5.99 -3.51 -36.17
C GLY B 198 -6.46 -4.18 -37.45
N PRO B 199 -7.15 -3.39 -38.31
CA PRO B 199 -7.66 -3.93 -39.57
C PRO B 199 -6.56 -4.69 -40.35
N LEU B 200 -6.87 -5.92 -40.78
CA LEU B 200 -5.92 -6.73 -41.55
C LEU B 200 -5.79 -6.21 -43.05
N GLU B 201 -6.59 -5.19 -43.43
CA GLU B 201 -6.37 -4.28 -44.58
C GLU B 201 -6.36 -2.80 -44.06
N LEU B 208 -17.48 2.58 -44.75
CA LEU B 208 -17.06 1.18 -44.90
C LEU B 208 -16.38 0.65 -43.64
N TRP B 209 -16.92 -0.46 -43.13
CA TRP B 209 -16.47 -1.14 -41.87
C TRP B 209 -15.34 -2.17 -42.17
N PRO B 210 -14.13 -1.89 -41.65
CA PRO B 210 -12.91 -2.57 -42.09
C PRO B 210 -12.61 -3.92 -41.43
N TYR B 211 -13.35 -4.28 -40.40
CA TYR B 211 -13.02 -5.50 -39.65
C TYR B 211 -13.88 -6.68 -40.08
N LYS B 212 -13.30 -7.87 -40.03
CA LYS B 212 -13.98 -9.11 -40.39
C LYS B 212 -14.31 -10.03 -39.22
N GLY B 213 -13.68 -9.85 -38.08
CA GLY B 213 -13.86 -10.79 -36.94
C GLY B 213 -15.20 -10.62 -36.27
N ARG B 214 -15.68 -9.38 -36.23
CA ARG B 214 -16.98 -9.04 -35.62
C ARG B 214 -17.56 -7.85 -36.39
N PRO B 215 -18.90 -7.69 -36.40
CA PRO B 215 -19.56 -6.60 -37.11
C PRO B 215 -19.69 -5.29 -36.29
N GLU B 216 -20.27 -4.25 -36.95
CA GLU B 216 -20.34 -2.92 -36.33
C GLU B 216 -21.11 -2.88 -35.02
N ASN B 217 -22.06 -3.80 -34.83
CA ASN B 217 -22.79 -3.83 -33.58
C ASN B 217 -21.95 -4.32 -32.39
N LYS B 218 -20.74 -4.84 -32.65
CA LYS B 218 -19.77 -5.17 -31.61
C LYS B 218 -18.50 -4.29 -31.69
N SER B 219 -18.63 -3.14 -32.31
CA SER B 219 -17.50 -2.24 -32.53
C SER B 219 -16.71 -1.86 -31.27
N PHE B 220 -17.44 -1.64 -30.18
CA PHE B 220 -16.89 -1.33 -28.88
C PHE B 220 -15.85 -2.36 -28.40
N LEU B 221 -15.99 -3.60 -28.85
CA LEU B 221 -15.05 -4.64 -28.43
C LEU B 221 -13.64 -4.39 -28.93
N TYR B 222 -13.50 -3.67 -30.05
CA TYR B 222 -12.20 -3.28 -30.56
C TYR B 222 -11.53 -2.14 -29.79
N GLU B 223 -12.23 -1.55 -28.82
CA GLU B 223 -11.68 -0.42 -28.04
C GLU B 223 -11.03 -0.89 -26.70
N ILE B 224 -10.97 -2.21 -26.46
CA ILE B 224 -10.59 -2.70 -25.19
C ILE B 224 -9.09 -3.01 -25.04
N VAL B 225 -8.53 -3.78 -25.95
CA VAL B 225 -7.18 -4.30 -25.80
C VAL B 225 -6.13 -3.36 -26.35
N SER B 226 -6.34 -2.84 -27.53
CA SER B 226 -5.49 -1.84 -28.11
C SER B 226 -6.33 -0.83 -28.87
N ASN B 227 -6.55 0.30 -28.21
CA ASN B 227 -7.49 1.31 -28.65
C ASN B 227 -6.78 2.30 -29.59
N LYS B 228 -7.05 2.10 -30.88
CA LYS B 228 -6.45 2.92 -31.94
C LYS B 228 -7.12 4.31 -32.08
N ARG B 229 -8.37 4.42 -31.64
CA ARG B 229 -9.09 5.70 -31.64
C ARG B 229 -8.53 6.75 -30.69
N ASN B 230 -8.27 6.40 -29.41
CA ASN B 230 -7.86 7.39 -28.43
C ASN B 230 -6.75 6.93 -27.46
N GLY B 231 -6.37 5.66 -27.52
CA GLY B 231 -5.34 5.12 -26.63
C GLY B 231 -5.75 4.72 -25.22
N ILE B 232 -7.04 4.79 -24.89
CA ILE B 232 -7.51 4.34 -23.59
C ILE B 232 -7.78 2.84 -23.66
N ASP B 233 -6.78 2.03 -23.28
CA ASP B 233 -6.94 0.60 -23.29
C ASP B 233 -6.43 -0.08 -22.00
N VAL B 234 -6.72 -1.37 -21.88
CA VAL B 234 -6.41 -2.10 -20.69
C VAL B 234 -4.90 -2.39 -20.49
N ASP B 235 -4.20 -2.33 -21.61
CA ASP B 235 -2.74 -2.54 -21.57
C ASP B 235 -2.07 -1.44 -20.76
N LYS B 236 -2.45 -0.19 -21.01
CA LYS B 236 -1.98 0.95 -20.22
C LYS B 236 -2.33 0.77 -18.73
N TRP B 237 -3.55 0.32 -18.47
CA TRP B 237 -3.95 0.23 -17.07
C TRP B 237 -3.12 -0.78 -16.31
N ASP B 238 -2.79 -1.92 -16.93
CA ASP B 238 -1.93 -2.87 -16.24
C ASP B 238 -0.50 -2.29 -16.04
N TYR B 239 0.10 -1.72 -17.10
CA TYR B 239 1.46 -1.26 -16.90
C TYR B 239 1.60 -0.06 -15.97
N PHE B 240 0.59 0.82 -15.91
CA PHE B 240 0.61 1.90 -14.92
C PHE B 240 0.75 1.31 -13.51
N ALA B 241 -0.11 0.34 -13.19
CA ALA B 241 -0.13 -0.21 -11.87
C ALA B 241 1.12 -1.07 -11.60
N ARG B 242 1.48 -1.92 -12.56
CA ARG B 242 2.57 -2.84 -12.39
C ARG B 242 3.94 -2.11 -12.36
N ASP B 243 4.16 -1.25 -13.35
CA ASP B 243 5.42 -0.53 -13.39
C ASP B 243 5.57 0.31 -12.10
N CYS B 244 4.53 0.98 -11.67
CA CYS B 244 4.60 1.77 -10.45
C CYS B 244 4.97 0.94 -9.22
N HIS B 245 4.34 -0.21 -9.09
CA HIS B 245 4.60 -1.14 -8.00
C HIS B 245 6.07 -1.56 -7.92
N HIS B 246 6.66 -1.85 -9.09
CA HIS B 246 8.03 -2.26 -9.17
C HIS B 246 9.05 -1.11 -9.19
N LEU B 247 8.71 0.00 -9.84
CA LEU B 247 9.62 1.14 -9.89
C LEU B 247 9.78 1.84 -8.57
N GLY B 248 8.74 1.79 -7.71
CA GLY B 248 8.72 2.56 -6.47
C GLY B 248 8.25 3.98 -6.66
N ILE B 249 7.32 4.18 -7.55
CA ILE B 249 6.68 5.45 -7.85
C ILE B 249 5.17 5.15 -7.75
N GLN B 250 4.41 6.06 -7.16
CA GLN B 250 2.99 5.68 -6.91
C GLN B 250 2.10 6.13 -8.11
N ASN B 251 1.04 5.36 -8.34
CA ASN B 251 0.13 5.53 -9.45
C ASN B 251 -1.12 6.32 -9.01
N ASN B 252 -1.46 7.39 -9.70
CA ASN B 252 -2.63 8.17 -9.37
C ASN B 252 -3.81 7.92 -10.31
N PHE B 253 -3.76 6.98 -11.24
CA PHE B 253 -4.91 6.67 -12.06
C PHE B 253 -5.73 5.52 -11.51
N ASP B 254 -7.06 5.69 -11.38
CA ASP B 254 -7.91 4.65 -10.81
C ASP B 254 -8.72 4.01 -11.98
N TYR B 255 -8.30 2.84 -12.46
CA TYR B 255 -8.91 2.17 -13.60
C TYR B 255 -10.25 1.55 -13.13
N LYS B 256 -10.36 1.13 -11.92
CA LYS B 256 -11.59 0.59 -11.40
C LYS B 256 -12.71 1.65 -11.42
N ARG B 257 -12.40 2.91 -11.10
CA ARG B 257 -13.40 3.92 -11.21
C ARG B 257 -13.84 4.06 -12.66
N PHE B 258 -12.87 4.07 -13.57
CA PHE B 258 -13.21 4.23 -15.00
C PHE B 258 -14.19 3.12 -15.42
N ILE B 259 -13.91 1.88 -15.03
CA ILE B 259 -14.76 0.77 -15.41
C ILE B 259 -16.17 0.99 -14.89
N LYS B 260 -16.27 1.43 -13.64
CA LYS B 260 -17.59 1.69 -13.05
C LYS B 260 -18.38 2.73 -13.80
N PHE B 261 -17.70 3.73 -14.39
CA PHE B 261 -18.39 4.79 -15.08
C PHE B 261 -18.44 4.57 -16.61
N ALA B 262 -17.96 3.43 -17.09
CA ALA B 262 -17.94 3.20 -18.52
C ALA B 262 -19.26 2.69 -19.06
N ARG B 263 -19.67 3.15 -20.23
CA ARG B 263 -20.88 2.70 -20.89
C ARG B 263 -20.63 2.61 -22.38
N VAL B 264 -21.47 1.87 -23.08
CA VAL B 264 -21.44 1.86 -24.55
C VAL B 264 -22.59 2.67 -25.09
N CYS B 265 -22.29 3.64 -25.96
CA CYS B 265 -23.30 4.47 -26.62
C CYS B 265 -23.10 4.50 -28.10
N GLU B 266 -24.15 4.77 -28.85
CA GLU B 266 -24.06 5.03 -30.29
C GLU B 266 -23.44 6.40 -30.53
N VAL B 267 -22.32 6.46 -31.24
CA VAL B 267 -21.71 7.67 -31.73
C VAL B 267 -21.49 7.53 -33.25
N ASP B 268 -22.13 8.41 -34.03
CA ASP B 268 -22.05 8.38 -35.48
C ASP B 268 -22.26 6.98 -36.05
N ASN B 269 -23.46 6.43 -35.77
CA ASN B 269 -23.83 5.08 -36.21
C ASN B 269 -22.91 3.94 -35.73
N GLU B 270 -22.09 4.17 -34.72
CA GLU B 270 -21.18 3.15 -34.24
C GLU B 270 -21.28 3.08 -32.73
N LEU B 271 -21.22 1.84 -32.18
CA LEU B 271 -21.23 1.63 -30.78
C LEU B 271 -19.81 1.76 -30.21
N ARG B 272 -19.65 2.70 -29.32
CA ARG B 272 -18.35 3.00 -28.70
C ARG B 272 -18.42 3.03 -27.20
N ILE B 273 -17.31 2.71 -26.53
CA ILE B 273 -17.18 2.86 -25.10
C ILE B 273 -17.12 4.36 -24.79
N CYS B 274 -18.01 4.84 -23.90
CA CYS B 274 -18.06 6.23 -23.51
C CYS B 274 -17.85 6.36 -22.00
N ALA B 275 -17.28 7.51 -21.61
CA ALA B 275 -16.98 7.78 -20.21
C ALA B 275 -18.03 8.76 -19.69
N ARG B 276 -18.27 8.71 -18.37
CA ARG B 276 -19.16 9.71 -17.79
C ARG B 276 -18.52 11.07 -17.86
N ASP B 277 -19.31 12.10 -18.18
CA ASP B 277 -18.87 13.47 -18.47
C ASP B 277 -17.90 13.98 -17.46
N LYS B 278 -18.29 13.85 -16.21
CA LYS B 278 -17.53 14.46 -15.15
C LYS B 278 -16.24 13.69 -14.89
N GLU B 279 -16.02 12.53 -15.49
CA GLU B 279 -14.75 11.88 -15.40
C GLU B 279 -13.65 12.43 -16.37
N VAL B 280 -13.99 13.46 -17.12
CA VAL B 280 -13.05 13.97 -18.11
C VAL B 280 -11.68 14.35 -17.53
N GLY B 281 -11.71 15.02 -16.37
CA GLY B 281 -10.50 15.35 -15.63
C GLY B 281 -9.63 14.16 -15.36
N ASN B 282 -10.24 13.03 -14.94
CA ASN B 282 -9.54 11.81 -14.67
C ASN B 282 -8.80 11.28 -15.91
N LEU B 283 -9.46 11.43 -17.06
CA LEU B 283 -8.86 11.00 -18.34
C LEU B 283 -7.67 11.83 -18.74
N TYR B 284 -7.78 13.15 -18.62
CA TYR B 284 -6.63 14.05 -18.80
C TYR B 284 -5.49 13.57 -17.89
N ASP B 285 -5.83 13.28 -16.64
CA ASP B 285 -4.84 12.89 -15.66
C ASP B 285 -4.18 11.54 -16.03
N MET B 286 -4.95 10.65 -16.63
CA MET B 286 -4.40 9.37 -17.05
C MET B 286 -3.22 9.55 -18.05
N PHE B 287 -3.40 10.42 -19.02
CA PHE B 287 -2.35 10.72 -19.97
C PHE B 287 -1.21 11.51 -19.32
N HIS B 288 -1.54 12.36 -18.35
CA HIS B 288 -0.50 13.04 -17.57
C HIS B 288 0.39 11.99 -16.83
N THR B 289 -0.28 11.01 -16.23
CA THR B 289 0.42 9.91 -15.58
C THR B 289 1.36 9.17 -16.54
N ARG B 290 0.86 8.87 -17.74
CA ARG B 290 1.66 8.23 -18.76
C ARG B 290 2.92 9.06 -19.12
N ASN B 291 2.72 10.36 -19.29
CA ASN B 291 3.82 11.26 -19.59
C ASN B 291 4.84 11.30 -18.46
N SER B 292 4.36 11.31 -17.24
CA SER B 292 5.22 11.31 -16.04
C SER B 292 6.03 10.05 -15.93
N LEU B 293 5.42 8.90 -16.25
CA LEU B 293 6.15 7.62 -16.22
C LEU B 293 7.27 7.63 -17.27
N HIS B 294 6.99 8.17 -18.46
CA HIS B 294 8.01 8.29 -19.45
C HIS B 294 9.18 9.26 -18.99
N ARG B 295 8.86 10.42 -18.45
CA ARG B 295 9.86 11.34 -17.94
C ARG B 295 10.67 10.74 -16.79
N ARG B 296 10.01 10.22 -15.79
CA ARG B 296 10.75 9.76 -14.67
C ARG B 296 11.51 8.45 -14.91
N ALA B 297 10.91 7.55 -15.66
CA ALA B 297 11.40 6.17 -15.74
C ALA B 297 11.77 5.70 -17.14
N TYR B 298 10.81 5.68 -18.05
CA TYR B 298 11.08 4.99 -19.32
C TYR B 298 12.11 5.69 -20.16
N GLN B 299 12.17 7.02 -20.06
CA GLN B 299 13.16 7.82 -20.77
C GLN B 299 14.24 8.33 -19.80
N HIS B 300 14.49 7.59 -18.73
CA HIS B 300 15.56 7.99 -17.85
C HIS B 300 16.89 8.06 -18.63
N LYS B 301 17.64 9.11 -18.50
CA LYS B 301 18.78 9.37 -19.34
C LYS B 301 19.86 8.25 -19.29
N VAL B 302 20.06 7.69 -18.13
CA VAL B 302 20.99 6.60 -17.97
C VAL B 302 20.37 5.24 -18.41
N GLY B 303 19.09 5.02 -18.16
CA GLY B 303 18.42 3.86 -18.71
C GLY B 303 18.49 3.82 -20.20
N ASN B 304 18.33 4.98 -20.83
CA ASN B 304 18.45 5.08 -22.28
C ASN B 304 19.87 4.79 -22.78
N ILE B 305 20.85 5.26 -22.05
CA ILE B 305 22.24 5.04 -22.50
C ILE B 305 22.64 3.56 -22.32
N ILE B 306 22.12 2.92 -21.27
CA ILE B 306 22.33 1.50 -21.11
C ILE B 306 21.67 0.70 -22.24
N ASP B 307 20.45 1.10 -22.61
CA ASP B 307 19.79 0.50 -23.76
C ASP B 307 20.63 0.70 -25.04
N THR B 308 21.21 1.90 -25.18
CA THR B 308 22.04 2.20 -26.31
C THR B 308 23.30 1.31 -26.37
N MET B 309 23.92 1.13 -25.21
CA MET B 309 25.12 0.32 -25.13
C MET B 309 24.82 -1.16 -25.41
N ILE B 310 23.69 -1.64 -24.88
CA ILE B 310 23.30 -3.03 -25.12
C ILE B 310 23.04 -3.23 -26.60
N THR B 311 22.39 -2.25 -27.22
CA THR B 311 22.11 -2.31 -28.66
C THR B 311 23.42 -2.38 -29.47
N ASP B 312 24.40 -1.58 -29.11
CA ASP B 312 25.72 -1.62 -29.72
C ASP B 312 26.36 -3.01 -29.60
N ALA B 313 26.30 -3.56 -28.40
CA ALA B 313 26.80 -4.91 -28.18
C ALA B 313 26.10 -5.95 -29.07
N PHE B 314 24.77 -5.84 -29.16
CA PHE B 314 24.02 -6.76 -30.03
C PHE B 314 24.41 -6.62 -31.49
N LEU B 315 24.62 -5.39 -31.94
CA LEU B 315 25.07 -5.11 -33.31
C LEU B 315 26.42 -5.78 -33.58
N LYS B 316 27.32 -5.69 -32.62
CA LYS B 316 28.66 -6.30 -32.77
C LYS B 316 28.62 -7.81 -32.65
N ALA B 317 27.62 -8.34 -31.97
CA ALA B 317 27.47 -9.80 -31.83
C ALA B 317 26.70 -10.43 -32.99
N ASP B 318 26.00 -9.60 -33.79
CA ASP B 318 24.99 -10.09 -34.69
C ASP B 318 25.54 -11.07 -35.78
N ASP B 319 26.77 -10.84 -36.22
CA ASP B 319 27.36 -11.71 -37.24
C ASP B 319 27.74 -13.10 -36.69
N TYR B 320 27.79 -13.27 -35.37
CA TYR B 320 28.34 -14.47 -34.79
C TYR B 320 27.42 -15.31 -33.93
N ILE B 321 26.36 -14.72 -33.35
CA ILE B 321 25.39 -15.51 -32.58
C ILE B 321 24.49 -16.25 -33.59
N GLU B 322 24.32 -17.59 -33.45
CA GLU B 322 23.41 -18.30 -34.26
C GLU B 322 22.27 -18.87 -33.46
N ILE B 323 21.02 -18.74 -33.99
CA ILE B 323 19.86 -19.27 -33.34
C ILE B 323 19.20 -20.24 -34.29
N THR B 324 18.98 -21.45 -33.79
CA THR B 324 18.40 -22.52 -34.62
C THR B 324 16.89 -22.40 -34.72
N GLY B 325 16.40 -22.26 -35.94
CA GLY B 325 14.99 -22.16 -36.26
C GLY B 325 14.43 -23.39 -36.95
N ALA B 326 13.34 -23.16 -37.70
CA ALA B 326 12.61 -24.24 -38.34
C ALA B 326 13.48 -24.96 -39.35
N GLY B 327 13.40 -26.30 -39.33
CA GLY B 327 14.17 -27.16 -40.24
C GLY B 327 15.66 -27.16 -39.95
N GLY B 328 16.07 -26.73 -38.74
CA GLY B 328 17.48 -26.68 -38.38
C GLY B 328 18.26 -25.54 -39.03
N LYS B 329 17.57 -24.68 -39.80
CA LYS B 329 18.19 -23.48 -40.36
C LYS B 329 18.72 -22.55 -39.24
N LYS B 330 19.75 -21.79 -39.55
CA LYS B 330 20.38 -20.88 -38.60
C LYS B 330 19.94 -19.44 -38.82
N TYR B 331 19.66 -18.72 -37.75
CA TYR B 331 19.28 -17.32 -37.90
C TYR B 331 20.19 -16.46 -37.03
N ARG B 332 20.23 -15.16 -37.35
CA ARG B 332 20.92 -14.17 -36.56
C ARG B 332 19.97 -13.44 -35.59
N ILE B 333 20.50 -12.74 -34.63
CA ILE B 333 19.70 -11.92 -33.75
C ILE B 333 18.79 -11.02 -34.60
N SER B 334 19.35 -10.45 -35.64
CA SER B 334 18.60 -9.56 -36.52
C SER B 334 17.64 -10.28 -37.50
N THR B 335 17.79 -11.58 -37.72
CA THR B 335 16.90 -12.30 -38.60
C THR B 335 15.96 -13.29 -37.93
N ALA B 336 16.07 -13.45 -36.62
CA ALA B 336 15.16 -14.33 -35.88
C ALA B 336 13.69 -13.91 -36.05
N ILE B 337 13.47 -12.61 -36.30
CA ILE B 337 12.12 -12.12 -36.55
C ILE B 337 11.46 -12.73 -37.81
N ASP B 338 12.29 -13.26 -38.68
CA ASP B 338 11.76 -13.92 -39.88
C ASP B 338 11.27 -15.36 -39.63
N ASP B 339 11.69 -16.01 -38.55
CA ASP B 339 11.24 -17.34 -38.28
C ASP B 339 10.81 -17.46 -36.83
N MET B 340 9.52 -17.74 -36.63
CA MET B 340 8.94 -17.77 -35.29
C MET B 340 9.56 -18.82 -34.36
N GLU B 341 9.93 -19.96 -34.91
CA GLU B 341 10.59 -21.01 -34.13
C GLU B 341 11.90 -20.48 -33.53
N ALA B 342 12.65 -19.75 -34.34
CA ALA B 342 13.89 -19.11 -33.89
C ALA B 342 13.56 -17.97 -32.91
N TYR B 343 12.57 -17.14 -33.25
CA TYR B 343 12.22 -16.01 -32.41
C TYR B 343 11.75 -16.44 -31.00
N THR B 344 11.09 -17.60 -30.92
CA THR B 344 10.68 -18.17 -29.66
C THR B 344 11.86 -18.29 -28.68
N LYS B 345 13.05 -18.55 -29.23
CA LYS B 345 14.27 -18.73 -28.44
C LYS B 345 15.10 -17.46 -28.32
N LEU B 346 14.56 -16.32 -28.73
CA LEU B 346 15.25 -15.06 -28.66
C LEU B 346 14.73 -14.19 -27.55
N THR B 347 15.46 -14.17 -26.43
CA THR B 347 15.07 -13.51 -25.19
C THR B 347 16.22 -12.71 -24.61
N ASP B 348 16.06 -12.21 -23.37
CA ASP B 348 17.11 -11.51 -22.66
C ASP B 348 18.38 -12.39 -22.50
N ASN B 349 18.23 -13.69 -22.59
CA ASN B 349 19.36 -14.60 -22.51
C ASN B 349 20.50 -14.27 -23.48
N ILE B 350 20.17 -13.62 -24.60
CA ILE B 350 21.18 -13.19 -25.55
C ILE B 350 22.27 -12.36 -24.86
N PHE B 351 21.82 -11.48 -23.97
CA PHE B 351 22.71 -10.64 -23.19
C PHE B 351 23.73 -11.49 -22.45
N LEU B 352 23.25 -12.54 -21.77
CA LEU B 352 24.15 -13.38 -21.00
C LEU B 352 24.99 -14.29 -21.91
N GLU B 353 24.44 -14.73 -23.03
CA GLU B 353 25.24 -15.52 -23.97
C GLU B 353 26.46 -14.71 -24.43
N ILE B 354 26.24 -13.43 -24.74
CA ILE B 354 27.35 -12.57 -25.13
C ILE B 354 28.29 -12.37 -23.95
N LEU B 355 27.75 -12.00 -22.80
CA LEU B 355 28.56 -11.70 -21.62
C LEU B 355 29.46 -12.87 -21.22
N TYR B 356 28.92 -14.08 -21.31
CA TYR B 356 29.63 -15.28 -20.87
C TYR B 356 30.44 -15.96 -21.98
N SER B 357 30.41 -15.39 -23.20
CA SER B 357 31.09 -16.01 -24.32
C SER B 357 32.60 -16.04 -24.18
N THR B 358 33.24 -16.99 -24.87
CA THR B 358 34.73 -17.06 -24.93
C THR B 358 35.29 -16.87 -26.35
N ASP B 359 34.44 -17.02 -27.37
CA ASP B 359 34.78 -16.82 -28.75
C ASP B 359 35.46 -15.45 -28.93
N PRO B 360 36.71 -15.46 -29.52
CA PRO B 360 37.36 -14.20 -29.83
C PRO B 360 36.53 -13.29 -30.74
N LYS B 361 35.67 -13.88 -31.60
CA LYS B 361 34.84 -13.10 -32.51
C LYS B 361 33.90 -12.18 -31.74
N LEU B 362 33.48 -12.62 -30.54
CA LEU B 362 32.56 -11.87 -29.70
C LEU B 362 33.23 -10.93 -28.72
N LYS B 363 34.55 -10.80 -28.81
CA LYS B 363 35.31 -9.93 -27.91
C LYS B 363 34.78 -8.51 -27.80
N ASP B 364 34.53 -7.88 -28.94
CA ASP B 364 34.07 -6.46 -28.95
C ASP B 364 32.71 -6.31 -28.32
N ALA B 365 31.81 -7.23 -28.62
CA ALA B 365 30.44 -7.22 -28.05
C ALA B 365 30.53 -7.45 -26.54
N ARG B 366 31.28 -8.50 -26.17
CA ARG B 366 31.49 -8.88 -24.78
C ARG B 366 32.09 -7.70 -23.96
N GLU B 367 33.07 -7.01 -24.53
CA GLU B 367 33.71 -5.93 -23.84
C GLU B 367 32.76 -4.76 -23.51
N ILE B 368 31.82 -4.48 -24.42
CA ILE B 368 30.84 -3.44 -24.16
C ILE B 368 29.98 -3.79 -22.93
N LEU B 369 29.52 -5.04 -22.88
CA LEU B 369 28.71 -5.51 -21.77
C LEU B 369 29.49 -5.51 -20.48
N LYS B 370 30.77 -5.88 -20.56
CA LYS B 370 31.64 -5.81 -19.37
C LYS B 370 31.76 -4.38 -18.87
N GLN B 371 31.87 -3.40 -19.77
CA GLN B 371 31.91 -2.00 -19.35
C GLN B 371 30.60 -1.59 -18.61
N ILE B 372 29.48 -2.09 -19.10
CA ILE B 372 28.21 -1.85 -18.38
C ILE B 372 28.29 -2.38 -16.91
N GLU B 373 28.83 -3.58 -16.74
CA GLU B 373 28.98 -4.15 -15.42
C GLU B 373 29.88 -3.33 -14.50
N TYR B 374 30.96 -2.75 -15.04
CA TYR B 374 31.82 -1.88 -14.27
C TYR B 374 31.24 -0.47 -14.10
N ARG B 375 30.10 -0.25 -14.75
CA ARG B 375 29.44 1.04 -14.74
C ARG B 375 30.28 2.12 -15.41
N ASN B 376 31.04 1.71 -16.41
CA ASN B 376 31.71 2.64 -17.29
C ASN B 376 30.84 3.04 -18.43
N LEU B 377 29.90 3.90 -18.12
CA LEU B 377 28.91 4.28 -19.13
C LEU B 377 29.34 5.55 -19.90
N PHE B 378 28.79 5.70 -21.08
CA PHE B 378 28.86 7.00 -21.77
C PHE B 378 28.30 8.09 -20.87
N LYS B 379 28.88 9.25 -20.92
CA LYS B 379 28.53 10.33 -19.98
C LYS B 379 27.47 11.26 -20.54
N TYR B 380 26.50 11.56 -19.70
CA TYR B 380 25.44 12.52 -20.00
C TYR B 380 26.06 13.92 -20.07
N VAL B 381 25.82 14.61 -21.17
CA VAL B 381 26.29 15.96 -21.34
C VAL B 381 25.19 16.97 -21.06
N GLY B 382 23.99 16.69 -21.53
CA GLY B 382 22.85 17.53 -21.25
C GLY B 382 21.66 17.28 -22.15
N GLU B 383 20.66 18.14 -21.99
CA GLU B 383 19.35 18.01 -22.61
C GLU B 383 18.90 19.36 -23.12
N THR B 384 18.21 19.38 -24.26
CA THR B 384 17.65 20.59 -24.80
C THR B 384 16.41 20.23 -25.58
N GLN B 385 15.69 21.25 -26.07
CA GLN B 385 14.52 21.09 -26.90
C GLN B 385 14.48 22.08 -28.02
N PRO B 386 13.81 21.78 -29.11
CA PRO B 386 13.56 22.82 -30.14
C PRO B 386 12.60 23.90 -29.64
N THR B 387 12.68 25.07 -30.23
CA THR B 387 11.67 26.14 -30.10
C THR B 387 10.82 26.25 -31.37
N GLY B 388 9.56 26.66 -31.23
CA GLY B 388 8.76 27.19 -32.37
C GLY B 388 8.24 26.21 -33.40
N GLN B 389 8.45 26.54 -34.66
CA GLN B 389 8.11 25.66 -35.82
C GLN B 389 9.05 24.43 -35.89
N ILE B 390 10.33 24.66 -35.61
CA ILE B 390 11.41 23.66 -35.77
C ILE B 390 11.03 22.29 -35.11
N LYS B 391 11.20 21.22 -35.88
CA LYS B 391 10.91 19.85 -35.46
C LYS B 391 11.95 18.97 -36.16
N ILE B 392 12.46 17.93 -35.52
CA ILE B 392 13.61 17.21 -36.07
C ILE B 392 13.17 15.89 -36.65
N LYS B 393 13.46 15.73 -37.94
CA LYS B 393 13.03 14.60 -38.75
C LYS B 393 13.94 13.41 -38.49
N ARG B 394 13.36 12.22 -38.56
CA ARG B 394 14.08 10.97 -38.31
C ARG B 394 15.33 10.81 -39.18
N GLU B 395 15.24 11.19 -40.45
CA GLU B 395 16.38 11.06 -41.36
C GLU B 395 17.51 12.02 -41.06
N ASP B 396 17.30 12.96 -40.15
CA ASP B 396 18.41 13.82 -39.68
C ASP B 396 19.18 13.33 -38.44
N TYR B 397 18.73 12.25 -37.81
CA TYR B 397 19.34 11.78 -36.55
C TYR B 397 20.85 11.50 -36.67
N GLU B 398 21.24 10.87 -37.77
CA GLU B 398 22.64 10.50 -38.02
C GLU B 398 23.57 11.72 -38.21
N SER B 399 23.04 12.81 -38.75
CA SER B 399 23.82 14.03 -38.93
C SER B 399 24.09 14.82 -37.62
N LEU B 400 23.36 14.50 -36.55
CA LEU B 400 23.42 15.29 -35.33
C LEU B 400 24.76 15.22 -34.58
N PRO B 401 25.38 14.02 -34.42
CA PRO B 401 26.69 14.07 -33.73
C PRO B 401 27.73 14.93 -34.43
N LYS B 402 27.74 14.88 -35.76
CA LYS B 402 28.62 15.72 -36.59
C LYS B 402 28.36 17.20 -36.32
N GLU B 403 27.09 17.57 -36.22
CA GLU B 403 26.72 18.94 -35.96
C GLU B 403 27.27 19.43 -34.61
N VAL B 404 27.17 18.61 -33.57
CA VAL B 404 27.68 18.99 -32.26
C VAL B 404 29.20 19.20 -32.33
N ALA B 405 29.88 18.26 -32.98
CA ALA B 405 31.34 18.33 -33.12
C ALA B 405 31.79 19.53 -33.97
N SER B 406 30.93 19.96 -34.90
CA SER B 406 31.21 21.10 -35.77
C SER B 406 31.03 22.46 -35.10
N ALA B 407 30.32 22.53 -33.97
CA ALA B 407 30.14 23.79 -33.28
C ALA B 407 31.49 24.40 -32.83
N LYS B 408 31.57 25.73 -32.86
CA LYS B 408 32.82 26.42 -32.61
C LYS B 408 32.74 27.31 -31.37
N PRO B 409 32.83 26.69 -30.17
CA PRO B 409 32.83 27.47 -28.94
C PRO B 409 34.11 28.24 -28.79
N LYS B 410 34.02 29.54 -28.53
CA LYS B 410 35.24 30.38 -28.45
C LYS B 410 35.95 30.28 -27.11
N VAL B 411 36.59 29.13 -26.90
CA VAL B 411 37.40 28.87 -25.71
C VAL B 411 38.56 28.05 -26.19
N LEU B 412 39.73 28.24 -25.60
CA LEU B 412 40.88 27.42 -25.95
C LEU B 412 40.69 26.06 -25.25
N LEU B 413 40.81 24.98 -26.04
CA LEU B 413 40.48 23.65 -25.61
C LEU B 413 41.67 22.73 -25.85
N ASP B 414 42.05 22.02 -24.79
CA ASP B 414 43.23 21.13 -24.81
C ASP B 414 42.98 19.79 -25.57
N VAL B 415 41.82 19.18 -25.35
CA VAL B 415 41.29 18.07 -26.21
C VAL B 415 40.23 18.66 -27.16
N LYS B 416 40.24 18.22 -28.41
CA LYS B 416 39.08 18.39 -29.30
C LYS B 416 38.49 17.00 -29.60
N LEU B 417 37.19 16.99 -29.83
CA LEU B 417 36.45 15.73 -29.97
C LEU B 417 35.97 15.61 -31.38
N LYS B 418 35.69 14.39 -31.83
CA LYS B 418 35.09 14.12 -33.13
C LYS B 418 33.65 13.65 -33.04
N ALA B 419 32.97 13.71 -34.19
CA ALA B 419 31.58 13.23 -34.33
C ALA B 419 31.31 11.90 -33.61
N GLU B 420 32.19 10.92 -33.83
CA GLU B 420 31.99 9.60 -33.23
C GLU B 420 32.07 9.57 -31.69
N ASP B 421 32.59 10.64 -31.08
CA ASP B 421 32.63 10.71 -29.62
C ASP B 421 31.29 11.14 -29.01
N PHE B 422 30.36 11.60 -29.84
CA PHE B 422 29.07 12.05 -29.38
C PHE B 422 27.95 11.09 -29.72
N ILE B 423 26.97 11.01 -28.84
CA ILE B 423 25.69 10.36 -29.09
C ILE B 423 24.60 11.39 -28.87
N VAL B 424 23.66 11.45 -29.80
CA VAL B 424 22.53 12.33 -29.74
C VAL B 424 21.30 11.49 -29.80
N ASP B 425 20.49 11.51 -28.75
CA ASP B 425 19.28 10.68 -28.61
C ASP B 425 18.08 11.66 -28.68
N VAL B 426 17.25 11.54 -29.70
CA VAL B 426 16.07 12.36 -29.84
C VAL B 426 14.83 11.59 -29.37
N ILE B 427 14.08 12.19 -28.50
CA ILE B 427 12.92 11.50 -27.90
C ILE B 427 11.64 12.25 -28.19
N ASN B 428 10.70 11.54 -28.76
CA ASN B 428 9.39 12.16 -29.09
C ASN B 428 8.43 11.84 -27.94
N MET B 429 8.08 12.88 -27.21
CA MET B 429 7.07 12.75 -26.15
C MET B 429 5.74 13.29 -26.62
N ASP B 430 4.73 12.46 -26.61
CA ASP B 430 3.33 12.92 -26.89
C ASP B 430 2.29 12.21 -26.00
N TYR B 431 1.06 12.60 -26.14
CA TYR B 431 -0.10 11.95 -25.54
C TYR B 431 -0.70 10.78 -26.34
N GLY B 432 0.12 10.11 -27.16
CA GLY B 432 -0.20 8.88 -27.82
C GLY B 432 -0.81 9.02 -29.19
N MET B 433 -1.05 10.23 -29.62
CA MET B 433 -1.68 10.51 -30.94
C MET B 433 -1.00 11.65 -31.61
N GLN B 434 0.32 11.63 -31.53
CA GLN B 434 1.21 12.69 -32.11
C GLN B 434 0.78 14.06 -31.53
N GLU B 435 0.45 14.98 -32.41
CA GLU B 435 0.13 16.32 -32.01
C GLU B 435 -1.32 16.43 -31.45
N LYS B 436 -2.16 15.44 -31.66
CA LYS B 436 -3.57 15.55 -31.28
C LYS B 436 -3.87 15.38 -29.80
N ASN B 437 -4.95 16.00 -29.35
CA ASN B 437 -5.47 15.79 -27.99
C ASN B 437 -6.40 14.56 -28.03
N PRO B 438 -5.99 13.45 -27.40
CA PRO B 438 -6.87 12.27 -27.51
C PRO B 438 -8.26 12.44 -26.85
N ILE B 439 -8.44 13.42 -25.97
CA ILE B 439 -9.73 13.65 -25.37
C ILE B 439 -10.72 14.23 -26.40
N ASP B 440 -10.21 14.86 -27.45
CA ASP B 440 -11.06 15.22 -28.61
C ASP B 440 -11.60 14.00 -29.34
N HIS B 441 -11.05 12.83 -29.05
CA HIS B 441 -11.51 11.57 -29.67
C HIS B 441 -12.20 10.65 -28.65
N VAL B 442 -12.66 11.22 -27.56
CA VAL B 442 -13.37 10.48 -26.55
C VAL B 442 -14.84 10.91 -26.47
N SER B 443 -15.73 9.97 -26.28
CA SER B 443 -17.16 10.27 -26.19
C SER B 443 -17.62 10.11 -24.74
N PHE B 444 -18.53 10.96 -24.32
CA PHE B 444 -19.01 10.98 -22.95
C PHE B 444 -20.51 10.84 -22.91
N TYR B 445 -21.04 10.55 -21.70
CA TYR B 445 -22.48 10.58 -21.43
C TYR B 445 -22.78 11.34 -20.13
N CYS B 446 -23.98 11.88 -20.01
N CYS B 446 -23.97 11.87 -20.01
CA CYS B 446 -24.40 12.55 -18.78
CA CYS B 446 -24.39 12.55 -18.79
C CYS B 446 -25.42 11.74 -17.99
C CYS B 446 -25.42 11.75 -17.99
N LYS B 447 -25.45 12.04 -16.70
CA LYS B 447 -26.27 11.35 -15.73
C LYS B 447 -27.73 11.39 -16.14
N THR B 448 -28.14 12.55 -16.64
CA THR B 448 -29.55 12.72 -17.04
C THR B 448 -29.95 12.00 -18.31
N ALA B 449 -29.00 11.55 -19.15
CA ALA B 449 -29.32 10.82 -20.38
C ALA B 449 -28.20 9.81 -20.73
N PRO B 450 -28.16 8.68 -20.01
CA PRO B 450 -27.01 7.78 -20.10
C PRO B 450 -26.80 7.10 -21.45
N ASN B 451 -27.79 7.16 -22.33
CA ASN B 451 -27.65 6.58 -23.68
C ASN B 451 -27.27 7.60 -24.74
N ARG B 452 -27.09 8.85 -24.34
CA ARG B 452 -26.81 9.90 -25.32
C ARG B 452 -25.36 10.37 -25.27
N ALA B 453 -24.62 10.06 -26.32
CA ALA B 453 -23.20 10.40 -26.41
C ALA B 453 -23.01 11.90 -26.66
N ILE B 454 -22.06 12.48 -25.96
CA ILE B 454 -21.66 13.87 -26.25
C ILE B 454 -20.16 14.01 -26.39
N ARG B 455 -19.72 15.16 -26.86
CA ARG B 455 -18.33 15.58 -26.97
C ARG B 455 -18.04 16.68 -25.96
N ILE B 456 -16.80 16.76 -25.52
CA ILE B 456 -16.29 17.77 -24.61
C ILE B 456 -14.98 18.34 -25.17
N THR B 457 -14.91 19.67 -25.29
CA THR B 457 -13.71 20.35 -25.79
C THR B 457 -12.86 20.79 -24.63
N LYS B 458 -11.63 21.22 -24.95
CA LYS B 458 -10.61 21.52 -23.92
C LYS B 458 -11.05 22.69 -22.99
N ASN B 459 -11.62 23.71 -23.60
CA ASN B 459 -12.04 24.87 -22.83
C ASN B 459 -13.26 24.58 -21.97
N GLN B 460 -14.01 23.53 -22.25
CA GLN B 460 -15.07 23.12 -21.33
C GLN B 460 -14.51 22.47 -20.07
N VAL B 461 -13.18 22.24 -20.00
CA VAL B 461 -12.59 21.56 -18.87
C VAL B 461 -11.75 22.41 -17.92
N SER B 462 -10.64 22.99 -18.39
CA SER B 462 -9.74 23.69 -17.52
C SER B 462 -8.84 24.54 -18.38
N GLN B 463 -8.46 25.70 -17.85
CA GLN B 463 -7.42 26.54 -18.47
C GLN B 463 -6.01 26.07 -18.14
N LEU B 464 -5.91 25.18 -17.15
CA LEU B 464 -4.65 24.69 -16.57
C LEU B 464 -4.11 23.42 -17.27
N LEU B 465 -4.70 23.06 -18.41
CA LEU B 465 -4.27 21.97 -19.24
C LEU B 465 -3.20 22.35 -20.27
N PRO B 466 -2.44 21.31 -20.71
CA PRO B 466 -1.42 21.51 -21.77
C PRO B 466 -1.94 22.23 -23.02
N GLU B 467 -1.18 23.18 -23.53
CA GLU B 467 -1.53 23.85 -24.79
C GLU B 467 -1.08 23.04 -26.00
N LYS B 468 -0.05 22.18 -25.80
CA LYS B 468 0.47 21.32 -26.86
C LYS B 468 0.49 19.90 -26.35
N PHE B 469 0.44 18.92 -27.27
CA PHE B 469 0.40 17.51 -26.88
C PHE B 469 1.54 16.65 -27.39
N ALA B 470 2.55 17.32 -27.97
CA ALA B 470 3.75 16.68 -28.44
C ALA B 470 4.97 17.60 -28.27
N GLU B 471 6.11 17.00 -27.97
CA GLU B 471 7.37 17.73 -27.93
C GLU B 471 8.52 16.78 -28.22
N GLN B 472 9.69 17.34 -28.45
CA GLN B 472 10.91 16.56 -28.58
C GLN B 472 11.96 16.93 -27.53
N LEU B 473 12.58 15.91 -26.97
CA LEU B 473 13.71 16.06 -26.07
C LEU B 473 14.96 15.55 -26.76
N ILE B 474 16.04 16.29 -26.62
CA ILE B 474 17.31 15.96 -27.24
C ILE B 474 18.35 15.77 -26.13
N ARG B 475 18.84 14.54 -25.97
CA ARG B 475 19.91 14.27 -25.00
C ARG B 475 21.21 14.06 -25.74
N VAL B 476 22.28 14.61 -25.18
CA VAL B 476 23.62 14.43 -25.75
C VAL B 476 24.50 13.73 -24.72
N TYR B 477 25.26 12.75 -25.19
CA TYR B 477 26.21 12.03 -24.38
C TYR B 477 27.58 12.06 -25.05
N CYS B 478 28.61 11.77 -24.27
CA CYS B 478 29.98 11.72 -24.75
C CYS B 478 30.57 10.34 -24.44
N LYS B 479 31.18 9.69 -25.45
CA LYS B 479 31.83 8.42 -25.25
C LYS B 479 33.20 8.54 -24.52
N LYS B 480 33.78 9.73 -24.51
CA LYS B 480 35.00 9.93 -23.77
C LYS B 480 34.61 10.43 -22.36
N VAL B 481 35.13 9.70 -21.37
CA VAL B 481 34.67 9.80 -19.98
C VAL B 481 35.55 10.70 -19.09
N ASP B 482 36.70 11.10 -19.58
CA ASP B 482 37.61 11.85 -18.73
C ASP B 482 37.15 13.31 -18.56
N ARG B 483 37.59 13.89 -17.46
CA ARG B 483 37.09 15.24 -17.09
C ARG B 483 37.42 16.33 -18.10
N LYS B 484 38.57 16.30 -18.77
CA LYS B 484 38.87 17.25 -19.79
C LYS B 484 37.91 17.13 -20.99
N SER B 485 37.68 15.88 -21.38
CA SER B 485 36.78 15.61 -22.51
C SER B 485 35.33 16.02 -22.19
N LEU B 486 34.89 15.76 -20.97
CA LEU B 486 33.53 16.11 -20.57
C LEU B 486 33.33 17.62 -20.54
N TYR B 487 34.34 18.34 -20.04
CA TYR B 487 34.32 19.80 -20.05
C TYR B 487 34.20 20.33 -21.48
N ALA B 488 34.99 19.76 -22.39
CA ALA B 488 34.94 20.15 -23.78
C ALA B 488 33.59 19.84 -24.40
N ALA B 489 33.07 18.65 -24.10
CA ALA B 489 31.78 18.22 -24.63
C ALA B 489 30.66 19.18 -24.24
N ARG B 490 30.71 19.67 -23.00
CA ARG B 490 29.73 20.64 -22.53
C ARG B 490 29.78 21.95 -23.29
N GLN B 491 30.99 22.39 -23.67
CA GLN B 491 31.14 23.62 -24.43
C GLN B 491 30.56 23.46 -25.84
N TYR B 492 30.92 22.37 -26.52
CA TYR B 492 30.37 22.09 -27.85
C TYR B 492 28.84 22.01 -27.80
N PHE B 493 28.34 21.32 -26.79
CA PHE B 493 26.91 21.10 -26.66
C PHE B 493 26.13 22.41 -26.52
N VAL B 494 26.54 23.24 -25.57
CA VAL B 494 25.82 24.50 -25.33
C VAL B 494 25.95 25.42 -26.54
N GLN B 495 27.13 25.41 -27.17
CA GLN B 495 27.32 26.21 -28.38
C GLN B 495 26.35 25.74 -29.49
N TRP B 496 26.25 24.44 -29.66
CA TRP B 496 25.34 23.86 -30.63
C TRP B 496 23.88 24.28 -30.34
N CYS B 497 23.47 24.20 -29.07
CA CYS B 497 22.15 24.66 -28.69
C CYS B 497 21.92 26.10 -29.08
N ALA B 498 22.87 26.98 -28.80
CA ALA B 498 22.78 28.39 -29.17
C ALA B 498 22.69 28.53 -30.68
N ASP B 499 23.57 27.83 -31.41
CA ASP B 499 23.61 27.91 -32.88
C ASP B 499 22.28 27.48 -33.49
N ARG B 500 21.68 26.40 -32.98
CA ARG B 500 20.37 25.98 -33.43
C ARG B 500 19.18 26.64 -32.81
N ASN B 501 19.39 27.62 -31.91
CA ASN B 501 18.25 28.26 -31.22
C ASN B 501 17.37 27.21 -30.48
N PHE B 502 18.02 26.18 -29.96
CA PHE B 502 17.36 25.27 -29.03
C PHE B 502 17.25 25.92 -27.66
N THR B 503 16.53 25.31 -26.74
CA THR B 503 16.37 25.91 -25.43
C THR B 503 17.67 25.84 -24.65
N LYS B 504 17.83 26.78 -23.74
CA LYS B 504 18.98 26.82 -22.85
C LYS B 504 19.00 25.61 -21.95
N PRO B 505 20.06 24.80 -21.99
CA PRO B 505 20.15 23.74 -20.98
C PRO B 505 20.03 24.23 -19.54
N GLN B 506 19.32 23.44 -18.75
CA GLN B 506 19.04 23.77 -17.35
C GLN B 506 20.24 24.19 -16.54
N ASP B 507 21.36 23.52 -16.75
CA ASP B 507 22.60 23.83 -16.02
C ASP B 507 23.57 24.68 -16.85
N GLY B 508 23.06 25.31 -17.91
CA GLY B 508 23.91 25.98 -18.91
C GLY B 508 24.87 27.01 -18.36
N ASP B 509 24.40 27.82 -17.41
CA ASP B 509 25.25 28.85 -16.80
C ASP B 509 26.37 28.27 -15.95
N VAL B 510 26.19 27.06 -15.45
CA VAL B 510 27.22 26.41 -14.65
C VAL B 510 28.20 25.65 -15.55
N ILE B 511 27.68 24.82 -16.46
CA ILE B 511 28.54 23.98 -17.30
C ILE B 511 29.26 24.73 -18.43
N ALA B 512 28.71 25.87 -18.86
CA ALA B 512 29.31 26.64 -19.95
C ALA B 512 29.14 28.15 -19.75
N PRO B 513 29.74 28.67 -18.66
CA PRO B 513 29.58 30.08 -18.27
C PRO B 513 30.05 31.08 -19.31
N LEU B 514 30.98 30.67 -20.19
CA LEU B 514 31.50 31.56 -21.22
C LEU B 514 30.66 31.57 -22.50
N ILE B 515 29.87 30.51 -22.71
CA ILE B 515 29.00 30.38 -23.87
C ILE B 515 27.61 31.00 -23.64
N THR B 516 27.03 30.86 -22.44
CA THR B 516 25.62 31.27 -22.33
C THR B 516 25.35 32.78 -22.47
N PRO B 517 26.30 33.66 -22.09
CA PRO B 517 25.98 35.09 -22.24
C PRO B 517 25.82 35.58 -23.67
N GLN B 518 26.42 34.92 -24.65
CA GLN B 518 26.24 35.33 -26.05
C GLN B 518 24.79 35.32 -26.52
N LYS B 519 23.94 34.43 -26.02
CA LYS B 519 22.59 34.30 -26.52
C LYS B 519 21.61 35.28 -25.91
N LYS B 520 21.08 36.17 -26.75
CA LYS B 520 20.05 37.14 -26.39
C LYS B 520 18.83 36.54 -25.69
N GLU B 521 18.27 35.51 -26.33
CA GLU B 521 16.99 34.89 -25.94
C GLU B 521 17.10 34.15 -24.62
N TRP B 522 18.32 33.93 -24.11
CA TRP B 522 18.53 33.34 -22.81
C TRP B 522 18.70 34.31 -21.64
N ASN B 523 18.90 35.61 -21.93
CA ASN B 523 18.94 36.63 -20.87
C ASN B 523 20.17 36.40 -19.96
N ASP C 37 33.42 13.03 -1.24
CA ASP C 37 32.41 12.57 -2.25
C ASP C 37 31.00 12.66 -1.66
N THR C 38 30.08 12.47 -2.57
CA THR C 38 28.62 12.38 -2.28
C THR C 38 28.04 10.97 -2.63
N MET C 39 27.00 10.61 -1.87
CA MET C 39 26.35 9.35 -1.95
C MET C 39 25.73 9.12 -3.31
N LYS C 40 25.66 7.91 -3.84
CA LYS C 40 24.60 7.66 -4.87
C LYS C 40 23.26 7.43 -4.12
N VAL C 41 22.18 7.87 -4.72
CA VAL C 41 20.84 7.61 -4.29
C VAL C 41 20.18 6.57 -5.18
N ILE C 42 19.57 5.57 -4.57
CA ILE C 42 18.95 4.48 -5.32
C ILE C 42 17.47 4.42 -4.83
N ASN C 43 16.51 4.37 -5.76
CA ASN C 43 15.15 4.20 -5.40
C ASN C 43 14.75 2.75 -5.38
N ASP C 44 14.37 2.25 -4.18
CA ASP C 44 14.01 0.85 -4.00
C ASP C 44 12.50 0.80 -3.66
N PRO C 45 11.74 -0.10 -4.30
CA PRO C 45 10.31 -0.10 -4.01
C PRO C 45 9.97 -0.46 -2.57
N ILE C 46 10.79 -1.22 -1.89
CA ILE C 46 10.52 -1.51 -0.48
C ILE C 46 10.96 -0.39 0.45
N HIS C 47 12.18 0.12 0.26
CA HIS C 47 12.77 1.06 1.21
C HIS C 47 12.78 2.52 0.75
N GLY C 48 12.36 2.77 -0.45
CA GLY C 48 12.33 4.11 -0.98
C GLY C 48 13.77 4.50 -1.35
N HIS C 49 14.11 5.71 -1.04
CA HIS C 49 15.37 6.32 -1.46
C HIS C 49 16.50 6.00 -0.48
N ILE C 50 17.47 5.21 -0.96
CA ILE C 50 18.54 4.70 -0.17
C ILE C 50 19.82 5.44 -0.59
N GLU C 51 20.60 5.83 0.38
CA GLU C 51 21.93 6.40 0.15
C GLU C 51 23.01 5.36 0.16
N LEU C 52 23.84 5.34 -0.87
CA LEU C 52 24.97 4.39 -0.96
C LEU C 52 26.29 5.13 -0.94
N HIS C 53 27.10 4.82 0.06
CA HIS C 53 28.45 5.30 0.23
C HIS C 53 29.30 4.90 -1.02
N PRO C 54 30.24 5.76 -1.42
CA PRO C 54 30.99 5.47 -2.63
C PRO C 54 31.78 4.14 -2.58
N LEU C 55 32.25 3.74 -1.43
CA LEU C 55 32.88 2.44 -1.32
C LEU C 55 31.91 1.33 -1.60
N LEU C 56 30.67 1.46 -1.15
CA LEU C 56 29.64 0.46 -1.47
C LEU C 56 29.37 0.42 -2.97
N VAL C 57 29.35 1.57 -3.62
CA VAL C 57 29.17 1.64 -5.06
C VAL C 57 30.29 0.88 -5.80
N ARG C 58 31.53 1.06 -5.34
CA ARG C 58 32.67 0.40 -5.96
C ARG C 58 32.53 -1.12 -5.88
N ILE C 59 32.05 -1.61 -4.75
CA ILE C 59 31.82 -3.03 -4.54
C ILE C 59 30.69 -3.54 -5.42
N ILE C 60 29.62 -2.77 -5.50
CA ILE C 60 28.44 -3.14 -6.29
C ILE C 60 28.76 -3.19 -7.79
N ASP C 61 29.57 -2.27 -8.30
CA ASP C 61 29.85 -2.20 -9.70
C ASP C 61 31.00 -3.13 -10.10
N THR C 62 30.74 -4.41 -9.91
CA THR C 62 31.71 -5.45 -10.21
C THR C 62 30.94 -6.62 -10.80
N PRO C 63 31.58 -7.44 -11.67
CA PRO C 63 30.89 -8.63 -12.17
C PRO C 63 30.46 -9.60 -11.09
N GLN C 64 31.19 -9.66 -9.98
CA GLN C 64 30.88 -10.57 -8.89
C GLN C 64 29.58 -10.15 -8.16
N PHE C 65 29.32 -8.87 -8.06
CA PHE C 65 28.10 -8.41 -7.44
C PHE C 65 26.93 -8.32 -8.42
N GLN C 66 27.19 -7.83 -9.62
CA GLN C 66 26.16 -7.67 -10.66
C GLN C 66 25.54 -8.99 -11.11
N ARG C 67 26.33 -10.05 -10.94
CA ARG C 67 25.89 -11.43 -11.11
C ARG C 67 24.53 -11.73 -10.43
N LEU C 68 24.31 -11.12 -9.25
CA LEU C 68 23.10 -11.36 -8.50
C LEU C 68 21.82 -10.85 -9.19
N ARG C 69 21.98 -10.03 -10.22
CA ARG C 69 20.85 -9.63 -11.06
C ARG C 69 20.25 -10.81 -11.81
N TYR C 70 21.01 -11.88 -11.97
CA TYR C 70 20.59 -13.02 -12.80
C TYR C 70 20.24 -14.26 -11.99
N ILE C 71 19.99 -14.07 -10.72
CA ILE C 71 19.61 -15.17 -9.82
C ILE C 71 18.32 -14.81 -9.07
N LYS C 72 17.24 -15.53 -9.36
CA LYS C 72 15.95 -15.25 -8.76
C LYS C 72 15.96 -15.58 -7.30
N GLN C 73 15.43 -14.65 -6.49
CA GLN C 73 15.31 -14.83 -5.04
C GLN C 73 14.61 -16.11 -4.67
N LEU C 74 13.50 -16.38 -5.30
CA LEU C 74 12.61 -17.52 -4.90
C LEU C 74 12.68 -18.70 -5.88
N GLY C 75 13.62 -18.67 -6.83
CA GLY C 75 13.81 -19.78 -7.73
C GLY C 75 12.58 -20.25 -8.46
N GLY C 76 12.22 -21.51 -8.27
CA GLY C 76 11.00 -22.06 -8.90
C GLY C 76 9.70 -21.42 -8.47
N GLY C 77 9.72 -20.70 -7.35
CA GLY C 77 8.58 -19.92 -6.88
C GLY C 77 7.97 -18.99 -7.93
N TYR C 78 8.80 -18.44 -8.81
CA TYR C 78 8.33 -17.57 -9.88
C TYR C 78 7.30 -18.28 -10.77
N TYR C 79 7.49 -19.59 -10.90
CA TYR C 79 6.63 -20.43 -11.75
C TYR C 79 5.28 -20.73 -11.09
N VAL C 80 5.11 -20.31 -9.82
CA VAL C 80 3.85 -20.43 -9.09
C VAL C 80 3.27 -19.06 -8.75
N PHE C 81 4.13 -18.13 -8.37
CA PHE C 81 3.77 -16.76 -8.03
C PHE C 81 4.40 -15.85 -9.11
N PRO C 82 3.63 -15.37 -10.04
CA PRO C 82 4.18 -14.61 -11.16
C PRO C 82 4.69 -13.24 -10.73
N GLY C 83 4.34 -12.73 -9.58
CA GLY C 83 4.95 -11.52 -9.09
C GLY C 83 6.40 -11.69 -8.65
N ALA C 84 6.81 -12.89 -8.34
CA ALA C 84 8.13 -13.17 -7.73
C ALA C 84 9.25 -13.26 -8.79
N SER C 85 9.39 -12.18 -9.52
CA SER C 85 10.43 -11.99 -10.52
C SER C 85 11.73 -11.42 -9.91
N HIS C 86 11.69 -11.04 -8.64
CA HIS C 86 12.80 -10.38 -8.01
C HIS C 86 14.06 -11.22 -7.85
N ASN C 87 15.22 -10.57 -7.96
CA ASN C 87 16.50 -11.22 -7.91
C ASN C 87 17.30 -10.91 -6.65
N ARG C 88 18.36 -11.67 -6.45
CA ARG C 88 19.21 -11.53 -5.27
C ARG C 88 19.89 -10.16 -5.17
N PHE C 89 20.11 -9.50 -6.29
CA PHE C 89 20.76 -8.22 -6.33
C PHE C 89 20.01 -7.15 -5.48
N GLU C 90 18.72 -6.95 -5.78
CA GLU C 90 17.92 -5.96 -5.10
C GLU C 90 17.73 -6.33 -3.61
N HIS C 91 17.59 -7.60 -3.32
CA HIS C 91 17.54 -8.04 -1.93
C HIS C 91 18.85 -7.66 -1.19
N SER C 92 19.99 -7.85 -1.86
CA SER C 92 21.27 -7.52 -1.25
C SER C 92 21.38 -6.02 -0.90
N LEU C 93 20.91 -5.16 -1.81
CA LEU C 93 20.92 -3.74 -1.53
C LEU C 93 20.10 -3.44 -0.29
N GLY C 94 18.95 -4.09 -0.17
CA GLY C 94 18.06 -3.89 0.95
C GLY C 94 18.70 -4.35 2.27
N VAL C 95 19.41 -5.48 2.23
CA VAL C 95 20.04 -6.00 3.42
C VAL C 95 21.13 -5.02 3.89
N GLY C 96 21.96 -4.52 2.93
CA GLY C 96 22.99 -3.56 3.26
C GLY C 96 22.38 -2.28 3.87
N TYR C 97 21.29 -1.82 3.28
CA TYR C 97 20.61 -0.64 3.78
C TYR C 97 20.08 -0.84 5.22
N LEU C 98 19.38 -1.95 5.48
CA LEU C 98 18.87 -2.18 6.81
C LEU C 98 19.97 -2.39 7.85
N ALA C 99 21.05 -3.06 7.46
CA ALA C 99 22.19 -3.23 8.36
C ALA C 99 22.70 -1.85 8.82
N GLY C 100 22.82 -0.93 7.86
CA GLY C 100 23.19 0.44 8.17
C GLY C 100 22.22 1.17 9.06
N CYS C 101 20.89 0.99 8.80
CA CYS C 101 19.87 1.62 9.61
C CYS C 101 19.98 1.19 11.07
N LEU C 102 20.15 -0.11 11.30
CA LEU C 102 20.16 -0.63 12.66
C LEU C 102 21.40 -0.15 13.37
N VAL C 103 22.60 -0.31 12.77
CA VAL C 103 23.80 0.10 13.46
C VAL C 103 23.78 1.63 13.74
N HIS C 104 23.38 2.46 12.78
CA HIS C 104 23.20 3.91 13.03
C HIS C 104 22.24 4.17 14.20
N ALA C 105 21.07 3.54 14.22
CA ALA C 105 20.10 3.81 15.27
C ALA C 105 20.68 3.50 16.67
N LEU C 106 21.38 2.36 16.78
CA LEU C 106 21.99 1.99 18.04
C LEU C 106 23.00 3.02 18.48
N GLY C 107 23.82 3.47 17.53
CA GLY C 107 24.88 4.46 17.81
C GLY C 107 24.34 5.80 18.20
N GLU C 108 23.21 6.21 17.58
CA GLU C 108 22.60 7.51 17.93
C GLU C 108 22.00 7.49 19.32
N LYS C 109 21.33 6.41 19.68
CA LYS C 109 20.74 6.27 21.03
C LYS C 109 21.79 6.06 22.13
N GLN C 110 22.87 5.34 21.82
CA GLN C 110 23.88 4.97 22.81
C GLN C 110 25.29 5.34 22.33
N PRO C 111 25.65 6.63 22.40
CA PRO C 111 27.01 7.06 22.09
C PRO C 111 28.09 6.29 22.86
N GLU C 112 27.75 5.79 24.03
CA GLU C 112 28.73 5.05 24.84
C GLU C 112 29.19 3.71 24.19
N LEU C 113 28.50 3.27 23.17
CA LEU C 113 28.93 2.07 22.45
C LEU C 113 30.16 2.33 21.59
N GLN C 114 30.49 3.59 21.33
CA GLN C 114 31.60 3.97 20.51
C GLN C 114 31.53 3.42 19.07
N ILE C 115 30.35 3.32 18.49
CA ILE C 115 30.29 2.87 17.12
C ILE C 115 30.95 3.87 16.19
N SER C 116 31.97 3.49 15.42
CA SER C 116 32.55 4.37 14.45
C SER C 116 31.95 4.22 13.03
N GLU C 117 32.21 5.22 12.21
CA GLU C 117 31.79 5.18 10.81
C GLU C 117 32.45 3.99 10.11
N ARG C 118 33.65 3.62 10.52
CA ARG C 118 34.30 2.44 10.08
C ARG C 118 33.45 1.20 10.42
N ASP C 119 32.90 1.16 11.64
CA ASP C 119 32.06 0.05 12.00
C ASP C 119 30.80 0.00 11.14
N VAL C 120 30.21 1.19 10.93
CA VAL C 120 28.99 1.26 10.13
C VAL C 120 29.24 0.73 8.72
N LEU C 121 30.32 1.17 8.10
CA LEU C 121 30.67 0.73 6.74
C LEU C 121 30.91 -0.77 6.65
N CYS C 122 31.59 -1.34 7.65
CA CYS C 122 31.85 -2.76 7.67
C CYS C 122 30.55 -3.59 7.80
N VAL C 123 29.63 -3.11 8.63
CA VAL C 123 28.35 -3.77 8.76
C VAL C 123 27.53 -3.65 7.49
N GLN C 124 27.55 -2.48 6.87
CA GLN C 124 26.90 -2.31 5.55
C GLN C 124 27.48 -3.24 4.49
N ILE C 125 28.80 -3.37 4.46
CA ILE C 125 29.44 -4.20 3.45
C ILE C 125 29.06 -5.67 3.66
N ALA C 126 29.07 -6.12 4.90
CA ALA C 126 28.66 -7.48 5.21
C ALA C 126 27.18 -7.71 4.78
N GLY C 127 26.34 -6.74 5.09
CA GLY C 127 24.94 -6.84 4.70
C GLY C 127 24.77 -6.91 3.22
N LEU C 128 25.52 -6.07 2.52
CA LEU C 128 25.53 -6.03 1.04
C LEU C 128 26.00 -7.35 0.43
N CYS C 129 26.98 -7.98 1.06
CA CYS C 129 27.68 -9.08 0.42
C CYS C 129 27.28 -10.48 0.90
N ARG C 130 26.37 -10.56 1.88
CA ARG C 130 26.03 -11.87 2.42
C ARG C 130 25.21 -12.74 1.48
N ASN C 131 24.81 -12.24 0.32
CA ASN C 131 24.12 -13.11 -0.67
C ASN C 131 24.98 -13.47 -1.89
N LEU C 132 26.28 -13.12 -1.86
CA LEU C 132 27.14 -13.33 -3.00
C LEU C 132 27.32 -14.79 -3.41
N GLY C 133 27.16 -15.70 -2.47
CA GLY C 133 27.42 -17.12 -2.68
C GLY C 133 26.28 -17.92 -3.28
N HIS C 134 25.11 -17.31 -3.43
CA HIS C 134 23.96 -18.05 -3.95
C HIS C 134 24.22 -18.48 -5.42
N GLY C 135 23.62 -19.60 -5.76
CA GLY C 135 23.74 -20.20 -7.07
C GLY C 135 22.41 -20.14 -7.80
N PRO C 136 22.38 -20.65 -9.04
CA PRO C 136 21.17 -20.64 -9.83
C PRO C 136 19.91 -21.07 -9.06
N PHE C 137 18.89 -20.25 -9.15
CA PHE C 137 17.61 -20.51 -8.48
C PHE C 137 17.72 -20.56 -6.95
N SER C 138 18.75 -19.92 -6.42
CA SER C 138 18.95 -19.79 -4.99
C SER C 138 18.87 -21.12 -4.23
N HIS C 139 17.86 -21.31 -3.39
CA HIS C 139 17.86 -22.45 -2.47
C HIS C 139 17.85 -23.79 -3.18
N MET C 140 17.37 -23.80 -4.39
CA MET C 140 17.41 -25.02 -5.20
C MET C 140 18.87 -25.56 -5.31
N PHE C 141 19.81 -24.63 -5.52
CA PHE C 141 21.19 -24.98 -5.75
C PHE C 141 21.86 -25.60 -4.51
N ASP C 142 21.80 -24.88 -3.39
CA ASP C 142 22.39 -25.37 -2.16
C ASP C 142 21.49 -26.35 -1.44
N GLY C 143 20.19 -26.23 -1.60
CA GLY C 143 19.25 -27.14 -0.90
C GLY C 143 19.00 -28.45 -1.60
N ARG C 144 19.10 -28.50 -2.93
CA ARG C 144 18.77 -29.71 -3.67
C ARG C 144 19.87 -30.22 -4.57
N PHE C 145 20.42 -29.35 -5.41
CA PHE C 145 21.35 -29.78 -6.45
C PHE C 145 22.72 -30.22 -5.91
N ILE C 146 23.40 -29.34 -5.19
CA ILE C 146 24.73 -29.67 -4.70
C ILE C 146 24.74 -30.94 -3.78
N PRO C 147 23.79 -31.03 -2.83
CA PRO C 147 23.77 -32.26 -2.01
C PRO C 147 23.62 -33.54 -2.80
N LEU C 148 22.93 -33.51 -3.94
CA LEU C 148 22.83 -34.69 -4.81
C LEU C 148 24.02 -34.86 -5.74
N ALA C 149 24.50 -33.75 -6.31
CA ALA C 149 25.62 -33.83 -7.26
C ALA C 149 26.93 -34.10 -6.56
N ARG C 150 27.12 -33.54 -5.37
CA ARG C 150 28.39 -33.61 -4.66
C ARG C 150 28.13 -33.93 -3.18
N PRO C 151 27.65 -35.15 -2.90
CA PRO C 151 27.32 -35.58 -1.55
C PRO C 151 28.49 -35.53 -0.57
N GLU C 152 29.70 -35.78 -1.08
CA GLU C 152 30.92 -35.73 -0.25
C GLU C 152 31.23 -34.32 0.31
N VAL C 153 30.99 -33.28 -0.48
CA VAL C 153 31.33 -31.94 -0.04
C VAL C 153 30.27 -31.36 0.86
N LYS C 154 30.68 -30.47 1.75
CA LYS C 154 29.75 -29.70 2.58
C LYS C 154 29.80 -28.27 2.02
N TRP C 155 28.71 -27.83 1.46
CA TRP C 155 28.69 -26.51 0.82
C TRP C 155 27.52 -25.71 1.38
N THR C 156 27.74 -24.43 1.64
CA THR C 156 26.66 -23.54 2.03
C THR C 156 26.81 -22.23 1.24
N HIS C 157 25.71 -21.50 1.11
CA HIS C 157 25.76 -20.20 0.48
C HIS C 157 26.67 -19.24 1.25
N GLU C 158 26.71 -19.42 2.55
CA GLU C 158 27.58 -18.63 3.43
C GLU C 158 29.03 -18.76 3.05
N GLN C 159 29.47 -20.00 2.88
CA GLN C 159 30.86 -20.30 2.48
C GLN C 159 31.10 -19.68 1.11
N GLY C 160 30.14 -19.87 0.22
CA GLY C 160 30.22 -19.30 -1.11
C GLY C 160 30.36 -17.80 -1.09
N SER C 161 29.59 -17.15 -0.20
CA SER C 161 29.61 -15.69 -0.10
C SER C 161 31.00 -15.19 0.32
N VAL C 162 31.62 -15.88 1.27
CA VAL C 162 32.97 -15.51 1.72
C VAL C 162 33.99 -15.66 0.58
N MET C 163 33.89 -16.77 -0.15
CA MET C 163 34.79 -17.02 -1.28
C MET C 163 34.60 -15.97 -2.38
N MET C 164 33.35 -15.69 -2.71
CA MET C 164 33.06 -14.70 -3.74
C MET C 164 33.46 -13.29 -3.33
N PHE C 165 33.31 -12.99 -2.03
CA PHE C 165 33.71 -11.69 -1.51
C PHE C 165 35.21 -11.49 -1.66
N GLU C 166 35.96 -12.53 -1.30
CA GLU C 166 37.43 -12.52 -1.45
C GLU C 166 37.81 -12.32 -2.93
N HIS C 167 37.13 -13.05 -3.80
CA HIS C 167 37.35 -12.94 -5.22
C HIS C 167 37.01 -11.54 -5.73
N LEU C 168 35.92 -10.98 -5.23
CA LEU C 168 35.51 -9.62 -5.59
C LEU C 168 36.56 -8.59 -5.17
N ILE C 169 37.03 -8.69 -3.93
CA ILE C 169 38.02 -7.78 -3.40
C ILE C 169 39.30 -7.84 -4.22
N ASN C 170 39.80 -9.06 -4.44
CA ASN C 170 41.08 -9.26 -5.11
C ASN C 170 41.05 -8.92 -6.60
N SER C 171 39.94 -9.25 -7.27
CA SER C 171 39.81 -8.99 -8.70
C SER C 171 39.58 -7.55 -9.05
N ASN C 172 39.14 -6.72 -8.11
CA ASN C 172 38.73 -5.35 -8.44
C ASN C 172 39.48 -4.26 -7.68
N GLY C 173 40.58 -4.62 -7.03
CA GLY C 173 41.43 -3.65 -6.34
C GLY C 173 40.67 -2.86 -5.27
N ILE C 174 39.83 -3.55 -4.52
CA ILE C 174 39.01 -2.90 -3.51
C ILE C 174 39.81 -2.45 -2.26
N LYS C 175 40.86 -3.18 -1.89
CA LYS C 175 41.56 -2.91 -0.65
C LYS C 175 42.10 -1.45 -0.56
N PRO C 176 42.71 -0.93 -1.65
CA PRO C 176 43.10 0.48 -1.60
C PRO C 176 41.92 1.41 -1.42
N VAL C 177 40.76 1.08 -1.99
CA VAL C 177 39.58 1.93 -1.84
C VAL C 177 39.10 1.91 -0.36
N MET C 178 39.18 0.74 0.28
CA MET C 178 38.84 0.64 1.69
C MET C 178 39.70 1.53 2.56
N GLU C 179 41.02 1.55 2.29
CA GLU C 179 41.96 2.37 3.04
C GLU C 179 41.64 3.86 2.83
N GLN C 180 41.30 4.22 1.59
CA GLN C 180 40.95 5.58 1.27
C GLN C 180 39.78 6.11 2.12
N TYR C 181 38.84 5.24 2.47
CA TYR C 181 37.71 5.64 3.30
C TYR C 181 37.86 5.28 4.77
N GLY C 182 39.08 4.95 5.17
CA GLY C 182 39.41 4.77 6.60
C GLY C 182 39.30 3.34 7.14
N LEU C 183 38.99 2.37 6.29
CA LEU C 183 39.01 0.97 6.71
C LEU C 183 40.44 0.45 6.81
N ILE C 184 40.65 -0.55 7.67
CA ILE C 184 41.90 -1.27 7.77
C ILE C 184 41.66 -2.68 7.22
N PRO C 185 42.04 -2.93 5.96
CA PRO C 185 41.66 -4.16 5.24
C PRO C 185 41.86 -5.48 5.96
N GLU C 186 43.00 -5.67 6.59
CA GLU C 186 43.28 -6.95 7.26
C GLU C 186 42.22 -7.26 8.31
N GLU C 187 42.03 -6.32 9.23
CA GLU C 187 41.06 -6.46 10.34
C GLU C 187 39.62 -6.48 9.80
N ASP C 188 39.35 -5.59 8.84
CA ASP C 188 37.98 -5.33 8.43
C ASP C 188 37.46 -6.35 7.45
N ILE C 189 38.32 -6.89 6.59
CA ILE C 189 37.94 -7.99 5.72
C ILE C 189 37.57 -9.21 6.59
N CYS C 190 38.40 -9.44 7.60
CA CYS C 190 38.15 -10.50 8.54
C CYS C 190 36.78 -10.28 9.24
N PHE C 191 36.53 -9.05 9.71
CA PHE C 191 35.29 -8.73 10.36
C PHE C 191 34.07 -8.99 9.45
N ILE C 192 34.18 -8.53 8.21
CA ILE C 192 33.09 -8.71 7.24
C ILE C 192 32.82 -10.22 6.98
N LYS C 193 33.87 -11.00 6.79
CA LYS C 193 33.70 -12.41 6.56
C LYS C 193 33.08 -13.11 7.77
N GLU C 194 33.53 -12.72 8.96
CA GLU C 194 32.96 -13.26 10.19
C GLU C 194 31.48 -12.98 10.37
N GLN C 195 31.05 -11.79 9.97
CA GLN C 195 29.61 -11.45 10.01
C GLN C 195 28.82 -12.36 9.10
N ILE C 196 29.42 -12.76 7.97
CA ILE C 196 28.73 -13.58 6.98
C ILE C 196 28.68 -15.05 7.37
N VAL C 197 29.81 -15.60 7.78
CA VAL C 197 29.90 -17.06 7.99
C VAL C 197 30.14 -17.47 9.44
N GLY C 198 30.43 -16.52 10.32
CA GLY C 198 30.76 -16.83 11.71
C GLY C 198 32.23 -16.98 11.93
N PRO C 199 32.62 -17.41 13.15
CA PRO C 199 34.04 -17.45 13.52
C PRO C 199 34.92 -18.13 12.48
N LEU C 200 35.98 -17.47 12.02
CA LEU C 200 36.86 -18.01 11.01
C LEU C 200 37.74 -19.21 11.44
N GLU C 201 37.79 -19.50 12.76
CA GLU C 201 38.25 -20.80 13.28
C GLU C 201 37.24 -21.48 14.22
N LEU C 208 36.20 -18.04 26.26
CA LEU C 208 36.99 -17.58 25.13
C LEU C 208 36.10 -16.99 24.03
N TRP C 209 36.48 -15.76 23.63
CA TRP C 209 35.88 -14.98 22.54
C TRP C 209 36.49 -15.36 21.14
N PRO C 210 35.64 -15.92 20.28
CA PRO C 210 36.10 -16.61 19.06
C PRO C 210 36.35 -15.72 17.83
N TYR C 211 35.99 -14.45 17.90
CA TYR C 211 36.12 -13.58 16.73
C TYR C 211 37.39 -12.75 16.77
N LYS C 212 37.96 -12.47 15.60
CA LYS C 212 39.15 -11.65 15.44
C LYS C 212 38.91 -10.28 14.84
N GLY C 213 37.79 -10.06 14.18
CA GLY C 213 37.58 -8.78 13.45
C GLY C 213 37.30 -7.63 14.38
N ARG C 214 36.63 -7.91 15.47
CA ARG C 214 36.28 -6.92 16.50
C ARG C 214 36.27 -7.61 17.86
N PRO C 215 36.49 -6.86 18.94
CA PRO C 215 36.48 -7.43 20.29
C PRO C 215 35.10 -7.51 20.97
N GLU C 216 35.09 -8.07 22.17
CA GLU C 216 33.83 -8.34 22.92
C GLU C 216 33.01 -7.10 23.17
N ASN C 217 33.64 -5.95 23.30
CA ASN C 217 32.89 -4.70 23.50
C ASN C 217 32.11 -4.24 22.26
N LYS C 218 32.32 -4.89 21.11
CA LYS C 218 31.54 -4.67 19.91
C LYS C 218 30.76 -5.94 19.49
N SER C 219 30.55 -6.82 20.44
CA SER C 219 29.88 -8.11 20.20
C SER C 219 28.49 -7.98 19.51
N PHE C 220 27.74 -6.96 19.91
CA PHE C 220 26.46 -6.65 19.35
C PHE C 220 26.49 -6.47 17.81
N LEU C 221 27.63 -6.06 17.28
CA LEU C 221 27.73 -5.87 15.84
C LEU C 221 27.61 -7.17 15.06
N TYR C 222 27.96 -8.29 15.68
CA TYR C 222 27.78 -9.59 15.07
C TYR C 222 26.32 -10.10 15.09
N GLU C 223 25.42 -9.36 15.71
CA GLU C 223 24.01 -9.76 15.82
C GLU C 223 23.13 -9.10 14.68
N ILE C 224 23.73 -8.38 13.77
CA ILE C 224 22.97 -7.56 12.86
C ILE C 224 22.72 -8.24 11.49
N VAL C 225 23.73 -8.74 10.85
CA VAL C 225 23.64 -9.26 9.50
C VAL C 225 23.25 -10.73 9.43
N SER C 226 23.86 -11.57 10.21
CA SER C 226 23.45 -12.96 10.34
C SER C 226 23.59 -13.40 11.77
N ASN C 227 22.47 -13.38 12.47
CA ASN C 227 22.44 -13.51 13.93
C ASN C 227 22.31 -15.00 14.28
N LYS C 228 23.47 -15.57 14.67
CA LYS C 228 23.53 -16.98 15.00
C LYS C 228 22.96 -17.33 16.39
N ARG C 229 22.95 -16.34 17.28
CA ARG C 229 22.38 -16.48 18.61
C ARG C 229 20.89 -16.71 18.66
N ASN C 230 20.11 -15.93 17.91
CA ASN C 230 18.64 -16.06 17.95
C ASN C 230 17.90 -15.95 16.62
N GLY C 231 18.62 -15.61 15.55
CA GLY C 231 17.97 -15.50 14.21
C GLY C 231 17.27 -14.19 13.89
N ILE C 232 17.36 -13.21 14.79
CA ILE C 232 16.80 -11.88 14.50
C ILE C 232 17.84 -11.07 13.75
N ASP C 233 17.79 -11.07 12.40
CA ASP C 233 18.70 -10.26 11.63
C ASP C 233 18.04 -9.47 10.51
N VAL C 234 18.80 -8.58 9.90
CA VAL C 234 18.27 -7.65 8.90
C VAL C 234 17.99 -8.32 7.56
N ASP C 235 18.61 -9.47 7.36
CA ASP C 235 18.37 -10.25 6.13
C ASP C 235 16.92 -10.70 6.10
N LYS C 236 16.41 -11.26 7.21
CA LYS C 236 15.00 -11.61 7.35
C LYS C 236 14.09 -10.41 7.10
N TRP C 237 14.46 -9.27 7.66
CA TRP C 237 13.61 -8.10 7.54
C TRP C 237 13.43 -7.66 6.10
N ASP C 238 14.51 -7.67 5.33
CA ASP C 238 14.38 -7.32 3.93
C ASP C 238 13.52 -8.36 3.16
N TYR C 239 13.81 -9.65 3.33
CA TYR C 239 13.06 -10.62 2.53
C TYR C 239 11.58 -10.73 2.94
N PHE C 240 11.24 -10.51 4.20
CA PHE C 240 9.83 -10.46 4.58
C PHE C 240 9.10 -9.39 3.76
N ALA C 241 9.66 -8.18 3.76
CA ALA C 241 9.01 -7.08 3.09
C ALA C 241 9.03 -7.26 1.55
N ARG C 242 10.18 -7.64 1.02
CA ARG C 242 10.35 -7.73 -0.40
C ARG C 242 9.57 -8.92 -0.98
N ASP C 243 9.73 -10.10 -0.39
CA ASP C 243 9.00 -11.26 -0.87
C ASP C 243 7.49 -11.00 -0.84
N CYS C 244 7.00 -10.41 0.27
CA CYS C 244 5.56 -10.14 0.37
C CYS C 244 5.06 -9.19 -0.71
N HIS C 245 5.83 -8.13 -0.94
CA HIS C 245 5.52 -7.15 -1.99
C HIS C 245 5.37 -7.80 -3.39
N HIS C 246 6.23 -8.74 -3.68
CA HIS C 246 6.25 -9.41 -4.98
C HIS C 246 5.33 -10.62 -5.08
N LEU C 247 5.22 -11.37 -3.98
CA LEU C 247 4.33 -12.53 -3.97
C LEU C 247 2.84 -12.16 -4.00
N GLY C 248 2.51 -10.99 -3.46
CA GLY C 248 1.12 -10.57 -3.30
C GLY C 248 0.47 -11.15 -2.04
N ILE C 249 1.27 -11.22 -0.99
CA ILE C 249 0.88 -11.67 0.34
C ILE C 249 1.35 -10.54 1.33
N GLN C 250 0.57 -10.23 2.31
CA GLN C 250 0.89 -9.05 3.10
C GLN C 250 1.69 -9.48 4.36
N ASN C 251 2.64 -8.58 4.73
CA ASN C 251 3.58 -8.79 5.82
C ASN C 251 3.06 -8.14 7.12
N ASN C 252 3.02 -8.91 8.21
CA ASN C 252 2.58 -8.31 9.47
C ASN C 252 3.72 -7.93 10.47
N PHE C 253 4.98 -8.07 10.09
CA PHE C 253 6.07 -7.65 10.94
C PHE C 253 6.54 -6.24 10.68
N ASP C 254 6.66 -5.42 11.75
CA ASP C 254 7.10 -4.04 11.62
C ASP C 254 8.56 -3.92 12.13
N TYR C 255 9.53 -3.87 11.22
CA TYR C 255 10.96 -3.85 11.52
C TYR C 255 11.31 -2.46 12.07
N LYS C 256 10.67 -1.43 11.60
CA LYS C 256 10.93 -0.09 12.09
C LYS C 256 10.56 0.06 13.57
N ARG C 257 9.49 -0.58 14.01
CA ARG C 257 9.13 -0.57 15.40
C ARG C 257 10.26 -1.26 16.19
N PHE C 258 10.71 -2.43 15.70
CA PHE C 258 11.72 -3.14 16.45
C PHE C 258 12.97 -2.23 16.63
N ILE C 259 13.39 -1.55 15.55
CA ILE C 259 14.54 -0.71 15.61
C ILE C 259 14.36 0.35 16.70
N LYS C 260 13.18 0.97 16.70
CA LYS C 260 12.90 2.01 17.70
C LYS C 260 13.00 1.52 19.14
N PHE C 261 12.68 0.27 19.38
CA PHE C 261 12.71 -0.27 20.72
C PHE C 261 14.01 -1.04 21.03
N ALA C 262 14.95 -1.07 20.10
CA ALA C 262 16.15 -1.87 20.32
C ALA C 262 17.20 -1.11 21.12
N ARG C 263 17.90 -1.82 22.02
CA ARG C 263 18.98 -1.26 22.78
C ARG C 263 20.07 -2.28 22.94
N VAL C 264 21.29 -1.85 23.29
CA VAL C 264 22.36 -2.75 23.67
C VAL C 264 22.56 -2.77 25.15
N CYS C 265 22.57 -3.95 25.76
CA CYS C 265 22.80 -4.12 27.18
C CYS C 265 23.84 -5.18 27.44
N GLU C 266 24.47 -5.12 28.62
CA GLU C 266 25.35 -6.19 29.06
C GLU C 266 24.58 -7.42 29.45
N VAL C 267 24.88 -8.57 28.82
CA VAL C 267 24.38 -9.89 29.23
C VAL C 267 25.58 -10.83 29.36
N ASP C 268 25.79 -11.39 30.56
CA ASP C 268 26.93 -12.29 30.81
C ASP C 268 28.27 -11.77 30.28
N ASN C 269 28.68 -10.62 30.79
CA ASN C 269 29.92 -9.93 30.32
C ASN C 269 29.99 -9.61 28.82
N GLU C 270 28.86 -9.58 28.15
CA GLU C 270 28.88 -9.35 26.69
C GLU C 270 27.82 -8.35 26.35
N LEU C 271 28.12 -7.43 25.43
CA LEU C 271 27.16 -6.45 24.96
C LEU C 271 26.31 -7.06 23.83
N ARG C 272 25.04 -7.11 24.08
CA ARG C 272 24.08 -7.69 23.11
C ARG C 272 22.92 -6.79 22.82
N ILE C 273 22.35 -6.91 21.63
CA ILE C 273 21.13 -6.21 21.27
C ILE C 273 19.97 -6.78 22.06
N CYS C 274 19.24 -5.93 22.77
CA CYS C 274 18.06 -6.33 23.54
C CYS C 274 16.81 -5.61 23.07
N ALA C 275 15.69 -6.29 23.23
CA ALA C 275 14.38 -5.76 22.81
C ALA C 275 13.65 -5.27 24.07
N ARG C 276 12.75 -4.32 23.87
CA ARG C 276 11.90 -3.90 25.01
C ARG C 276 11.00 -5.03 25.40
N ASP C 277 10.82 -5.24 26.69
CA ASP C 277 10.08 -6.42 27.26
C ASP C 277 8.73 -6.62 26.58
N LYS C 278 7.99 -5.56 26.49
CA LYS C 278 6.61 -5.73 26.01
C LYS C 278 6.53 -5.98 24.49
N GLU C 279 7.65 -5.86 23.78
CA GLU C 279 7.69 -6.24 22.39
C GLU C 279 7.80 -7.77 22.14
N VAL C 280 7.87 -8.55 23.21
CA VAL C 280 8.05 -9.98 23.05
C VAL C 280 7.04 -10.66 22.11
N GLY C 281 5.78 -10.25 22.23
CA GLY C 281 4.72 -10.72 21.29
C GLY C 281 5.06 -10.46 19.84
N ASN C 282 5.62 -9.28 19.52
CA ASN C 282 6.01 -8.94 18.19
C ASN C 282 7.14 -9.85 17.66
N LEU C 283 8.02 -10.24 18.56
CA LEU C 283 9.12 -11.17 18.21
C LEU C 283 8.61 -12.55 17.92
N TYR C 284 7.70 -13.06 18.76
CA TYR C 284 7.02 -14.33 18.46
C TYR C 284 6.38 -14.24 17.08
N ASP C 285 5.72 -13.10 16.81
CA ASP C 285 5.03 -12.92 15.55
C ASP C 285 5.98 -12.89 14.36
N MET C 286 7.16 -12.36 14.57
CA MET C 286 8.17 -12.32 13.50
C MET C 286 8.49 -13.74 12.99
N PHE C 287 8.67 -14.66 13.91
CA PHE C 287 8.93 -16.05 13.57
C PHE C 287 7.71 -16.71 12.99
N HIS C 288 6.53 -16.33 13.49
CA HIS C 288 5.29 -16.83 12.91
C HIS C 288 5.19 -16.40 11.45
N THR C 289 5.52 -15.14 11.17
CA THR C 289 5.54 -14.62 9.81
C THR C 289 6.48 -15.43 8.90
N ARG C 290 7.68 -15.71 9.40
CA ARG C 290 8.64 -16.52 8.67
C ARG C 290 8.08 -17.92 8.32
N ASN C 291 7.45 -18.54 9.32
CA ASN C 291 6.85 -19.85 9.13
C ASN C 291 5.72 -19.82 8.11
N SER C 292 4.91 -18.77 8.15
CA SER C 292 3.80 -18.60 7.21
C SER C 292 4.30 -18.40 5.80
N LEU C 293 5.39 -17.65 5.62
CA LEU C 293 5.97 -17.45 4.30
C LEU C 293 6.50 -18.80 3.74
N HIS C 294 7.13 -19.60 4.60
CA HIS C 294 7.55 -20.91 4.19
C HIS C 294 6.34 -21.82 3.78
N ARG C 295 5.29 -21.87 4.59
CA ARG C 295 4.10 -22.66 4.27
C ARG C 295 3.42 -22.20 2.98
N ARG C 296 3.15 -20.90 2.89
CA ARG C 296 2.42 -20.46 1.79
C ARG C 296 3.22 -20.45 0.48
N ALA C 297 4.49 -20.07 0.56
CA ALA C 297 5.25 -19.71 -0.64
C ALA C 297 6.52 -20.56 -0.83
N TYR C 298 7.44 -20.51 0.10
CA TYR C 298 8.75 -21.10 -0.19
C TYR C 298 8.68 -22.63 -0.27
N GLN C 299 7.75 -23.24 0.47
CA GLN C 299 7.54 -24.68 0.42
C GLN C 299 6.25 -25.02 -0.31
N HIS C 300 5.81 -24.15 -1.20
CA HIS C 300 4.64 -24.45 -2.00
C HIS C 300 4.86 -25.77 -2.76
N LYS C 301 3.92 -26.67 -2.70
CA LYS C 301 4.10 -28.03 -3.21
C LYS C 301 4.48 -28.10 -4.70
N VAL C 302 3.92 -27.22 -5.50
CA VAL C 302 4.26 -27.16 -6.90
C VAL C 302 5.56 -26.40 -7.16
N GLY C 303 5.83 -25.33 -6.40
CA GLY C 303 7.12 -24.67 -6.49
C GLY C 303 8.26 -25.64 -6.19
N ASN C 304 8.03 -26.50 -5.19
CA ASN C 304 9.04 -27.49 -4.83
C ASN C 304 9.24 -28.53 -5.94
N ILE C 305 8.18 -28.95 -6.58
CA ILE C 305 8.31 -29.97 -7.60
C ILE C 305 8.98 -29.38 -8.86
N ILE C 306 8.71 -28.11 -9.15
CA ILE C 306 9.40 -27.45 -10.23
C ILE C 306 10.93 -27.33 -9.93
N ASP C 307 11.24 -26.99 -8.68
CA ASP C 307 12.63 -26.96 -8.25
C ASP C 307 13.26 -28.37 -8.39
N THR C 308 12.49 -29.41 -8.06
CA THR C 308 12.95 -30.75 -8.17
C THR C 308 13.21 -31.15 -9.65
N MET C 309 12.31 -30.75 -10.53
CA MET C 309 12.47 -31.05 -11.95
C MET C 309 13.67 -30.29 -12.55
N ILE C 310 13.85 -29.03 -12.15
CA ILE C 310 14.98 -28.27 -12.64
C ILE C 310 16.29 -28.91 -12.17
N THR C 311 16.31 -29.36 -10.92
CA THR C 311 17.47 -30.04 -10.37
C THR C 311 17.81 -31.31 -11.16
N ASP C 312 16.79 -32.09 -11.50
CA ASP C 312 16.95 -33.29 -12.32
C ASP C 312 17.58 -32.92 -13.69
N ALA C 313 17.05 -31.85 -14.30
CA ALA C 313 17.59 -31.39 -15.55
C ALA C 313 19.08 -30.98 -15.43
N PHE C 314 19.42 -30.28 -14.36
CA PHE C 314 20.81 -29.91 -14.11
C PHE C 314 21.71 -31.11 -13.93
N LEU C 315 21.23 -32.13 -13.23
CA LEU C 315 21.99 -33.37 -13.01
C LEU C 315 22.23 -34.06 -14.35
N LYS C 316 21.24 -34.07 -15.21
CA LYS C 316 21.38 -34.67 -16.53
C LYS C 316 22.25 -33.85 -17.48
N ALA C 317 22.34 -32.55 -17.24
CA ALA C 317 23.16 -31.66 -18.05
C ALA C 317 24.62 -31.59 -17.55
N ASP C 318 24.86 -32.06 -16.33
CA ASP C 318 26.11 -31.73 -15.62
C ASP C 318 27.37 -32.25 -16.32
N ASP C 319 27.28 -33.40 -17.00
CA ASP C 319 28.45 -33.91 -17.70
C ASP C 319 28.81 -33.12 -18.96
N TYR C 320 27.91 -32.27 -19.45
CA TYR C 320 28.06 -31.69 -20.78
C TYR C 320 28.11 -30.20 -20.87
N ILE C 321 27.60 -29.47 -19.85
CA ILE C 321 27.75 -28.01 -19.81
C ILE C 321 29.18 -27.74 -19.37
N GLU C 322 29.93 -26.88 -20.09
CA GLU C 322 31.21 -26.46 -19.61
C GLU C 322 31.21 -24.97 -19.31
N ILE C 323 31.82 -24.59 -18.17
CA ILE C 323 31.95 -23.21 -17.80
C ILE C 323 33.43 -22.91 -17.64
N THR C 324 33.86 -21.88 -18.34
CA THR C 324 35.29 -21.54 -18.39
C THR C 324 35.65 -20.68 -17.17
N GLY C 325 36.60 -21.16 -16.39
CA GLY C 325 37.09 -20.52 -15.20
C GLY C 325 38.51 -19.96 -15.37
N ALA C 326 39.21 -19.84 -14.22
CA ALA C 326 40.51 -19.24 -14.16
C ALA C 326 41.51 -20.09 -14.96
N GLY C 327 42.36 -19.41 -15.74
CA GLY C 327 43.37 -20.05 -16.55
C GLY C 327 42.80 -20.82 -17.73
N GLY C 328 41.56 -20.53 -18.12
CA GLY C 328 40.91 -21.22 -19.22
C GLY C 328 40.44 -22.61 -18.91
N LYS C 329 40.61 -23.05 -17.67
CA LYS C 329 40.16 -24.38 -17.24
C LYS C 329 38.66 -24.50 -17.30
N LYS C 330 38.17 -25.72 -17.54
CA LYS C 330 36.73 -25.95 -17.71
C LYS C 330 36.11 -26.54 -16.46
N TYR C 331 34.93 -26.07 -16.12
CA TYR C 331 34.22 -26.56 -14.92
C TYR C 331 32.83 -27.00 -15.30
N ARG C 332 32.26 -27.87 -14.47
CA ARG C 332 30.89 -28.33 -14.61
C ARG C 332 29.97 -27.49 -13.69
N ILE C 333 28.68 -27.59 -13.90
CA ILE C 333 27.72 -26.95 -13.02
C ILE C 333 28.03 -27.33 -11.58
N SER C 334 28.33 -28.60 -11.34
CA SER C 334 28.62 -29.08 -9.99
C SER C 334 30.00 -28.73 -9.48
N THR C 335 30.94 -28.32 -10.34
CA THR C 335 32.28 -27.98 -9.89
C THR C 335 32.62 -26.49 -10.00
N ALA C 336 31.71 -25.68 -10.52
CA ALA C 336 31.96 -24.23 -10.60
C ALA C 336 32.16 -23.64 -9.20
N ILE C 337 31.57 -24.28 -8.18
CA ILE C 337 31.79 -23.84 -6.80
C ILE C 337 33.26 -23.90 -6.35
N ASP C 338 34.05 -24.69 -7.05
CA ASP C 338 35.48 -24.78 -6.76
C ASP C 338 36.31 -23.62 -7.35
N ASP C 339 35.80 -22.91 -8.34
CA ASP C 339 36.54 -21.82 -8.94
C ASP C 339 35.65 -20.61 -9.09
N MET C 340 36.00 -19.53 -8.38
CA MET C 340 35.12 -18.37 -8.31
C MET C 340 34.93 -17.67 -9.65
N GLU C 341 35.95 -17.65 -10.46
CA GLU C 341 35.85 -17.06 -11.81
C GLU C 341 34.75 -17.78 -12.62
N ALA C 342 34.73 -19.10 -12.53
CA ALA C 342 33.69 -19.91 -13.16
C ALA C 342 32.34 -19.65 -12.48
N TYR C 343 32.34 -19.65 -11.13
CA TYR C 343 31.10 -19.48 -10.39
C TYR C 343 30.42 -18.11 -10.68
N THR C 344 31.24 -17.11 -10.94
CA THR C 344 30.76 -15.79 -11.31
C THR C 344 29.82 -15.86 -12.52
N LYS C 345 30.09 -16.79 -13.43
CA LYS C 345 29.30 -16.98 -14.65
C LYS C 345 28.22 -18.05 -14.51
N LEU C 346 27.97 -18.52 -13.29
CA LEU C 346 26.97 -19.56 -13.06
C LEU C 346 25.71 -18.96 -12.43
N THR C 347 24.71 -18.74 -13.24
CA THR C 347 23.47 -18.08 -12.91
C THR C 347 22.25 -18.84 -13.43
N ASP C 348 21.07 -18.22 -13.33
CA ASP C 348 19.83 -18.76 -13.90
C ASP C 348 19.95 -19.03 -15.42
N ASN C 349 20.88 -18.37 -16.06
CA ASN C 349 21.08 -18.54 -17.48
C ASN C 349 21.33 -20.01 -17.88
N ILE C 350 21.89 -20.79 -16.97
CA ILE C 350 22.09 -22.21 -17.20
C ILE C 350 20.80 -22.88 -17.68
N PHE C 351 19.70 -22.48 -17.06
CA PHE C 351 18.38 -22.98 -17.41
C PHE C 351 18.11 -22.75 -18.90
N LEU C 352 18.35 -21.53 -19.37
CA LEU C 352 18.06 -21.20 -20.75
C LEU C 352 19.09 -21.82 -21.70
N GLU C 353 20.36 -21.93 -21.26
CA GLU C 353 21.36 -22.60 -22.08
C GLU C 353 20.90 -24.04 -22.37
N ILE C 354 20.42 -24.73 -21.35
CA ILE C 354 19.92 -26.09 -21.54
C ILE C 354 18.68 -26.09 -22.41
N LEU C 355 17.72 -25.25 -22.08
CA LEU C 355 16.43 -25.19 -22.81
C LEU C 355 16.63 -24.92 -24.29
N TYR C 356 17.56 -24.04 -24.62
CA TYR C 356 17.79 -23.65 -26.02
C TYR C 356 18.83 -24.50 -26.75
N SER C 357 19.43 -25.46 -26.05
CA SER C 357 20.52 -26.26 -26.62
C SER C 357 20.10 -27.11 -27.79
N THR C 358 21.08 -27.43 -28.64
CA THR C 358 20.85 -28.37 -29.78
C THR C 358 21.68 -29.66 -29.66
N ASP C 359 22.70 -29.66 -28.80
CA ASP C 359 23.51 -30.83 -28.54
C ASP C 359 22.64 -32.04 -28.23
N PRO C 360 22.80 -33.16 -28.99
CA PRO C 360 22.07 -34.38 -28.64
C PRO C 360 22.37 -34.88 -27.24
N LYS C 361 23.58 -34.60 -26.73
CA LYS C 361 23.97 -35.01 -25.38
C LYS C 361 23.06 -34.39 -24.31
N LEU C 362 22.53 -33.19 -24.60
CA LEU C 362 21.65 -32.47 -23.69
C LEU C 362 20.17 -32.75 -23.89
N LYS C 363 19.86 -33.71 -24.76
CA LYS C 363 18.46 -34.07 -25.02
C LYS C 363 17.62 -34.37 -23.77
N ASP C 364 18.15 -35.19 -22.89
CA ASP C 364 17.43 -35.64 -21.70
C ASP C 364 17.17 -34.46 -20.76
N ALA C 365 18.18 -33.60 -20.57
CA ALA C 365 18.05 -32.43 -19.72
C ALA C 365 17.05 -31.44 -20.33
N ARG C 366 17.25 -31.17 -21.61
CA ARG C 366 16.38 -30.27 -22.37
C ARG C 366 14.87 -30.75 -22.31
N GLU C 367 14.65 -32.04 -22.47
CA GLU C 367 13.31 -32.55 -22.47
C GLU C 367 12.56 -32.31 -21.10
N ILE C 368 13.30 -32.40 -20.00
CA ILE C 368 12.71 -32.17 -18.73
C ILE C 368 12.23 -30.70 -18.62
N LEU C 369 13.09 -29.76 -19.06
CA LEU C 369 12.73 -28.37 -19.03
C LEU C 369 11.58 -28.07 -19.95
N LYS C 370 11.54 -28.71 -21.11
CA LYS C 370 10.40 -28.57 -22.02
C LYS C 370 9.11 -29.05 -21.37
N GLN C 371 9.16 -30.15 -20.62
CA GLN C 371 7.97 -30.61 -19.90
C GLN C 371 7.47 -29.55 -18.87
N ILE C 372 8.42 -28.90 -18.20
CA ILE C 372 8.04 -27.80 -17.31
C ILE C 372 7.27 -26.70 -18.07
N GLU C 373 7.77 -26.33 -19.25
CA GLU C 373 7.10 -25.32 -20.07
C GLU C 373 5.68 -25.72 -20.47
N TYR C 374 5.46 -27.00 -20.78
CA TYR C 374 4.12 -27.50 -21.09
C TYR C 374 3.28 -27.72 -19.86
N ARG C 375 3.88 -27.54 -18.70
CA ARG C 375 3.22 -27.75 -17.41
C ARG C 375 2.83 -29.25 -17.26
N ASN C 376 3.67 -30.11 -17.81
CA ASN C 376 3.58 -31.52 -17.53
C ASN C 376 4.43 -31.86 -16.32
N LEU C 377 3.90 -31.50 -15.17
CA LEU C 377 4.64 -31.65 -13.91
C LEU C 377 4.34 -32.99 -13.26
N PHE C 378 5.28 -33.46 -12.44
CA PHE C 378 5.00 -34.58 -11.54
C PHE C 378 3.78 -34.24 -10.70
N LYS C 379 2.96 -35.24 -10.40
CA LYS C 379 1.68 -35.00 -9.73
C LYS C 379 1.78 -35.12 -8.22
N TYR C 380 1.19 -34.15 -7.55
CA TYR C 380 1.11 -34.14 -6.08
C TYR C 380 0.15 -35.24 -5.66
N VAL C 381 0.60 -36.12 -4.80
CA VAL C 381 -0.22 -37.21 -4.30
C VAL C 381 -0.80 -36.86 -2.93
N GLY C 382 0.00 -36.26 -2.07
CA GLY C 382 -0.46 -35.81 -0.78
C GLY C 382 0.63 -35.49 0.21
N GLU C 383 0.17 -35.19 1.43
CA GLU C 383 1.06 -34.68 2.50
C GLU C 383 0.75 -35.39 3.79
N THR C 384 1.76 -35.68 4.59
CA THR C 384 1.56 -36.29 5.87
C THR C 384 2.68 -35.82 6.82
N GLN C 385 2.54 -36.18 8.10
CA GLN C 385 3.54 -35.86 9.10
C GLN C 385 3.78 -37.03 10.02
N PRO C 386 4.99 -37.16 10.56
CA PRO C 386 5.24 -38.09 11.67
C PRO C 386 4.47 -37.76 12.93
N THR C 387 4.19 -38.82 13.71
CA THR C 387 3.62 -38.69 15.08
C THR C 387 4.67 -38.92 16.15
N GLY C 388 4.61 -38.17 17.26
CA GLY C 388 5.38 -38.47 18.45
C GLY C 388 6.90 -38.29 18.47
N GLN C 389 7.59 -39.35 18.92
CA GLN C 389 9.06 -39.42 18.93
C GLN C 389 9.67 -39.48 17.50
N ILE C 390 9.03 -40.23 16.60
CA ILE C 390 9.52 -40.51 15.25
C ILE C 390 10.02 -39.20 14.53
N LYS C 391 11.25 -39.26 13.99
CA LYS C 391 11.85 -38.16 13.27
C LYS C 391 12.67 -38.79 12.14
N ILE C 392 12.65 -38.22 10.94
CA ILE C 392 13.26 -38.87 9.79
C ILE C 392 14.58 -38.21 9.44
N LYS C 393 15.64 -39.01 9.47
CA LYS C 393 17.02 -38.53 9.28
C LYS C 393 17.30 -38.40 7.78
N ARG C 394 18.19 -37.46 7.44
CA ARG C 394 18.55 -37.20 6.04
C ARG C 394 19.03 -38.42 5.28
N GLU C 395 19.84 -39.25 5.91
CA GLU C 395 20.36 -40.46 5.27
C GLU C 395 19.31 -41.51 4.98
N ASP C 396 18.10 -41.33 5.49
CA ASP C 396 16.98 -42.23 5.14
C ASP C 396 16.12 -41.78 3.95
N TYR C 397 16.36 -40.58 3.41
CA TYR C 397 15.50 -40.03 2.33
C TYR C 397 15.42 -40.95 1.13
N GLU C 398 16.54 -41.56 0.75
CA GLU C 398 16.62 -42.48 -0.39
C GLU C 398 15.74 -43.74 -0.25
N SER C 399 15.58 -44.24 0.98
CA SER C 399 14.76 -45.41 1.23
C SER C 399 13.23 -45.16 1.14
N LEU C 400 12.82 -43.90 1.14
CA LEU C 400 11.40 -43.57 1.23
C LEU C 400 10.56 -43.92 -0.01
N PRO C 401 11.05 -43.62 -1.25
CA PRO C 401 10.21 -44.03 -2.39
C PRO C 401 9.99 -45.55 -2.45
N LYS C 402 11.02 -46.32 -2.12
CA LYS C 402 10.94 -47.78 -2.04
C LYS C 402 9.84 -48.21 -1.04
N GLU C 403 9.83 -47.54 0.12
CA GLU C 403 8.83 -47.83 1.13
C GLU C 403 7.40 -47.62 0.62
N VAL C 404 7.17 -46.52 -0.08
CA VAL C 404 5.84 -46.23 -0.60
C VAL C 404 5.42 -47.32 -1.61
N ALA C 405 6.34 -47.67 -2.49
CA ALA C 405 6.07 -48.70 -3.50
C ALA C 405 5.87 -50.10 -2.87
N SER C 406 6.48 -50.32 -1.72
CA SER C 406 6.34 -51.58 -0.99
C SER C 406 5.00 -51.74 -0.24
N ALA C 407 4.30 -50.64 0.02
CA ALA C 407 3.04 -50.74 0.74
C ALA C 407 2.02 -51.62 -0.04
N LYS C 408 1.21 -52.33 0.72
CA LYS C 408 0.30 -53.31 0.13
C LYS C 408 -1.17 -52.97 0.38
N PRO C 409 -1.72 -52.00 -0.39
CA PRO C 409 -3.13 -51.66 -0.23
C PRO C 409 -4.00 -52.77 -0.78
N LYS C 410 -4.99 -53.22 0.01
CA LYS C 410 -5.79 -54.40 -0.39
C LYS C 410 -6.94 -54.00 -1.34
N VAL C 411 -6.56 -53.66 -2.57
CA VAL C 411 -7.52 -53.26 -3.61
C VAL C 411 -6.96 -53.80 -4.91
N LEU C 412 -7.83 -54.21 -5.82
CA LEU C 412 -7.36 -54.66 -7.13
C LEU C 412 -6.95 -53.42 -7.93
N LEU C 413 -5.73 -53.45 -8.45
CA LEU C 413 -5.11 -52.31 -9.12
C LEU C 413 -4.63 -52.79 -10.48
N ASP C 414 -5.00 -52.07 -11.52
CA ASP C 414 -4.66 -52.46 -12.90
C ASP C 414 -3.18 -52.14 -13.28
N VAL C 415 -2.71 -50.96 -12.87
CA VAL C 415 -1.27 -50.62 -12.89
C VAL C 415 -0.66 -50.80 -11.48
N LYS C 416 0.53 -51.39 -11.42
CA LYS C 416 1.36 -51.26 -10.21
C LYS C 416 2.59 -50.37 -10.52
N LEU C 417 3.02 -49.66 -9.50
CA LEU C 417 4.06 -48.66 -9.67
C LEU C 417 5.30 -49.10 -8.95
N LYS C 418 6.47 -48.60 -9.40
CA LYS C 418 7.75 -48.90 -8.78
C LYS C 418 8.36 -47.68 -8.06
N ALA C 419 9.36 -47.97 -7.24
CA ALA C 419 10.07 -46.96 -6.45
C ALA C 419 10.41 -45.71 -7.27
N GLU C 420 10.98 -45.89 -8.46
CA GLU C 420 11.36 -44.74 -9.28
C GLU C 420 10.18 -43.88 -9.76
N ASP C 421 8.94 -44.35 -9.65
CA ASP C 421 7.77 -43.55 -10.01
C ASP C 421 7.38 -42.56 -8.91
N PHE C 422 7.98 -42.69 -7.72
CA PHE C 422 7.61 -41.84 -6.59
C PHE C 422 8.72 -40.85 -6.26
N ILE C 423 8.32 -39.67 -5.82
CA ILE C 423 9.21 -38.72 -5.20
C ILE C 423 8.66 -38.43 -3.80
N VAL C 424 9.55 -38.46 -2.83
CA VAL C 424 9.22 -38.17 -1.46
C VAL C 424 10.08 -37.02 -1.02
N ASP C 425 9.44 -35.91 -0.66
CA ASP C 425 10.13 -34.67 -0.31
C ASP C 425 9.89 -34.44 1.18
N VAL C 426 10.96 -34.47 2.00
CA VAL C 426 10.83 -34.26 3.41
C VAL C 426 11.26 -32.83 3.79
N ILE C 427 10.41 -32.13 4.49
CA ILE C 427 10.64 -30.73 4.79
C ILE C 427 10.70 -30.49 6.27
N ASN C 428 11.80 -29.90 6.72
CA ASN C 428 11.96 -29.57 8.14
C ASN C 428 11.51 -28.14 8.39
N MET C 429 10.40 -28.00 9.09
CA MET C 429 9.92 -26.67 9.48
C MET C 429 10.22 -26.42 10.95
N ASP C 430 10.97 -25.37 11.22
CA ASP C 430 11.20 -24.91 12.60
C ASP C 430 11.22 -23.36 12.72
N TYR C 431 11.40 -22.89 13.94
CA TYR C 431 11.67 -21.49 14.23
C TYR C 431 13.14 -21.03 14.18
N GLY C 432 13.96 -21.66 13.35
CA GLY C 432 15.29 -21.23 13.02
C GLY C 432 16.40 -21.78 13.90
N MET C 433 16.04 -22.51 14.93
CA MET C 433 16.94 -23.01 15.96
C MET C 433 16.61 -24.42 16.30
N GLN C 434 16.26 -25.19 15.25
CA GLN C 434 15.84 -26.60 15.37
C GLN C 434 14.66 -26.68 16.37
N GLU C 435 14.81 -27.49 17.40
CA GLU C 435 13.76 -27.71 18.35
C GLU C 435 13.58 -26.54 19.34
N LYS C 436 14.54 -25.64 19.45
CA LYS C 436 14.52 -24.61 20.49
C LYS C 436 13.59 -23.44 20.17
N ASN C 437 13.14 -22.78 21.22
CA ASN C 437 12.41 -21.52 21.14
C ASN C 437 13.45 -20.38 21.09
N PRO C 438 13.54 -19.68 19.95
CA PRO C 438 14.57 -18.63 19.91
C PRO C 438 14.36 -17.47 20.88
N ILE C 439 13.16 -17.29 21.41
CA ILE C 439 12.89 -16.23 22.39
C ILE C 439 13.57 -16.56 23.72
N ASP C 440 13.85 -17.84 23.98
CA ASP C 440 14.71 -18.21 25.11
C ASP C 440 16.14 -17.73 24.95
N HIS C 441 16.49 -17.30 23.75
CA HIS C 441 17.84 -16.77 23.46
C HIS C 441 17.81 -15.27 23.16
N VAL C 442 16.77 -14.60 23.60
CA VAL C 442 16.64 -13.16 23.39
C VAL C 442 16.68 -12.46 24.76
N SER C 443 17.31 -11.31 24.81
CA SER C 443 17.40 -10.52 26.01
C SER C 443 16.51 -9.29 25.86
N PHE C 444 15.86 -8.92 26.95
CA PHE C 444 14.93 -7.80 26.98
C PHE C 444 15.37 -6.76 27.99
N TYR C 445 14.81 -5.54 27.89
CA TYR C 445 14.95 -4.51 28.92
C TYR C 445 13.58 -3.94 29.29
N CYS C 446 13.46 -3.41 30.49
CA CYS C 446 12.22 -2.73 30.87
C CYS C 446 12.42 -1.22 30.97
N LYS C 447 11.30 -0.55 30.82
CA LYS C 447 11.21 0.91 30.71
C LYS C 447 11.86 1.56 31.90
N THR C 448 11.58 0.99 33.08
CA THR C 448 12.13 1.59 34.33
C THR C 448 13.60 1.35 34.55
N ALA C 449 14.24 0.43 33.84
CA ALA C 449 15.71 0.21 33.96
C ALA C 449 16.34 -0.19 32.62
N PRO C 450 16.45 0.78 31.69
CA PRO C 450 16.81 0.44 30.30
C PRO C 450 18.19 -0.15 30.09
N ASN C 451 19.05 -0.11 31.08
CA ASN C 451 20.37 -0.75 30.98
C ASN C 451 20.43 -2.13 31.60
N ARG C 452 19.32 -2.63 32.12
CA ARG C 452 19.31 -3.93 32.79
C ARG C 452 18.65 -5.00 31.92
N ALA C 453 19.43 -5.95 31.45
CA ALA C 453 18.93 -7.04 30.64
C ALA C 453 18.16 -8.06 31.47
N ILE C 454 17.03 -8.52 30.95
CA ILE C 454 16.29 -9.62 31.56
C ILE C 454 15.91 -10.68 30.58
N ARG C 455 15.47 -11.81 31.10
CA ARG C 455 14.94 -12.96 30.35
C ARG C 455 13.45 -13.07 30.63
N ILE C 456 12.73 -13.61 29.65
CA ILE C 456 11.30 -13.88 29.68
C ILE C 456 11.09 -15.35 29.24
N THR C 457 10.34 -16.11 30.02
CA THR C 457 10.01 -17.50 29.70
C THR C 457 8.66 -17.58 28.99
N LYS C 458 8.34 -18.76 28.43
CA LYS C 458 7.18 -18.87 27.53
C LYS C 458 5.85 -18.64 28.31
N ASN C 459 5.78 -19.19 29.51
CA ASN C 459 4.55 -19.03 30.30
C ASN C 459 4.37 -17.56 30.78
N GLN C 460 5.42 -16.76 30.81
CA GLN C 460 5.25 -15.35 31.05
C GLN C 460 4.62 -14.59 29.91
N VAL C 461 4.48 -15.24 28.76
CA VAL C 461 3.87 -14.59 27.58
C VAL C 461 2.39 -14.95 27.31
N SER C 462 2.10 -16.19 26.95
CA SER C 462 0.80 -16.55 26.50
C SER C 462 0.71 -18.05 26.50
N GLN C 463 -0.50 -18.57 26.78
CA GLN C 463 -0.80 -19.99 26.62
C GLN C 463 -1.13 -20.38 25.20
N LEU C 464 -1.36 -19.35 24.37
CA LEU C 464 -1.81 -19.47 22.98
C LEU C 464 -0.66 -19.60 21.95
N LEU C 465 0.57 -19.74 22.44
CA LEU C 465 1.74 -19.99 21.65
C LEU C 465 2.01 -21.48 21.36
N PRO C 466 2.84 -21.73 20.33
CA PRO C 466 3.31 -23.09 20.03
C PRO C 466 3.91 -23.85 21.21
N GLU C 467 3.55 -25.10 21.39
CA GLU C 467 4.20 -25.96 22.38
C GLU C 467 5.47 -26.61 21.87
N LYS C 468 5.55 -26.76 20.55
CA LYS C 468 6.74 -27.32 19.88
C LYS C 468 7.22 -26.34 18.85
N PHE C 469 8.51 -26.35 18.52
CA PHE C 469 9.05 -25.39 17.58
C PHE C 469 9.73 -26.01 16.34
N ALA C 470 9.49 -27.31 16.14
CA ALA C 470 9.98 -28.01 14.98
C ALA C 470 9.05 -29.14 14.58
N GLU C 471 8.92 -29.37 13.28
CA GLU C 471 8.13 -30.46 12.75
C GLU C 471 8.61 -30.82 11.37
N GLN C 472 8.15 -31.97 10.87
CA GLN C 472 8.47 -32.42 9.53
C GLN C 472 7.22 -32.60 8.68
N LEU C 473 7.29 -32.12 7.45
CA LEU C 473 6.27 -32.38 6.44
C LEU C 473 6.83 -33.32 5.40
N ILE C 474 6.01 -34.30 5.02
CA ILE C 474 6.35 -35.26 4.00
C ILE C 474 5.38 -35.11 2.83
N ARG C 475 5.89 -34.70 1.66
CA ARG C 475 5.07 -34.65 0.46
C ARG C 475 5.44 -35.80 -0.44
N VAL C 476 4.41 -36.39 -1.07
CA VAL C 476 4.63 -37.47 -2.02
C VAL C 476 4.09 -37.04 -3.38
N TYR C 477 4.89 -37.30 -4.43
CA TYR C 477 4.49 -37.04 -5.79
C TYR C 477 4.65 -38.30 -6.63
N CYS C 478 4.02 -38.32 -7.78
CA CYS C 478 4.11 -39.45 -8.71
C CYS C 478 4.59 -38.95 -10.08
N LYS C 479 5.60 -39.62 -10.65
CA LYS C 479 6.10 -39.25 -11.96
C LYS C 479 5.15 -39.71 -13.11
N LYS C 480 4.30 -40.69 -12.84
CA LYS C 480 3.34 -41.11 -13.83
C LYS C 480 2.06 -40.28 -13.62
N VAL C 481 1.64 -39.63 -14.71
CA VAL C 481 0.65 -38.55 -14.66
C VAL C 481 -0.77 -39.01 -15.06
N ASP C 482 -0.90 -40.23 -15.54
CA ASP C 482 -2.20 -40.68 -16.00
C ASP C 482 -3.14 -41.01 -14.85
N ARG C 483 -4.43 -40.94 -15.14
CA ARG C 483 -5.48 -41.14 -14.14
C ARG C 483 -5.41 -42.45 -13.37
N LYS C 484 -5.13 -43.56 -14.07
CA LYS C 484 -5.03 -44.85 -13.43
C LYS C 484 -3.83 -44.89 -12.45
N SER C 485 -2.70 -44.35 -12.92
CA SER C 485 -1.51 -44.30 -12.08
C SER C 485 -1.69 -43.42 -10.84
N LEU C 486 -2.37 -42.30 -11.01
CA LEU C 486 -2.58 -41.37 -9.92
C LEU C 486 -3.48 -41.99 -8.86
N TYR C 487 -4.53 -42.70 -9.30
CA TYR C 487 -5.41 -43.41 -8.39
C TYR C 487 -4.62 -44.44 -7.58
N ALA C 488 -3.77 -45.19 -8.27
CA ALA C 488 -2.94 -46.19 -7.61
C ALA C 488 -1.98 -45.55 -6.63
N ALA C 489 -1.36 -44.45 -7.04
CA ALA C 489 -0.40 -43.74 -6.19
C ALA C 489 -1.03 -43.28 -4.88
N ARG C 490 -2.29 -42.84 -4.98
CA ARG C 490 -3.02 -42.43 -3.78
C ARG C 490 -3.25 -43.58 -2.82
N GLN C 491 -3.51 -44.77 -3.34
CA GLN C 491 -3.73 -45.94 -2.51
C GLN C 491 -2.44 -46.36 -1.79
N TYR C 492 -1.33 -46.43 -2.53
CA TYR C 492 -0.03 -46.75 -1.93
C TYR C 492 0.31 -45.72 -0.84
N PHE C 493 0.10 -44.45 -1.16
CA PHE C 493 0.44 -43.36 -0.25
C PHE C 493 -0.29 -43.46 1.08
N VAL C 494 -1.60 -43.56 1.03
CA VAL C 494 -2.42 -43.60 2.24
C VAL C 494 -2.11 -44.88 3.03
N GLN C 495 -1.89 -46.00 2.32
CA GLN C 495 -1.54 -47.23 2.99
C GLN C 495 -0.19 -47.07 3.74
N TRP C 496 0.78 -46.46 3.08
CA TRP C 496 2.06 -46.18 3.69
C TRP C 496 1.93 -45.31 4.95
N CYS C 497 1.12 -44.26 4.86
CA CYS C 497 0.84 -43.41 6.03
C CYS C 497 0.30 -44.23 7.19
N ALA C 498 -0.67 -45.09 6.91
CA ALA C 498 -1.27 -45.95 7.92
C ALA C 498 -0.23 -46.90 8.49
N ASP C 499 0.55 -47.54 7.60
CA ASP C 499 1.59 -48.48 8.02
C ASP C 499 2.61 -47.77 8.91
N ARG C 500 2.96 -46.50 8.61
CA ARG C 500 3.92 -45.82 9.45
C ARG C 500 3.33 -45.06 10.58
N ASN C 501 2.00 -45.09 10.76
CA ASN C 501 1.36 -44.31 11.80
C ASN C 501 1.67 -42.81 11.61
N PHE C 502 1.81 -42.38 10.37
CA PHE C 502 1.84 -40.98 10.06
C PHE C 502 0.44 -40.39 10.17
N THR C 503 0.31 -39.07 10.10
CA THR C 503 -1.02 -38.47 10.21
C THR C 503 -1.87 -38.78 8.97
N LYS C 504 -3.17 -38.77 9.17
CA LYS C 504 -4.13 -38.98 8.09
C LYS C 504 -4.05 -37.83 7.10
N PRO C 505 -3.77 -38.11 5.83
CA PRO C 505 -3.89 -37.03 4.85
C PRO C 505 -5.24 -36.33 4.85
N GLN C 506 -5.21 -35.01 4.67
CA GLN C 506 -6.40 -34.16 4.72
C GLN C 506 -7.53 -34.65 3.83
N ASP C 507 -7.21 -35.14 2.65
CA ASP C 507 -8.23 -35.62 1.70
C ASP C 507 -8.36 -37.14 1.69
N GLY C 508 -7.80 -37.79 2.73
CA GLY C 508 -7.69 -39.25 2.77
C GLY C 508 -8.98 -40.01 2.51
N ASP C 509 -10.07 -39.54 3.09
CA ASP C 509 -11.37 -40.19 2.95
C ASP C 509 -11.93 -40.09 1.52
N VAL C 510 -11.52 -39.08 0.79
CA VAL C 510 -11.94 -38.93 -0.59
C VAL C 510 -11.03 -39.71 -1.54
N ILE C 511 -9.72 -39.55 -1.39
CA ILE C 511 -8.78 -40.17 -2.34
C ILE C 511 -8.56 -41.68 -2.11
N ALA C 512 -8.82 -42.16 -0.91
CA ALA C 512 -8.61 -43.56 -0.58
C ALA C 512 -9.67 -44.06 0.42
N PRO C 513 -10.95 -44.04 -0.02
CA PRO C 513 -12.06 -44.41 0.86
C PRO C 513 -12.00 -45.84 1.40
N LEU C 514 -11.33 -46.74 0.69
CA LEU C 514 -11.22 -48.13 1.11
C LEU C 514 -10.09 -48.38 2.11
N ILE C 515 -9.12 -47.44 2.15
CA ILE C 515 -7.94 -47.56 3.02
C ILE C 515 -8.14 -46.88 4.38
N THR C 516 -8.79 -45.70 4.41
CA THR C 516 -8.82 -44.95 5.65
C THR C 516 -9.61 -45.60 6.82
N PRO C 517 -10.68 -46.39 6.54
CA PRO C 517 -11.39 -46.98 7.68
C PRO C 517 -10.59 -48.00 8.49
N GLN C 518 -9.60 -48.67 7.88
CA GLN C 518 -8.80 -49.64 8.63
C GLN C 518 -8.05 -49.03 9.81
N LYS C 519 -7.66 -47.76 9.77
CA LYS C 519 -6.90 -47.18 10.84
C LYS C 519 -7.77 -46.68 12.01
N LYS C 520 -7.60 -47.33 13.18
CA LYS C 520 -8.24 -46.94 14.44
C LYS C 520 -8.10 -45.46 14.79
N GLU C 521 -6.84 -44.99 14.76
CA GLU C 521 -6.46 -43.65 15.23
C GLU C 521 -7.04 -42.53 14.36
N TRP C 522 -7.54 -42.88 13.17
CA TRP C 522 -8.19 -41.92 12.28
C TRP C 522 -9.72 -41.83 12.41
N ASN C 523 -10.36 -42.74 13.16
CA ASN C 523 -11.62 -42.31 13.88
C ASN C 523 -12.77 -42.09 12.92
N ASP D 37 14.40 13.39 29.52
CA ASP D 37 13.73 12.08 29.56
C ASP D 37 14.21 11.21 28.39
N THR D 38 13.36 10.20 28.09
CA THR D 38 13.28 9.54 26.77
C THR D 38 11.94 9.85 25.99
N MET D 39 12.10 9.81 24.67
CA MET D 39 11.08 10.11 23.71
CA MET D 39 11.13 9.98 23.60
C MET D 39 9.77 9.33 23.92
N LYS D 40 8.62 9.91 23.64
CA LYS D 40 7.47 8.98 23.36
C LYS D 40 7.58 8.55 21.89
N VAL D 41 7.17 7.33 21.60
CA VAL D 41 6.97 6.80 20.30
C VAL D 41 5.46 6.75 19.98
N ILE D 42 5.09 7.26 18.81
CA ILE D 42 3.72 7.29 18.38
C ILE D 42 3.65 6.55 17.00
N ASN D 43 2.71 5.64 16.84
CA ASN D 43 2.55 4.99 15.57
C ASN D 43 1.52 5.71 14.73
N ASP D 44 1.95 6.24 13.58
CA ASP D 44 1.09 7.00 12.70
C ASP D 44 0.93 6.16 11.36
N PRO D 45 -0.27 6.02 10.86
CA PRO D 45 -0.40 5.20 9.64
C PRO D 45 0.29 5.78 8.42
N ILE D 46 0.49 7.06 8.32
CA ILE D 46 1.28 7.59 7.21
C ILE D 46 2.77 7.50 7.43
N HIS D 47 3.25 7.89 8.62
CA HIS D 47 4.68 8.01 8.85
C HIS D 47 5.30 6.85 9.65
N GLY D 48 4.49 5.96 10.14
CA GLY D 48 4.96 4.89 10.96
C GLY D 48 5.31 5.40 12.33
N HIS D 49 6.40 4.91 12.84
CA HIS D 49 6.78 5.14 14.26
C HIS D 49 7.58 6.43 14.40
N ILE D 50 6.98 7.44 15.06
CA ILE D 50 7.55 8.72 15.18
C ILE D 50 7.98 8.94 16.63
N GLU D 51 9.13 9.54 16.80
CA GLU D 51 9.63 9.97 18.11
C GLU D 51 9.19 11.37 18.44
N LEU D 52 8.66 11.54 19.62
CA LEU D 52 8.28 12.85 20.17
C LEU D 52 9.13 13.21 21.36
N HIS D 53 9.84 14.31 21.23
CA HIS D 53 10.58 14.94 22.31
C HIS D 53 9.63 15.28 23.49
N PRO D 54 10.10 15.16 24.73
CA PRO D 54 9.23 15.41 25.86
C PRO D 54 8.61 16.82 25.90
N LEU D 55 9.31 17.80 25.40
CA LEU D 55 8.71 19.13 25.29
C LEU D 55 7.53 19.11 24.34
N LEU D 56 7.63 18.38 23.22
CA LEU D 56 6.52 18.27 22.30
C LEU D 56 5.33 17.58 22.96
N VAL D 57 5.59 16.56 23.77
CA VAL D 57 4.56 15.86 24.49
C VAL D 57 3.81 16.80 25.45
N ARG D 58 4.56 17.66 26.14
CA ARG D 58 3.97 18.61 27.07
C ARG D 58 3.00 19.56 26.34
N ILE D 59 3.38 19.99 25.15
CA ILE D 59 2.57 20.88 24.34
C ILE D 59 1.32 20.16 23.83
N ILE D 60 1.50 18.90 23.41
CA ILE D 60 0.40 18.11 22.90
C ILE D 60 -0.63 17.79 23.97
N ASP D 61 -0.21 17.49 25.18
CA ASP D 61 -1.12 17.12 26.25
C ASP D 61 -1.72 18.34 26.95
N THR D 62 -2.47 19.10 26.18
CA THR D 62 -3.15 20.29 26.65
C THR D 62 -4.51 20.37 26.01
N PRO D 63 -5.49 21.00 26.67
CA PRO D 63 -6.81 21.18 26.02
C PRO D 63 -6.76 21.94 24.71
N GLN D 64 -5.82 22.85 24.55
CA GLN D 64 -5.69 23.66 23.33
C GLN D 64 -5.23 22.80 22.14
N PHE D 65 -4.38 21.82 22.39
CA PHE D 65 -3.93 20.93 21.33
C PHE D 65 -4.89 19.76 21.10
N GLN D 66 -5.37 19.16 22.18
CA GLN D 66 -6.29 18.02 22.13
C GLN D 66 -7.62 18.32 21.45
N ARG D 67 -7.97 19.61 21.50
CA ARG D 67 -9.10 20.17 20.74
C ARG D 67 -9.12 19.72 19.26
N LEU D 68 -7.93 19.59 18.64
CA LEU D 68 -7.83 19.25 17.25
C LEU D 68 -8.29 17.83 16.92
N ARG D 69 -8.45 17.01 17.95
CA ARG D 69 -9.09 15.69 17.76
C ARG D 69 -10.55 15.82 17.33
N TYR D 70 -11.17 16.96 17.57
CA TYR D 70 -12.62 17.12 17.34
C TYR D 70 -12.92 18.02 16.15
N ILE D 71 -11.93 18.21 15.28
CA ILE D 71 -12.11 19.02 14.08
C ILE D 71 -11.64 18.24 12.85
N LYS D 72 -12.58 17.91 11.97
CA LYS D 72 -12.29 17.13 10.78
C LYS D 72 -11.44 17.88 9.82
N GLN D 73 -10.39 17.22 9.32
CA GLN D 73 -9.47 17.81 8.33
C GLN D 73 -10.21 18.36 7.12
N LEU D 74 -11.13 17.56 6.57
CA LEU D 74 -11.78 17.90 5.29
C LEU D 74 -13.24 18.37 5.43
N GLY D 75 -13.67 18.61 6.66
CA GLY D 75 -15.01 19.13 6.93
C GLY D 75 -16.12 18.36 6.33
N GLY D 76 -16.91 19.02 5.48
CA GLY D 76 -18.04 18.34 4.80
C GLY D 76 -17.64 17.24 3.86
N GLY D 77 -16.37 17.19 3.47
CA GLY D 77 -15.84 16.11 2.61
C GLY D 77 -16.10 14.70 3.15
N TYR D 78 -16.15 14.54 4.44
CA TYR D 78 -16.48 13.26 5.07
C TYR D 78 -17.85 12.75 4.62
N TYR D 79 -18.77 13.69 4.36
CA TYR D 79 -20.12 13.36 3.92
C TYR D 79 -20.17 12.92 2.44
N VAL D 80 -19.03 13.00 1.74
CA VAL D 80 -18.89 12.51 0.37
C VAL D 80 -17.89 11.36 0.27
N PHE D 81 -16.80 11.46 1.01
CA PHE D 81 -15.77 10.43 1.08
C PHE D 81 -15.80 9.86 2.49
N PRO D 82 -16.38 8.69 2.67
CA PRO D 82 -16.54 8.13 4.02
C PRO D 82 -15.20 7.72 4.65
N GLY D 83 -14.13 7.60 3.90
CA GLY D 83 -12.84 7.37 4.50
C GLY D 83 -12.26 8.59 5.21
N ALA D 84 -12.69 9.79 4.84
CA ALA D 84 -12.14 11.04 5.34
C ALA D 84 -12.69 11.43 6.72
N SER D 85 -12.50 10.54 7.69
CA SER D 85 -12.87 10.74 9.07
C SER D 85 -11.72 11.45 9.88
N HIS D 86 -10.57 11.63 9.27
CA HIS D 86 -9.42 12.11 9.96
C HIS D 86 -9.50 13.55 10.43
N ASN D 87 -8.87 13.83 11.57
CA ASN D 87 -8.93 15.11 12.22
C ASN D 87 -7.61 15.89 12.17
N ARG D 88 -7.69 17.16 12.52
CA ARG D 88 -6.54 18.05 12.50
C ARG D 88 -5.42 17.61 13.46
N PHE D 89 -5.77 16.87 14.53
CA PHE D 89 -4.81 16.43 15.49
C PHE D 89 -3.68 15.56 14.85
N GLU D 90 -4.07 14.50 14.16
CA GLU D 90 -3.16 13.57 13.56
C GLU D 90 -2.35 14.25 12.41
N HIS D 91 -3.02 15.14 11.67
CA HIS D 91 -2.33 15.93 10.67
C HIS D 91 -1.21 16.77 11.31
N SER D 92 -1.52 17.38 12.47
CA SER D 92 -0.56 18.21 13.17
C SER D 92 0.70 17.42 13.59
N LEU D 93 0.49 16.21 14.10
CA LEU D 93 1.62 15.37 14.48
C LEU D 93 2.51 15.12 13.24
N GLY D 94 1.88 14.88 12.11
CA GLY D 94 2.59 14.60 10.88
C GLY D 94 3.41 15.79 10.40
N VAL D 95 2.81 16.99 10.51
CA VAL D 95 3.49 18.19 10.08
C VAL D 95 4.74 18.43 10.97
N GLY D 96 4.58 18.26 12.29
CA GLY D 96 5.68 18.39 13.21
C GLY D 96 6.80 17.40 12.91
N TYR D 97 6.41 16.17 12.64
CA TYR D 97 7.38 15.13 12.26
C TYR D 97 8.17 15.49 11.00
N LEU D 98 7.47 15.87 9.94
CA LEU D 98 8.14 16.17 8.68
C LEU D 98 9.03 17.42 8.80
N ALA D 99 8.57 18.43 9.56
CA ALA D 99 9.39 19.60 9.80
C ALA D 99 10.74 19.18 10.42
N GLY D 100 10.69 18.30 11.42
CA GLY D 100 11.88 17.73 12.01
C GLY D 100 12.77 16.94 11.03
N CYS D 101 12.15 16.12 10.18
CA CYS D 101 12.87 15.37 9.16
C CYS D 101 13.67 16.28 8.23
N LEU D 102 13.02 17.36 7.76
CA LEU D 102 13.67 18.24 6.79
C LEU D 102 14.80 18.97 7.44
N VAL D 103 14.57 19.61 8.59
CA VAL D 103 15.64 20.37 9.23
C VAL D 103 16.83 19.44 9.63
N HIS D 104 16.57 18.25 10.16
CA HIS D 104 17.61 17.25 10.41
C HIS D 104 18.43 16.92 9.13
N ALA D 105 17.74 16.61 8.03
CA ALA D 105 18.43 16.21 6.84
C ALA D 105 19.38 17.33 6.34
N LEU D 106 18.89 18.58 6.38
CA LEU D 106 19.69 19.69 5.95
C LEU D 106 20.94 19.83 6.82
N GLY D 107 20.76 19.66 8.12
CA GLY D 107 21.85 19.79 9.09
C GLY D 107 22.88 18.72 8.94
N GLU D 108 22.43 17.48 8.65
CA GLU D 108 23.39 16.39 8.42
C GLU D 108 24.21 16.54 7.19
N LYS D 109 23.59 16.97 6.10
CA LYS D 109 24.30 17.22 4.82
C LYS D 109 25.23 18.46 4.90
N GLN D 110 24.82 19.52 5.61
CA GLN D 110 25.53 20.77 5.65
C GLN D 110 25.76 21.25 7.10
N PRO D 111 26.75 20.63 7.78
CA PRO D 111 27.11 21.03 9.12
C PRO D 111 27.43 22.52 9.21
N GLU D 112 27.89 23.09 8.08
CA GLU D 112 28.24 24.49 8.08
C GLU D 112 27.06 25.46 8.30
N LEU D 113 25.84 24.95 8.20
CA LEU D 113 24.69 25.77 8.48
C LEU D 113 24.55 26.09 9.97
N GLN D 114 25.23 25.31 10.82
CA GLN D 114 25.14 25.45 12.26
C GLN D 114 23.70 25.24 12.79
N ILE D 115 22.91 24.37 12.20
CA ILE D 115 21.61 24.09 12.79
C ILE D 115 21.75 23.48 14.17
N SER D 116 21.20 24.08 15.23
CA SER D 116 21.27 23.50 16.54
C SER D 116 19.99 22.67 16.88
N GLU D 117 20.13 21.87 17.94
CA GLU D 117 19.03 21.12 18.46
C GLU D 117 17.89 22.05 18.89
N ARG D 118 18.25 23.22 19.38
CA ARG D 118 17.31 24.24 19.69
C ARG D 118 16.51 24.65 18.43
N ASP D 119 17.24 24.79 17.29
CA ASP D 119 16.56 25.14 16.06
C ASP D 119 15.60 24.01 15.64
N VAL D 120 16.07 22.76 15.75
CA VAL D 120 15.25 21.63 15.36
C VAL D 120 13.94 21.60 16.19
N LEU D 121 14.06 21.75 17.50
CA LEU D 121 12.89 21.77 18.36
C LEU D 121 11.89 22.90 18.04
N CYS D 122 12.41 24.09 17.75
CA CYS D 122 11.57 25.21 17.40
C CYS D 122 10.82 24.98 16.08
N VAL D 123 11.51 24.38 15.10
CA VAL D 123 10.88 24.05 13.84
C VAL D 123 9.81 22.97 14.04
N GLN D 124 10.11 21.95 14.84
CA GLN D 124 9.11 20.94 15.17
C GLN D 124 7.88 21.52 15.87
N ILE D 125 8.11 22.44 16.82
CA ILE D 125 7.00 23.04 17.54
C ILE D 125 6.10 23.84 16.60
N ALA D 126 6.73 24.62 15.72
CA ALA D 126 5.97 25.38 14.73
C ALA D 126 5.14 24.44 13.85
N GLY D 127 5.78 23.38 13.38
CA GLY D 127 5.09 22.40 12.54
C GLY D 127 3.91 21.77 13.28
N LEU D 128 4.14 21.43 14.55
CA LEU D 128 3.11 20.85 15.38
C LEU D 128 1.92 21.79 15.60
N CYS D 129 2.20 23.09 15.71
CA CYS D 129 1.19 24.02 16.17
C CYS D 129 0.56 24.90 15.09
N ARG D 130 1.00 24.74 13.85
CA ARG D 130 0.45 25.59 12.78
C ARG D 130 -0.99 25.29 12.40
N ASN D 131 -1.60 24.25 13.00
CA ASN D 131 -3.03 24.00 12.77
C ASN D 131 -3.94 24.37 13.96
N LEU D 132 -3.38 24.99 15.00
CA LEU D 132 -4.13 25.26 16.22
C LEU D 132 -5.33 26.20 16.03
N GLY D 133 -5.28 27.04 15.00
CA GLY D 133 -6.28 28.06 14.78
C GLY D 133 -7.51 27.63 13.99
N HIS D 134 -7.53 26.40 13.51
CA HIS D 134 -8.65 25.95 12.71
C HIS D 134 -9.92 25.86 13.59
N GLY D 135 -11.05 26.06 12.93
CA GLY D 135 -12.34 26.07 13.55
C GLY D 135 -13.16 24.89 13.06
N PRO D 136 -14.38 24.76 13.55
CA PRO D 136 -15.25 23.66 13.16
C PRO D 136 -15.27 23.43 11.64
N PHE D 137 -15.07 22.18 11.26
CA PHE D 137 -15.07 21.79 9.85
C PHE D 137 -13.95 22.47 9.03
N SER D 138 -12.90 22.92 9.71
CA SER D 138 -11.75 23.50 9.07
C SER D 138 -12.11 24.62 8.08
N HIS D 139 -11.85 24.41 6.78
CA HIS D 139 -11.93 25.52 5.82
C HIS D 139 -13.33 26.14 5.74
N MET D 140 -14.34 25.35 6.09
CA MET D 140 -15.68 25.87 6.13
C MET D 140 -15.78 27.13 7.03
N PHE D 141 -15.08 27.05 8.19
CA PHE D 141 -15.15 28.06 9.19
C PHE D 141 -14.51 29.38 8.73
N ASP D 142 -13.24 29.29 8.30
CA ASP D 142 -12.54 30.48 7.83
C ASP D 142 -12.89 30.82 6.38
N GLY D 143 -13.25 29.83 5.59
CA GLY D 143 -13.57 30.10 4.18
C GLY D 143 -14.99 30.54 3.90
N ARG D 144 -15.95 30.11 4.72
CA ARG D 144 -17.37 30.40 4.45
C ARG D 144 -18.07 31.11 5.59
N PHE D 145 -17.97 30.57 6.80
CA PHE D 145 -18.77 31.07 7.92
C PHE D 145 -18.34 32.47 8.43
N ILE D 146 -17.08 32.60 8.84
CA ILE D 146 -16.62 33.86 9.38
C ILE D 146 -16.76 35.06 8.40
N PRO D 147 -16.39 34.87 7.12
CA PRO D 147 -16.60 36.00 6.20
C PRO D 147 -18.06 36.44 6.08
N LEU D 148 -19.02 35.53 6.26
CA LEU D 148 -20.42 35.92 6.25
C LEU D 148 -20.93 36.42 7.59
N ALA D 149 -20.50 35.78 8.68
CA ALA D 149 -20.94 36.18 10.01
C ALA D 149 -20.31 37.51 10.45
N ARG D 150 -19.04 37.71 10.08
CA ARG D 150 -18.28 38.86 10.56
C ARG D 150 -17.48 39.46 9.41
N PRO D 151 -18.19 40.06 8.44
CA PRO D 151 -17.56 40.63 7.27
C PRO D 151 -16.53 41.72 7.55
N GLU D 152 -16.77 42.49 8.61
CA GLU D 152 -15.84 43.56 9.01
C GLU D 152 -14.47 43.03 9.44
N VAL D 153 -14.44 41.90 10.13
CA VAL D 153 -13.19 41.42 10.66
C VAL D 153 -12.43 40.68 9.63
N LYS D 154 -11.10 40.72 9.76
CA LYS D 154 -10.25 39.89 8.96
C LYS D 154 -9.75 38.76 9.81
N TRP D 155 -9.99 37.51 9.37
CA TRP D 155 -9.60 36.37 10.17
C TRP D 155 -8.96 35.32 9.30
N THR D 156 -7.87 34.72 9.79
CA THR D 156 -7.26 33.59 9.11
C THR D 156 -6.92 32.53 10.15
N HIS D 157 -6.81 31.29 9.70
CA HIS D 157 -6.41 30.21 10.59
C HIS D 157 -4.99 30.45 11.13
N GLU D 158 -4.16 31.09 10.32
CA GLU D 158 -2.80 31.43 10.71
C GLU D 158 -2.79 32.32 11.95
N GLN D 159 -3.60 33.38 11.91
CA GLN D 159 -3.73 34.31 13.02
C GLN D 159 -4.24 33.56 14.22
N GLY D 160 -5.27 32.74 13.99
CA GLY D 160 -5.84 31.92 15.05
C GLY D 160 -4.82 31.02 15.68
N SER D 161 -3.96 30.43 14.87
CA SER D 161 -2.94 29.49 15.37
C SER D 161 -1.94 30.23 16.32
N VAL D 162 -1.54 31.44 15.95
CA VAL D 162 -0.67 32.22 16.80
C VAL D 162 -1.33 32.58 18.14
N MET D 163 -2.61 32.98 18.07
CA MET D 163 -3.36 33.33 19.28
C MET D 163 -3.53 32.10 20.19
N MET D 164 -3.88 30.97 19.58
CA MET D 164 -4.06 29.76 20.36
C MET D 164 -2.77 29.25 20.95
N PHE D 165 -1.67 29.41 20.20
CA PHE D 165 -0.36 28.99 20.68
C PHE D 165 0.02 29.77 21.91
N GLU D 166 -0.20 31.08 21.84
CA GLU D 166 0.07 31.98 22.99
C GLU D 166 -0.77 31.53 24.19
N HIS D 167 -2.05 31.25 23.94
CA HIS D 167 -2.94 30.82 24.97
C HIS D 167 -2.49 29.47 25.56
N LEU D 168 -2.06 28.56 24.68
CA LEU D 168 -1.56 27.27 25.11
C LEU D 168 -0.31 27.42 26.01
N ILE D 169 0.65 28.23 25.58
CA ILE D 169 1.87 28.46 26.34
C ILE D 169 1.55 29.03 27.72
N ASN D 170 0.73 30.09 27.73
CA ASN D 170 0.45 30.81 28.96
C ASN D 170 -0.41 30.02 29.95
N SER D 171 -1.37 29.28 29.42
CA SER D 171 -2.29 28.51 30.27
C SER D 171 -1.68 27.25 30.85
N ASN D 172 -0.59 26.75 30.29
CA ASN D 172 -0.06 25.45 30.71
C ASN D 172 1.37 25.48 31.23
N GLY D 173 1.88 26.68 31.53
CA GLY D 173 3.23 26.82 32.09
C GLY D 173 4.32 26.20 31.22
N ILE D 174 4.20 26.38 29.92
CA ILE D 174 5.18 25.81 28.99
C ILE D 174 6.54 26.51 29.03
N LYS D 175 6.60 27.81 29.29
CA LYS D 175 7.87 28.54 29.21
C LYS D 175 8.99 27.92 30.09
N PRO D 176 8.68 27.56 31.34
CA PRO D 176 9.73 26.89 32.12
C PRO D 176 10.15 25.56 31.54
N VAL D 177 9.24 24.83 30.90
CA VAL D 177 9.59 23.58 30.26
C VAL D 177 10.53 23.83 29.05
N MET D 178 10.28 24.90 28.31
CA MET D 178 11.14 25.28 27.22
C MET D 178 12.58 25.56 27.66
N GLU D 179 12.74 26.31 28.76
CA GLU D 179 14.07 26.61 29.31
C GLU D 179 14.77 25.31 29.76
N GLN D 180 14.00 24.40 30.35
CA GLN D 180 14.54 23.14 30.81
C GLN D 180 15.21 22.36 29.67
N TYR D 181 14.66 22.48 28.45
CA TYR D 181 15.21 21.78 27.31
C TYR D 181 16.09 22.67 26.42
N GLY D 182 16.49 23.83 26.95
CA GLY D 182 17.47 24.68 26.26
C GLY D 182 16.90 25.74 25.30
N LEU D 183 15.59 25.89 25.26
CA LEU D 183 15.00 27.01 24.52
C LEU D 183 15.11 28.30 25.30
N ILE D 184 15.13 29.42 24.58
CA ILE D 184 15.10 30.76 25.17
C ILE D 184 13.72 31.32 24.77
N PRO D 185 12.77 31.30 25.73
CA PRO D 185 11.36 31.54 25.41
C PRO D 185 11.04 32.81 24.61
N GLU D 186 11.64 33.90 24.97
CA GLU D 186 11.35 35.19 24.32
C GLU D 186 11.66 35.11 22.85
N GLU D 187 12.88 34.72 22.51
CA GLU D 187 13.33 34.61 21.11
C GLU D 187 12.59 33.49 20.38
N ASP D 188 12.42 32.36 21.06
CA ASP D 188 11.97 31.14 20.40
C ASP D 188 10.46 31.12 20.20
N ILE D 189 9.69 31.70 21.14
CA ILE D 189 8.26 31.87 20.96
C ILE D 189 8.01 32.78 19.73
N CYS D 190 8.77 33.84 19.67
CA CYS D 190 8.72 34.76 18.54
C CYS D 190 9.02 34.01 17.23
N PHE D 191 10.10 33.21 17.23
CA PHE D 191 10.50 32.43 16.06
C PHE D 191 9.38 31.48 15.62
N ILE D 192 8.80 30.77 16.57
CA ILE D 192 7.71 29.82 16.28
C ILE D 192 6.49 30.54 15.67
N LYS D 193 6.10 31.67 16.25
CA LYS D 193 4.97 32.42 15.72
C LYS D 193 5.25 32.93 14.32
N GLU D 194 6.47 33.40 14.11
CA GLU D 194 6.85 33.90 12.78
C GLU D 194 6.83 32.80 11.71
N GLN D 195 7.17 31.57 12.09
CA GLN D 195 7.09 30.45 11.16
C GLN D 195 5.67 30.20 10.75
N ILE D 196 4.74 30.42 11.68
CA ILE D 196 3.30 30.15 11.46
C ILE D 196 2.64 31.23 10.63
N VAL D 197 2.86 32.49 10.99
CA VAL D 197 2.10 33.59 10.39
C VAL D 197 2.95 34.55 9.53
N GLY D 198 4.28 34.41 9.61
CA GLY D 198 5.17 35.32 8.90
C GLY D 198 5.59 36.48 9.74
N PRO D 199 6.21 37.48 9.09
CA PRO D 199 6.72 38.65 9.84
C PRO D 199 5.65 39.24 10.76
N LEU D 200 5.98 39.44 12.04
CA LEU D 200 5.04 40.03 12.98
C LEU D 200 4.87 41.59 12.75
N GLU D 201 5.66 42.18 11.83
CA GLU D 201 5.44 43.48 11.14
C GLU D 201 5.46 43.23 9.59
N LEU D 208 16.53 45.34 5.31
CA LEU D 208 15.26 44.73 4.97
C LEU D 208 14.80 43.61 5.90
N TRP D 209 15.70 42.84 6.51
CA TRP D 209 15.32 41.56 7.12
C TRP D 209 14.22 41.68 8.19
N PRO D 210 13.03 41.14 7.89
CA PRO D 210 11.81 41.47 8.68
C PRO D 210 11.58 40.60 9.92
N TYR D 211 12.38 39.56 10.11
CA TYR D 211 12.13 38.62 11.21
C TYR D 211 13.02 38.88 12.41
N LYS D 212 12.48 38.64 13.59
CA LYS D 212 13.22 38.80 14.85
C LYS D 212 13.63 37.50 15.53
N GLY D 213 13.00 36.38 15.21
CA GLY D 213 13.24 35.13 15.94
C GLY D 213 14.60 34.52 15.65
N ARG D 214 15.04 34.67 14.40
CA ARG D 214 16.35 34.20 13.95
C ARG D 214 16.87 35.19 12.90
N PRO D 215 18.21 35.26 12.71
CA PRO D 215 18.82 36.13 11.72
C PRO D 215 18.91 35.56 10.29
N GLU D 216 19.42 36.40 9.39
CA GLU D 216 19.45 36.07 7.93
C GLU D 216 20.20 34.80 7.61
N ASN D 217 21.21 34.45 8.42
CA ASN D 217 21.96 33.24 8.19
C ASN D 217 21.18 31.98 8.52
N LYS D 218 20.00 32.12 9.14
CA LYS D 218 19.08 30.98 9.33
C LYS D 218 17.76 31.18 8.54
N SER D 219 17.81 32.01 7.52
CA SER D 219 16.66 32.29 6.67
C SER D 219 15.91 31.05 6.11
N PHE D 220 16.68 30.04 5.72
CA PHE D 220 16.15 28.79 5.21
C PHE D 220 15.16 28.11 6.18
N LEU D 221 15.34 28.35 7.47
CA LEU D 221 14.44 27.74 8.45
C LEU D 221 13.00 28.24 8.33
N TYR D 222 12.81 29.46 7.82
CA TYR D 222 11.49 29.97 7.57
C TYR D 222 10.78 29.39 6.34
N GLU D 223 11.49 28.56 5.57
CA GLU D 223 10.91 27.95 4.34
C GLU D 223 10.32 26.53 4.62
N ILE D 224 10.32 26.08 5.87
CA ILE D 224 10.00 24.71 6.14
C ILE D 224 8.52 24.45 6.49
N VAL D 225 7.99 25.20 7.44
CA VAL D 225 6.64 24.96 7.94
C VAL D 225 5.56 25.65 7.14
N SER D 226 5.72 26.90 6.81
CA SER D 226 4.82 27.61 5.93
C SER D 226 5.59 28.54 5.02
N ASN D 227 5.82 28.06 3.81
CA ASN D 227 6.72 28.69 2.87
C ASN D 227 5.96 29.71 2.02
N LYS D 228 6.15 30.98 2.39
CA LYS D 228 5.46 32.10 1.75
C LYS D 228 6.08 32.47 0.36
N ARG D 229 7.35 32.11 0.16
CA ARG D 229 8.04 32.35 -1.08
C ARG D 229 7.53 31.54 -2.26
N ASN D 230 7.33 30.21 -2.10
CA ASN D 230 6.91 29.37 -3.20
C ASN D 230 5.85 28.32 -2.87
N GLY D 231 5.52 28.17 -1.59
CA GLY D 231 4.50 27.16 -1.20
C GLY D 231 4.97 25.72 -1.04
N ILE D 232 6.26 25.46 -1.17
CA ILE D 232 6.79 24.11 -0.93
C ILE D 232 7.09 23.99 0.57
N ASP D 233 6.13 23.46 1.35
CA ASP D 233 6.33 23.24 2.74
C ASP D 233 5.84 21.85 3.22
N VAL D 234 6.18 21.53 4.46
CA VAL D 234 5.94 20.21 4.98
C VAL D 234 4.47 19.91 5.28
N ASP D 235 3.72 20.98 5.43
CA ASP D 235 2.28 20.89 5.69
C ASP D 235 1.60 20.23 4.50
N LYS D 236 1.89 20.70 3.27
CA LYS D 236 1.40 20.06 2.05
C LYS D 236 1.80 18.60 1.99
N TRP D 237 3.03 18.30 2.33
CA TRP D 237 3.50 16.93 2.20
C TRP D 237 2.71 15.98 3.10
N ASP D 238 2.40 16.40 4.32
CA ASP D 238 1.60 15.56 5.17
C ASP D 238 0.17 15.39 4.63
N TYR D 239 -0.49 16.50 4.26
CA TYR D 239 -1.88 16.36 3.82
C TYR D 239 -2.02 15.61 2.49
N PHE D 240 -1.04 15.71 1.57
CA PHE D 240 -1.08 14.90 0.38
C PHE D 240 -1.16 13.43 0.73
N ALA D 241 -0.25 12.97 1.58
CA ALA D 241 -0.20 11.57 1.93
C ALA D 241 -1.40 11.14 2.79
N ARG D 242 -1.75 11.98 3.78
CA ARG D 242 -2.79 11.62 4.71
C ARG D 242 -4.17 11.67 4.05
N ASP D 243 -4.47 12.77 3.36
CA ASP D 243 -5.77 12.88 2.69
C ASP D 243 -5.94 11.72 1.70
N CYS D 244 -4.89 11.42 0.91
CA CYS D 244 -4.98 10.34 -0.07
C CYS D 244 -5.28 8.99 0.57
N HIS D 245 -4.55 8.70 1.66
CA HIS D 245 -4.75 7.47 2.44
C HIS D 245 -6.22 7.28 2.88
N HIS D 246 -6.85 8.36 3.31
CA HIS D 246 -8.20 8.31 3.83
C HIS D 246 -9.29 8.48 2.75
N LEU D 247 -9.02 9.32 1.75
CA LEU D 247 -9.97 9.52 0.67
C LEU D 247 -10.10 8.29 -0.25
N GLY D 248 -9.02 7.49 -0.36
CA GLY D 248 -9.01 6.39 -1.29
C GLY D 248 -8.60 6.78 -2.70
N ILE D 249 -7.69 7.73 -2.78
CA ILE D 249 -7.13 8.27 -4.02
C ILE D 249 -5.57 8.20 -3.81
N GLN D 250 -4.83 7.88 -4.84
CA GLN D 250 -3.40 7.68 -4.63
C GLN D 250 -2.62 8.99 -4.97
N ASN D 251 -1.51 9.15 -4.23
CA ASN D 251 -0.66 10.31 -4.26
C ASN D 251 0.57 10.05 -5.17
N ASN D 252 0.82 10.93 -6.09
CA ASN D 252 1.99 10.77 -6.97
C ASN D 252 3.32 11.48 -6.50
N PHE D 253 3.26 12.23 -5.41
CA PHE D 253 4.40 13.03 -5.02
C PHE D 253 5.27 12.33 -3.95
N ASP D 254 6.60 12.29 -4.17
CA ASP D 254 7.51 11.63 -3.28
C ASP D 254 8.30 12.70 -2.48
N TYR D 255 7.90 12.96 -1.22
CA TYR D 255 8.49 13.98 -0.37
C TYR D 255 9.89 13.51 0.10
N LYS D 256 10.07 12.22 0.29
CA LYS D 256 11.33 11.69 0.70
C LYS D 256 12.41 11.91 -0.39
N ARG D 257 12.06 11.79 -1.66
CA ARG D 257 12.97 12.08 -2.72
C ARG D 257 13.37 13.56 -2.63
N PHE D 258 12.38 14.44 -2.45
CA PHE D 258 12.68 15.85 -2.44
C PHE D 258 13.71 16.13 -1.31
N ILE D 259 13.49 15.55 -0.12
CA ILE D 259 14.36 15.80 0.99
C ILE D 259 15.77 15.37 0.67
N LYS D 260 15.90 14.20 0.04
CA LYS D 260 17.23 13.70 -0.34
C LYS D 260 17.97 14.64 -1.28
N PHE D 261 17.25 15.34 -2.13
CA PHE D 261 17.89 16.21 -3.09
C PHE D 261 17.91 17.68 -2.65
N ALA D 262 17.42 17.97 -1.44
CA ALA D 262 17.37 19.37 -1.00
C ALA D 262 18.71 19.85 -0.44
N ARG D 263 19.02 21.11 -0.72
CA ARG D 263 20.24 21.75 -0.24
C ARG D 263 19.95 23.19 0.09
N VAL D 264 20.80 23.80 0.89
CA VAL D 264 20.72 25.24 1.15
C VAL D 264 21.82 25.96 0.42
N CYS D 265 21.47 26.97 -0.36
CA CYS D 265 22.44 27.79 -1.11
C CYS D 265 22.16 29.24 -0.91
N GLU D 266 23.17 30.08 -1.12
CA GLU D 266 22.99 31.53 -1.12
C GLU D 266 22.30 31.98 -2.38
N VAL D 267 21.16 32.66 -2.24
CA VAL D 267 20.44 33.33 -3.32
C VAL D 267 20.18 34.78 -2.91
N ASP D 268 20.71 35.73 -3.69
CA ASP D 268 20.59 37.16 -3.37
C ASP D 268 20.91 37.49 -1.91
N ASN D 269 22.14 37.16 -1.51
CA ASN D 269 22.62 37.31 -0.13
C ASN D 269 21.76 36.63 0.97
N GLU D 270 20.98 35.65 0.61
CA GLU D 270 20.11 34.97 1.57
C GLU D 270 20.23 33.49 1.40
N LEU D 271 20.26 32.74 2.51
CA LEU D 271 20.34 31.30 2.48
C LEU D 271 18.94 30.69 2.30
N ARG D 272 18.77 29.99 1.21
CA ARG D 272 17.47 29.39 0.86
C ARG D 272 17.59 27.91 0.55
N ILE D 273 16.51 27.18 0.76
CA ILE D 273 16.42 25.79 0.37
C ILE D 273 16.31 25.73 -1.14
N CYS D 274 17.19 24.95 -1.78
CA CYS D 274 17.19 24.75 -3.21
C CYS D 274 17.01 23.29 -3.55
N ALA D 275 16.36 23.07 -4.69
CA ALA D 275 16.15 21.72 -5.20
C ALA D 275 17.19 21.40 -6.27
N ARG D 276 17.46 20.14 -6.44
CA ARG D 276 18.37 19.76 -7.59
C ARG D 276 17.69 20.05 -8.87
N ASP D 277 18.41 20.54 -9.84
CA ASP D 277 17.87 21.05 -11.15
C ASP D 277 16.93 20.04 -11.80
N LYS D 278 17.39 18.83 -11.85
CA LYS D 278 16.62 17.82 -12.61
C LYS D 278 15.35 17.39 -11.89
N GLU D 279 15.18 17.76 -10.64
CA GLU D 279 13.92 17.54 -9.95
C GLU D 279 12.79 18.54 -10.32
N VAL D 280 13.06 19.48 -11.21
CA VAL D 280 12.06 20.48 -11.54
C VAL D 280 10.69 19.88 -12.00
N GLY D 281 10.74 18.82 -12.81
CA GLY D 281 9.53 18.12 -13.24
C GLY D 281 8.71 17.62 -12.05
N ASN D 282 9.37 17.07 -11.01
CA ASN D 282 8.75 16.62 -9.84
C ASN D 282 8.02 17.73 -9.07
N LEU D 283 8.64 18.91 -9.08
CA LEU D 283 8.03 20.09 -8.43
C LEU D 283 6.79 20.57 -9.14
N TYR D 284 6.84 20.62 -10.47
CA TYR D 284 5.63 20.90 -11.28
C TYR D 284 4.54 19.88 -10.90
N ASP D 285 4.95 18.60 -10.80
CA ASP D 285 4.01 17.55 -10.50
C ASP D 285 3.39 17.70 -9.09
N MET D 286 4.18 18.23 -8.16
CA MET D 286 3.69 18.44 -6.80
C MET D 286 2.47 19.37 -6.82
N PHE D 287 2.57 20.46 -7.56
CA PHE D 287 1.49 21.40 -7.68
C PHE D 287 0.33 20.83 -8.49
N HIS D 288 0.66 19.99 -9.48
CA HIS D 288 -0.39 19.30 -10.22
C HIS D 288 -1.20 18.38 -9.28
N THR D 289 -0.48 17.68 -8.41
CA THR D 289 -1.11 16.84 -7.39
C THR D 289 -2.07 17.64 -6.50
N ARG D 290 -1.59 18.79 -6.04
CA ARG D 290 -2.39 19.68 -5.21
C ARG D 290 -3.71 20.09 -5.96
N ASN D 291 -3.55 20.46 -7.22
CA ASN D 291 -4.70 20.86 -8.01
C ASN D 291 -5.69 19.73 -8.22
N SER D 292 -5.16 18.53 -8.44
CA SER D 292 -6.00 17.32 -8.59
C SER D 292 -6.76 16.98 -7.34
N LEU D 293 -6.12 17.15 -6.17
CA LEU D 293 -6.79 16.90 -4.90
C LEU D 293 -7.95 17.90 -4.71
N HIS D 294 -7.71 19.17 -5.06
CA HIS D 294 -8.76 20.15 -5.00
C HIS D 294 -9.96 19.80 -5.97
N ARG D 295 -9.66 19.44 -7.21
CA ARG D 295 -10.69 19.08 -8.16
CA ARG D 295 -10.65 19.05 -8.17
C ARG D 295 -11.46 17.84 -7.71
N ARG D 296 -10.76 16.78 -7.37
CA ARG D 296 -11.47 15.59 -7.09
C ARG D 296 -12.16 15.59 -5.74
N ALA D 297 -11.55 16.21 -4.74
CA ALA D 297 -12.01 16.05 -3.36
C ALA D 297 -12.38 17.37 -2.67
N TYR D 298 -11.43 18.28 -2.53
CA TYR D 298 -11.72 19.42 -1.66
C TYR D 298 -12.79 20.36 -2.22
N GLN D 299 -12.90 20.44 -3.55
CA GLN D 299 -13.93 21.23 -4.20
C GLN D 299 -15.01 20.35 -4.83
N HIS D 300 -15.18 19.15 -4.29
CA HIS D 300 -16.24 18.29 -4.80
C HIS D 300 -17.61 19.02 -4.64
N LYS D 301 -18.39 19.02 -5.68
CA LYS D 301 -19.60 19.82 -5.80
C LYS D 301 -20.61 19.58 -4.64
N VAL D 302 -20.74 18.34 -4.25
CA VAL D 302 -21.63 17.99 -3.16
C VAL D 302 -20.98 18.26 -1.77
N GLY D 303 -19.69 18.02 -1.63
CA GLY D 303 -19.00 18.41 -0.41
C GLY D 303 -19.14 19.89 -0.15
N ASN D 304 -19.05 20.69 -1.22
CA ASN D 304 -19.17 22.13 -1.09
C ASN D 304 -20.59 22.53 -0.67
N ILE D 305 -21.59 21.87 -1.24
CA ILE D 305 -22.95 22.23 -0.90
C ILE D 305 -23.29 21.82 0.57
N ILE D 306 -22.72 20.70 1.02
CA ILE D 306 -22.85 20.31 2.40
C ILE D 306 -22.18 21.35 3.35
N ASP D 307 -21.00 21.80 2.95
CA ASP D 307 -20.33 22.86 3.70
C ASP D 307 -21.21 24.14 3.72
N THR D 308 -21.83 24.43 2.57
CA THR D 308 -22.70 25.58 2.47
C THR D 308 -23.92 25.46 3.40
N MET D 309 -24.52 24.28 3.44
CA MET D 309 -25.68 24.04 4.28
C MET D 309 -25.31 24.11 5.75
N ILE D 310 -24.17 23.54 6.12
CA ILE D 310 -23.73 23.60 7.51
C ILE D 310 -23.50 25.05 7.93
N THR D 311 -22.88 25.82 7.04
CA THR D 311 -22.64 27.24 7.31
C THR D 311 -23.96 28.00 7.54
N ASP D 312 -24.97 27.72 6.72
CA ASP D 312 -26.29 28.29 6.88
C ASP D 312 -26.90 27.96 8.25
N ALA D 313 -26.75 26.68 8.62
CA ALA D 313 -27.23 26.25 9.92
C ALA D 313 -26.52 26.99 11.06
N PHE D 314 -25.21 27.14 10.94
CA PHE D 314 -24.45 27.89 11.97
C PHE D 314 -24.89 29.35 12.05
N LEU D 315 -25.15 29.96 10.91
CA LEU D 315 -25.63 31.36 10.87
C LEU D 315 -26.95 31.50 11.58
N LYS D 316 -27.82 30.53 11.38
CA LYS D 316 -29.12 30.55 12.02
C LYS D 316 -29.05 30.21 13.49
N ALA D 317 -28.03 29.46 13.89
CA ALA D 317 -27.85 29.12 15.29
C ALA D 317 -27.09 30.20 16.07
N ASP D 318 -26.48 31.15 15.37
CA ASP D 318 -25.46 31.99 15.97
C ASP D 318 -25.94 32.87 17.14
N ASP D 319 -27.19 33.32 17.07
CA ASP D 319 -27.74 34.13 18.15
C ASP D 319 -28.03 33.34 19.43
N TYR D 320 -28.06 32.01 19.35
CA TYR D 320 -28.59 31.20 20.44
C TYR D 320 -27.63 30.23 21.07
N ILE D 321 -26.58 29.81 20.38
CA ILE D 321 -25.54 28.97 20.99
C ILE D 321 -24.66 29.84 21.84
N GLU D 322 -24.43 29.48 23.11
CA GLU D 322 -23.58 30.30 23.95
C GLU D 322 -22.39 29.49 24.41
N ILE D 323 -21.17 30.05 24.31
CA ILE D 323 -19.97 29.37 24.68
C ILE D 323 -19.25 30.21 25.75
N THR D 324 -18.98 29.55 26.86
CA THR D 324 -18.40 30.22 28.02
C THR D 324 -16.87 30.37 27.86
N GLY D 325 -16.40 31.60 27.91
CA GLY D 325 -15.04 31.99 27.83
C GLY D 325 -14.42 32.47 29.13
N ALA D 326 -13.34 33.25 28.99
CA ALA D 326 -12.58 33.74 30.11
C ALA D 326 -13.43 34.64 31.01
N GLY D 327 -13.33 34.42 32.32
CA GLY D 327 -14.08 35.19 33.30
C GLY D 327 -15.57 34.87 33.30
N GLY D 328 -15.95 33.73 32.74
CA GLY D 328 -17.36 33.33 32.67
C GLY D 328 -18.18 34.07 31.63
N LYS D 329 -17.54 34.97 30.87
CA LYS D 329 -18.20 35.66 29.80
C LYS D 329 -18.76 34.73 28.72
N LYS D 330 -19.83 35.12 28.07
CA LYS D 330 -20.49 34.28 27.04
C LYS D 330 -20.15 34.77 25.65
N TYR D 331 -19.87 33.84 24.76
CA TYR D 331 -19.55 34.18 23.38
C TYR D 331 -20.46 33.39 22.45
N ARG D 332 -20.55 33.88 21.21
CA ARG D 332 -21.29 33.22 20.15
C ARG D 332 -20.33 32.41 19.26
N ILE D 333 -20.85 31.57 18.42
CA ILE D 333 -20.04 30.86 17.45
C ILE D 333 -19.19 31.86 16.68
N SER D 334 -19.78 32.96 16.27
CA SER D 334 -19.07 33.99 15.50
C SER D 334 -18.14 34.87 16.34
N THR D 335 -18.27 34.88 17.66
CA THR D 335 -17.37 35.69 18.50
C THR D 335 -16.39 34.91 19.35
N ALA D 336 -16.46 33.58 19.32
CA ALA D 336 -15.50 32.75 20.06
C ALA D 336 -14.06 33.04 19.61
N ILE D 337 -13.89 33.47 18.35
CA ILE D 337 -12.55 33.84 17.87
C ILE D 337 -11.92 35.01 18.64
N ASP D 338 -12.75 35.78 19.31
CA ASP D 338 -12.25 36.88 20.13
C ASP D 338 -11.68 36.44 21.51
N ASP D 339 -12.05 35.26 21.98
CA ASP D 339 -11.55 34.79 23.25
C ASP D 339 -11.08 33.36 23.15
N MET D 340 -9.78 33.12 23.37
CA MET D 340 -9.20 31.80 23.15
C MET D 340 -9.76 30.73 24.07
N GLU D 341 -10.08 31.09 25.30
CA GLU D 341 -10.70 30.13 26.23
C GLU D 341 -12.02 29.60 25.67
N ALA D 342 -12.82 30.49 25.08
CA ALA D 342 -14.05 30.13 24.40
C ALA D 342 -13.74 29.31 23.13
N TYR D 343 -12.78 29.80 22.34
CA TYR D 343 -12.46 29.15 21.07
C TYR D 343 -11.95 27.71 21.28
N THR D 344 -11.27 27.48 22.41
CA THR D 344 -10.82 26.14 22.76
C THR D 344 -11.96 25.14 22.76
N LYS D 345 -13.17 25.60 23.14
CA LYS D 345 -14.36 24.76 23.23
C LYS D 345 -15.23 24.83 21.97
N LEU D 346 -14.73 25.44 20.90
CA LEU D 346 -15.48 25.53 19.65
C LEU D 346 -14.95 24.53 18.60
N THR D 347 -15.67 23.42 18.44
CA THR D 347 -15.27 22.31 17.58
C THR D 347 -16.44 21.82 16.72
N ASP D 348 -16.25 20.70 16.03
CA ASP D 348 -17.30 20.04 15.25
C ASP D 348 -18.55 19.73 16.11
N ASN D 349 -18.36 19.65 17.41
CA ASN D 349 -19.46 19.34 18.29
C ASN D 349 -20.65 20.29 18.16
N ILE D 350 -20.38 21.51 17.75
CA ILE D 350 -21.44 22.50 17.52
C ILE D 350 -22.53 21.92 16.60
N PHE D 351 -22.09 21.20 15.58
CA PHE D 351 -23.00 20.54 14.64
C PHE D 351 -23.96 19.63 15.41
N LEU D 352 -23.45 18.81 16.32
CA LEU D 352 -24.30 17.90 17.05
C LEU D 352 -25.14 18.64 18.10
N GLU D 353 -24.59 19.69 18.71
CA GLU D 353 -25.36 20.47 19.65
C GLU D 353 -26.62 21.03 18.96
N ILE D 354 -26.45 21.55 17.75
CA ILE D 354 -27.57 22.05 16.99
C ILE D 354 -28.51 20.90 16.61
N LEU D 355 -27.95 19.84 16.06
CA LEU D 355 -28.77 18.70 15.60
C LEU D 355 -29.62 18.09 16.71
N TYR D 356 -29.07 18.02 17.91
CA TYR D 356 -29.77 17.41 19.05
C TYR D 356 -30.59 18.38 19.87
N SER D 357 -30.58 19.66 19.51
CA SER D 357 -31.25 20.70 20.30
C SER D 357 -32.76 20.55 20.33
N THR D 358 -33.39 21.08 21.39
CA THR D 358 -34.88 21.09 21.49
C THR D 358 -35.51 22.47 21.47
N ASP D 359 -34.69 23.48 21.71
CA ASP D 359 -35.14 24.86 21.74
C ASP D 359 -35.83 25.21 20.44
N PRO D 360 -37.08 25.75 20.51
CA PRO D 360 -37.70 26.30 19.30
C PRO D 360 -36.89 27.38 18.61
N LYS D 361 -36.08 28.13 19.33
CA LYS D 361 -35.20 29.16 18.76
C LYS D 361 -34.22 28.56 17.74
N LEU D 362 -33.82 27.31 17.97
CA LEU D 362 -32.88 26.60 17.10
C LEU D 362 -33.55 25.76 16.01
N LYS D 363 -34.87 25.86 15.89
CA LYS D 363 -35.62 25.10 14.89
C LYS D 363 -35.09 25.21 13.48
N ASP D 364 -34.85 26.44 13.01
CA ASP D 364 -34.42 26.66 11.63
C ASP D 364 -33.05 26.06 11.39
N ALA D 365 -32.14 26.23 12.34
CA ALA D 365 -30.79 25.70 12.23
C ALA D 365 -30.84 24.16 12.25
N ARG D 366 -31.57 23.63 13.22
CA ARG D 366 -31.75 22.19 13.39
C ARG D 366 -32.35 21.54 12.12
N GLU D 367 -33.37 22.18 11.54
CA GLU D 367 -34.01 21.63 10.37
C GLU D 367 -33.05 21.50 9.15
N ILE D 368 -32.13 22.44 9.01
CA ILE D 368 -31.19 22.37 7.92
C ILE D 368 -30.29 21.11 8.09
N LEU D 369 -29.80 20.88 9.31
CA LEU D 369 -28.97 19.74 9.57
C LEU D 369 -29.73 18.45 9.42
N LYS D 370 -30.99 18.45 9.82
CA LYS D 370 -31.84 17.28 9.58
C LYS D 370 -32.00 16.98 8.10
N GLN D 371 -32.14 18.02 7.27
CA GLN D 371 -32.22 17.81 5.82
C GLN D 371 -30.92 17.18 5.30
N ILE D 372 -29.78 17.59 5.83
CA ILE D 372 -28.52 16.94 5.46
C ILE D 372 -28.57 15.42 5.75
N GLU D 373 -29.07 15.06 6.93
CA GLU D 373 -29.18 13.66 7.30
C GLU D 373 -30.10 12.86 6.38
N TYR D 374 -31.19 13.48 5.92
CA TYR D 374 -32.08 12.84 4.98
C TYR D 374 -31.54 12.92 3.56
N ARG D 375 -30.44 13.64 3.39
CA ARG D 375 -29.80 13.82 2.12
C ARG D 375 -30.75 14.59 1.16
N ASN D 376 -31.52 15.49 1.72
CA ASN D 376 -32.22 16.49 0.97
C ASN D 376 -31.38 17.69 0.76
N LEU D 377 -30.42 17.53 -0.11
CA LEU D 377 -29.45 18.58 -0.37
C LEU D 377 -29.90 19.54 -1.46
N PHE D 378 -29.35 20.75 -1.46
CA PHE D 378 -29.59 21.64 -2.58
C PHE D 378 -29.12 20.94 -3.84
N LYS D 379 -29.82 21.16 -4.95
CA LYS D 379 -29.54 20.41 -6.16
C LYS D 379 -28.52 21.11 -7.03
N TYR D 380 -27.58 20.31 -7.52
CA TYR D 380 -26.55 20.78 -8.44
C TYR D 380 -27.23 21.06 -9.78
N VAL D 381 -27.06 22.26 -10.29
CA VAL D 381 -27.61 22.63 -11.57
C VAL D 381 -26.56 22.50 -12.67
N GLY D 382 -25.36 22.96 -12.41
CA GLY D 382 -24.26 22.81 -13.33
C GLY D 382 -23.07 23.69 -13.03
N GLU D 383 -22.12 23.67 -13.95
CA GLU D 383 -20.81 24.31 -13.80
C GLU D 383 -20.47 25.02 -15.09
N THR D 384 -19.84 26.19 -14.97
CA THR D 384 -19.38 26.91 -16.11
C THR D 384 -18.11 27.66 -15.72
N GLN D 385 -17.45 28.26 -16.72
CA GLN D 385 -16.25 29.06 -16.48
C GLN D 385 -16.32 30.33 -17.32
N PRO D 386 -15.68 31.40 -16.83
CA PRO D 386 -15.47 32.57 -17.66
C PRO D 386 -14.56 32.30 -18.87
N THR D 387 -14.77 33.09 -19.91
CA THR D 387 -13.88 33.15 -21.08
C THR D 387 -12.95 34.37 -21.05
N GLY D 388 -11.65 34.13 -21.34
CA GLY D 388 -10.68 35.18 -21.58
C GLY D 388 -10.23 36.13 -20.45
N GLN D 389 -10.29 37.42 -20.76
CA GLN D 389 -9.98 38.54 -19.86
C GLN D 389 -10.93 38.63 -18.63
N ILE D 390 -12.21 38.35 -18.86
CA ILE D 390 -13.25 38.34 -17.80
C ILE D 390 -12.77 37.49 -16.57
N LYS D 391 -12.90 38.06 -15.38
CA LYS D 391 -12.54 37.43 -14.11
C LYS D 391 -13.54 38.01 -13.09
N ILE D 392 -14.02 37.22 -12.15
CA ILE D 392 -15.13 37.66 -11.30
C ILE D 392 -14.64 38.04 -9.92
N LYS D 393 -14.88 39.30 -9.55
CA LYS D 393 -14.50 39.87 -8.30
C LYS D 393 -15.33 39.42 -7.15
N ARG D 394 -14.71 39.30 -5.97
CA ARG D 394 -15.41 38.84 -4.77
C ARG D 394 -16.65 39.67 -4.44
N GLU D 395 -16.59 40.99 -4.62
CA GLU D 395 -17.72 41.85 -4.31
C GLU D 395 -18.90 41.70 -5.25
N ASP D 396 -18.73 40.94 -6.33
CA ASP D 396 -19.86 40.62 -7.23
C ASP D 396 -20.59 39.29 -6.92
N TYR D 397 -20.07 38.49 -5.97
CA TYR D 397 -20.67 37.16 -5.71
C TYR D 397 -22.14 37.24 -5.34
N GLU D 398 -22.51 38.24 -4.53
CA GLU D 398 -23.87 38.46 -4.10
C GLU D 398 -24.85 38.79 -5.26
N SER D 399 -24.36 39.45 -6.31
CA SER D 399 -25.21 39.80 -7.43
C SER D 399 -25.53 38.61 -8.37
N LEU D 400 -24.80 37.51 -8.22
CA LEU D 400 -24.90 36.42 -9.17
C LEU D 400 -26.22 35.63 -9.12
N PRO D 401 -26.76 35.31 -7.92
CA PRO D 401 -28.07 34.61 -7.96
C PRO D 401 -29.16 35.43 -8.64
N LYS D 402 -29.16 36.74 -8.41
CA LYS D 402 -30.11 37.66 -9.07
C LYS D 402 -29.96 37.58 -10.58
N GLU D 403 -28.71 37.55 -11.05
CA GLU D 403 -28.44 37.45 -12.47
C GLU D 403 -29.03 36.19 -13.10
N VAL D 404 -28.86 35.06 -12.42
CA VAL D 404 -29.38 33.79 -12.94
C VAL D 404 -30.91 33.87 -13.03
N ALA D 405 -31.54 34.38 -11.97
CA ALA D 405 -33.00 34.51 -11.93
C ALA D 405 -33.53 35.51 -12.97
N SER D 406 -32.70 36.49 -13.33
CA SER D 406 -33.07 37.49 -14.34
C SER D 406 -33.00 36.98 -15.79
N ALA D 407 -32.27 35.90 -16.05
CA ALA D 407 -32.17 35.38 -17.41
C ALA D 407 -33.55 34.98 -17.96
N LYS D 408 -33.72 35.17 -19.27
CA LYS D 408 -35.03 35.03 -19.90
C LYS D 408 -34.99 33.91 -20.95
N PRO D 409 -35.05 32.65 -20.50
CA PRO D 409 -35.06 31.54 -21.41
C PRO D 409 -36.34 31.46 -22.17
N LYS D 410 -36.25 31.32 -23.49
CA LYS D 410 -37.44 31.24 -24.36
C LYS D 410 -38.04 29.80 -24.35
N VAL D 411 -38.64 29.43 -23.23
CA VAL D 411 -39.32 28.16 -23.06
C VAL D 411 -40.50 28.45 -22.15
N LEU D 412 -41.61 27.76 -22.36
CA LEU D 412 -42.76 27.96 -21.47
C LEU D 412 -42.47 27.21 -20.15
N LEU D 413 -42.60 27.93 -19.05
CA LEU D 413 -42.20 27.43 -17.74
C LEU D 413 -43.35 27.54 -16.79
N ASP D 414 -43.68 26.42 -16.14
CA ASP D 414 -44.82 26.34 -15.21
C ASP D 414 -44.53 26.97 -13.83
N VAL D 415 -43.33 26.71 -13.29
CA VAL D 415 -42.77 27.43 -12.11
C VAL D 415 -41.73 28.46 -12.60
N LYS D 416 -41.74 29.65 -12.01
CA LYS D 416 -40.60 30.57 -12.12
C LYS D 416 -39.94 30.72 -10.73
N LEU D 417 -38.64 30.94 -10.76
CA LEU D 417 -37.83 30.91 -9.55
C LEU D 417 -37.31 32.29 -9.28
N LYS D 418 -37.00 32.57 -8.00
CA LYS D 418 -36.43 33.84 -7.57
C LYS D 418 -34.95 33.71 -7.16
N ALA D 419 -34.30 34.86 -7.07
CA ALA D 419 -32.89 34.97 -6.67
C ALA D 419 -32.51 34.07 -5.48
N GLU D 420 -33.29 34.12 -4.44
CA GLU D 420 -33.02 33.33 -3.23
C GLU D 420 -33.13 31.82 -3.42
N ASP D 421 -33.71 31.36 -4.53
CA ASP D 421 -33.75 29.92 -4.83
C ASP D 421 -32.42 29.40 -5.41
N PHE D 422 -31.52 30.30 -5.77
CA PHE D 422 -30.25 29.92 -6.37
C PHE D 422 -29.06 30.14 -5.42
N ILE D 423 -28.08 29.27 -5.52
CA ILE D 423 -26.77 29.48 -4.94
C ILE D 423 -25.74 29.44 -6.07
N VAL D 424 -24.84 30.41 -6.05
CA VAL D 424 -23.75 30.47 -7.02
C VAL D 424 -22.46 30.46 -6.23
N ASP D 425 -21.65 29.43 -6.45
CA ASP D 425 -20.41 29.19 -5.69
C ASP D 425 -19.26 29.40 -6.68
N VAL D 426 -18.43 30.42 -6.45
CA VAL D 426 -17.32 30.74 -7.31
C VAL D 426 -16.02 30.23 -6.70
N ILE D 427 -15.28 29.45 -7.45
CA ILE D 427 -14.08 28.80 -6.90
C ILE D 427 -12.85 29.23 -7.65
N ASN D 428 -11.88 29.72 -6.89
CA ASN D 428 -10.60 30.13 -7.50
C ASN D 428 -9.63 28.96 -7.38
N MET D 429 -9.29 28.41 -8.52
CA MET D 429 -8.24 27.36 -8.58
C MET D 429 -6.95 28.00 -9.07
N ASP D 430 -5.90 27.90 -8.27
CA ASP D 430 -4.56 28.30 -8.71
C ASP D 430 -3.45 27.35 -8.17
N TYR D 431 -2.22 27.63 -8.57
CA TYR D 431 -1.03 26.97 -8.05
C TYR D 431 -0.41 27.58 -6.79
N GLY D 432 -1.22 28.25 -5.97
CA GLY D 432 -0.86 28.72 -4.67
C GLY D 432 -0.26 30.10 -4.60
N MET D 433 -0.08 30.72 -5.75
CA MET D 433 0.49 32.09 -5.84
C MET D 433 -0.29 32.92 -6.81
N GLN D 434 -1.62 32.78 -6.72
CA GLN D 434 -2.57 33.47 -7.64
C GLN D 434 -2.21 33.14 -9.09
N GLU D 435 -1.96 34.17 -9.89
CA GLU D 435 -1.67 33.99 -11.29
C GLU D 435 -0.23 33.51 -11.55
N LYS D 436 0.67 33.60 -10.59
CA LYS D 436 2.08 33.29 -10.81
C LYS D 436 2.42 31.80 -10.84
N ASN D 437 3.51 31.51 -11.52
CA ASN D 437 4.12 30.16 -11.54
C ASN D 437 5.08 30.05 -10.35
N PRO D 438 4.75 29.19 -9.35
CA PRO D 438 5.66 29.17 -8.19
C PRO D 438 7.06 28.65 -8.49
N ILE D 439 7.25 27.93 -9.60
CA ILE D 439 8.56 27.45 -9.97
C ILE D 439 9.48 28.61 -10.40
N ASP D 440 8.89 29.73 -10.83
CA ASP D 440 9.66 30.96 -11.02
C ASP D 440 10.24 31.50 -9.71
N HIS D 441 9.73 31.01 -8.58
CA HIS D 441 10.22 31.44 -7.27
C HIS D 441 10.97 30.33 -6.53
N VAL D 442 11.47 29.37 -7.29
CA VAL D 442 12.24 28.27 -6.73
C VAL D 442 13.69 28.35 -7.20
N SER D 443 14.62 28.04 -6.31
CA SER D 443 16.03 28.02 -6.68
C SER D 443 16.51 26.59 -6.79
N PHE D 444 17.35 26.33 -7.78
CA PHE D 444 17.89 25.00 -8.02
C PHE D 444 19.41 25.00 -7.96
N TYR D 445 19.99 23.80 -7.82
CA TYR D 445 21.44 23.62 -7.94
C TYR D 445 21.78 22.48 -8.92
N CYS D 446 22.96 22.52 -9.52
N CYS D 446 22.97 22.49 -9.50
CA CYS D 446 23.40 21.45 -10.38
CA CYS D 446 23.36 21.44 -10.40
C CYS D 446 24.48 20.58 -9.79
C CYS D 446 24.41 20.54 -9.76
N LYS D 447 24.55 19.36 -10.31
CA LYS D 447 25.41 18.31 -9.77
C LYS D 447 26.86 18.78 -9.77
N THR D 448 27.23 19.42 -10.87
CA THR D 448 28.62 19.91 -11.02
C THR D 448 28.99 21.10 -10.16
N ALA D 449 28.03 21.82 -9.58
CA ALA D 449 28.35 22.97 -8.70
C ALA D 449 27.26 23.12 -7.59
N PRO D 450 27.31 22.24 -6.58
CA PRO D 450 26.19 22.14 -5.63
C PRO D 450 25.97 23.37 -4.74
N ASN D 451 26.91 24.29 -4.72
CA ASN D 451 26.73 25.53 -3.95
C ASN D 451 26.29 26.71 -4.78
N ARG D 452 26.03 26.49 -6.06
CA ARG D 452 25.64 27.58 -6.96
C ARG D 452 24.16 27.53 -7.31
N ALA D 453 23.38 28.48 -6.79
CA ALA D 453 21.96 28.53 -7.02
C ALA D 453 21.67 29.03 -8.43
N ILE D 454 20.73 28.39 -9.11
CA ILE D 454 20.28 28.88 -10.41
C ILE D 454 18.77 28.93 -10.50
N ARG D 455 18.33 29.61 -11.56
CA ARG D 455 16.92 29.74 -11.94
C ARG D 455 16.67 28.92 -13.19
N ILE D 456 15.43 28.41 -13.29
CA ILE D 456 14.92 27.66 -14.44
C ILE D 456 13.59 28.31 -14.84
N THR D 457 13.43 28.62 -16.13
CA THR D 457 12.20 29.16 -16.66
C THR D 457 11.34 28.04 -17.25
N LYS D 458 10.09 28.37 -17.60
CA LYS D 458 9.10 27.36 -18.00
C LYS D 458 9.53 26.66 -19.33
N ASN D 459 10.01 27.45 -20.26
CA ASN D 459 10.39 26.89 -21.57
C ASN D 459 11.67 26.02 -21.47
N GLN D 460 12.45 26.17 -20.42
CA GLN D 460 13.55 25.26 -20.19
C GLN D 460 13.08 23.88 -19.73
N VAL D 461 11.80 23.74 -19.39
CA VAL D 461 11.30 22.48 -18.86
C VAL D 461 10.47 21.62 -19.82
N SER D 462 9.32 22.09 -20.29
CA SER D 462 8.45 21.27 -21.10
C SER D 462 7.45 22.18 -21.78
N GLN D 463 7.05 21.79 -22.98
CA GLN D 463 5.97 22.49 -23.71
C GLN D 463 4.58 22.00 -23.26
N LEU D 464 4.56 20.90 -22.50
CA LEU D 464 3.34 20.21 -22.06
C LEU D 464 2.79 20.73 -20.71
N LEU D 465 3.37 21.80 -20.20
CA LEU D 465 2.92 22.43 -18.98
C LEU D 465 1.82 23.52 -19.20
N PRO D 466 1.06 23.77 -18.13
CA PRO D 466 0.06 24.83 -18.13
C PRO D 466 0.54 26.20 -18.64
N GLU D 467 -0.24 26.87 -19.46
CA GLU D 467 0.10 28.23 -19.88
C GLU D 467 -0.33 29.30 -18.90
N LYS D 468 -1.36 28.96 -18.12
CA LYS D 468 -1.87 29.84 -17.07
C LYS D 468 -1.91 29.10 -15.76
N PHE D 469 -1.87 29.80 -14.64
CA PHE D 469 -1.79 29.13 -13.33
C PHE D 469 -2.93 29.48 -12.37
N ALA D 470 -3.98 30.11 -12.92
CA ALA D 470 -5.18 30.42 -12.17
C ALA D 470 -6.42 30.37 -13.07
N GLU D 471 -7.52 29.91 -12.51
CA GLU D 471 -8.80 29.88 -13.22
C GLU D 471 -9.95 29.91 -12.23
N GLN D 472 -11.15 30.16 -12.74
CA GLN D 472 -12.34 30.17 -11.92
C GLN D 472 -13.39 29.20 -12.38
N LEU D 473 -13.99 28.50 -11.40
CA LEU D 473 -15.12 27.62 -11.63
C LEU D 473 -16.33 28.25 -11.00
N ILE D 474 -17.46 28.19 -11.70
CA ILE D 474 -18.74 28.67 -11.20
C ILE D 474 -19.71 27.50 -11.11
N ARG D 475 -20.13 27.14 -9.91
CA ARG D 475 -21.16 26.13 -9.74
C ARG D 475 -22.47 26.79 -9.35
N VAL D 476 -23.56 26.28 -9.90
CA VAL D 476 -24.89 26.78 -9.58
C VAL D 476 -25.72 25.65 -8.99
N TYR D 477 -26.42 25.97 -7.89
CA TYR D 477 -27.33 25.04 -7.25
C TYR D 477 -28.69 25.67 -7.09
N CYS D 478 -29.69 24.85 -6.86
CA CYS D 478 -31.08 25.31 -6.66
C CYS D 478 -31.59 24.80 -5.32
N LYS D 479 -32.13 25.70 -4.50
CA LYS D 479 -32.70 25.32 -3.21
C LYS D 479 -34.08 24.62 -3.35
N LYS D 480 -34.74 24.77 -4.48
CA LYS D 480 -35.96 24.05 -4.71
C LYS D 480 -35.61 22.74 -5.40
N VAL D 481 -36.04 21.66 -4.77
CA VAL D 481 -35.57 20.30 -5.08
C VAL D 481 -36.52 19.50 -5.99
N ASP D 482 -37.71 20.03 -6.25
CA ASP D 482 -38.66 19.27 -7.06
C ASP D 482 -38.27 19.28 -8.55
N ARG D 483 -38.75 18.24 -9.24
CA ARG D 483 -38.45 17.99 -10.64
C ARG D 483 -38.71 19.19 -11.56
N LYS D 484 -39.87 19.82 -11.40
CA LYS D 484 -40.24 20.97 -12.21
C LYS D 484 -39.29 22.15 -11.96
N SER D 485 -38.99 22.38 -10.69
CA SER D 485 -38.07 23.48 -10.33
C SER D 485 -36.65 23.24 -10.86
N LEU D 486 -36.19 22.00 -10.79
CA LEU D 486 -34.85 21.67 -11.24
C LEU D 486 -34.74 21.85 -12.78
N TYR D 487 -35.79 21.43 -13.48
CA TYR D 487 -35.84 21.62 -14.93
C TYR D 487 -35.78 23.10 -15.29
N ALA D 488 -36.56 23.91 -14.58
CA ALA D 488 -36.56 25.36 -14.78
C ALA D 488 -35.19 25.95 -14.46
N ALA D 489 -34.59 25.51 -13.36
CA ALA D 489 -33.27 26.02 -12.95
C ALA D 489 -32.22 25.77 -14.03
N ARG D 490 -32.28 24.61 -14.66
CA ARG D 490 -31.36 24.29 -15.75
C ARG D 490 -31.53 25.24 -16.94
N GLN D 491 -32.77 25.62 -17.24
CA GLN D 491 -33.03 26.53 -18.35
C GLN D 491 -32.46 27.93 -18.05
N TYR D 492 -32.73 28.45 -16.85
CA TYR D 492 -32.19 29.75 -16.45
C TYR D 492 -30.67 29.71 -16.49
N PHE D 493 -30.10 28.63 -15.96
CA PHE D 493 -28.64 28.51 -15.87
C PHE D 493 -27.96 28.55 -17.23
N VAL D 494 -28.41 27.72 -18.15
CA VAL D 494 -27.79 27.64 -19.47
C VAL D 494 -28.00 28.96 -20.22
N GLN D 495 -29.19 29.57 -20.06
CA GLN D 495 -29.45 30.85 -20.67
C GLN D 495 -28.46 31.93 -20.13
N TRP D 496 -28.27 31.93 -18.82
CA TRP D 496 -27.33 32.83 -18.19
C TRP D 496 -25.90 32.64 -18.73
N CYS D 497 -25.47 31.39 -18.84
CA CYS D 497 -24.17 31.08 -19.43
C CYS D 497 -24.02 31.69 -20.82
N ALA D 498 -25.05 31.49 -21.66
CA ALA D 498 -25.05 32.02 -23.02
C ALA D 498 -25.00 33.53 -23.00
N ASP D 499 -25.85 34.15 -22.16
CA ASP D 499 -25.91 35.60 -22.04
C ASP D 499 -24.56 36.14 -21.60
N ARG D 500 -23.85 35.41 -20.69
CA ARG D 500 -22.57 35.93 -20.28
C ARG D 500 -21.39 35.45 -21.08
N ASN D 501 -21.62 34.66 -22.15
CA ASN D 501 -20.57 34.08 -22.91
C ASN D 501 -19.59 33.26 -22.00
N PHE D 502 -20.16 32.63 -20.99
CA PHE D 502 -19.43 31.63 -20.23
C PHE D 502 -19.33 30.34 -21.06
N THR D 503 -18.53 29.37 -20.60
CA THR D 503 -18.39 28.17 -21.39
C THR D 503 -19.69 27.35 -21.38
N LYS D 504 -19.89 26.58 -22.44
CA LYS D 504 -21.03 25.68 -22.53
C LYS D 504 -20.97 24.62 -21.45
N PRO D 505 -21.97 24.52 -20.60
CA PRO D 505 -21.96 23.37 -19.68
C PRO D 505 -21.86 22.02 -20.38
N GLN D 506 -21.10 21.12 -19.78
CA GLN D 506 -20.83 19.80 -20.37
C GLN D 506 -22.09 19.05 -20.79
N ASP D 507 -23.14 19.14 -20.00
CA ASP D 507 -24.39 18.44 -20.31
C ASP D 507 -25.44 19.37 -20.93
N GLY D 508 -25.00 20.52 -21.42
CA GLY D 508 -25.91 21.57 -21.89
C GLY D 508 -26.95 21.11 -22.91
N ASP D 509 -26.50 20.28 -23.87
CA ASP D 509 -27.40 19.80 -24.92
C ASP D 509 -28.47 18.84 -24.40
N VAL D 510 -28.19 18.18 -23.29
CA VAL D 510 -29.14 17.28 -22.68
C VAL D 510 -30.08 18.00 -21.74
N ILE D 511 -29.53 18.82 -20.83
CA ILE D 511 -30.37 19.49 -19.81
C ILE D 511 -31.16 20.69 -20.36
N ALA D 512 -30.72 21.28 -21.46
CA ALA D 512 -31.40 22.44 -22.04
C ALA D 512 -31.34 22.43 -23.58
N PRO D 513 -31.95 21.41 -24.18
CA PRO D 513 -31.89 21.23 -25.66
C PRO D 513 -32.50 22.38 -26.45
N LEU D 514 -33.43 23.14 -25.86
CA LEU D 514 -34.04 24.28 -26.52
C LEU D 514 -33.20 25.55 -26.42
N ILE D 515 -32.32 25.62 -25.45
CA ILE D 515 -31.47 26.81 -25.23
C ILE D 515 -30.15 26.76 -26.00
N THR D 516 -29.53 25.57 -26.06
CA THR D 516 -28.17 25.50 -26.59
C THR D 516 -28.03 25.86 -28.09
N PRO D 517 -29.05 25.59 -28.95
CA PRO D 517 -28.89 25.99 -30.34
C PRO D 517 -28.77 27.48 -30.61
N GLN D 518 -29.35 28.33 -29.77
CA GLN D 518 -29.22 29.78 -29.96
C GLN D 518 -27.78 30.28 -29.98
N LYS D 519 -26.86 29.66 -29.25
CA LYS D 519 -25.48 30.16 -29.19
C LYS D 519 -24.61 29.67 -30.36
N LYS D 520 -24.21 30.62 -31.20
CA LYS D 520 -23.33 30.36 -32.37
C LYS D 520 -22.02 29.64 -31.98
N GLU D 521 -21.35 30.21 -31.00
CA GLU D 521 -20.10 29.79 -30.39
C GLU D 521 -20.06 28.31 -29.93
N TRP D 522 -21.23 27.76 -29.62
CA TRP D 522 -21.36 26.40 -29.16
C TRP D 522 -21.72 25.35 -30.23
N ASN D 523 -22.00 25.79 -31.46
CA ASN D 523 -22.14 24.93 -32.63
C ASN D 523 -23.32 23.97 -32.47
#